data_2QT9
#
_entry.id   2QT9
#
_cell.length_a   117.697
_cell.length_b   126.072
_cell.length_c   136.970
_cell.angle_alpha   90.00
_cell.angle_beta   90.00
_cell.angle_gamma   90.00
#
_symmetry.space_group_name_H-M   'P 21 21 21'
#
loop_
_entity.id
_entity.type
_entity.pdbx_description
1 polymer 'Dipeptidyl peptidase 4'
2 branched 2-acetamido-2-deoxy-alpha-D-glucopyranose-(1-4)-2-acetamido-2-deoxy-beta-D-glucopyranose
3 branched 2-acetamido-2-deoxy-beta-D-glucopyranose-(1-4)-2-acetamido-2-deoxy-beta-D-glucopyranose
4 non-polymer 2-acetamido-2-deoxy-beta-D-glucopyranose
5 non-polymer 'SODIUM ION'
6 non-polymer '(2S,3S)-3-AMINO-4-[(3S)-3-FLUOROPYRROLIDIN-1-YL]-N,N-DIMETHYL-4-OXO-2-(TRANS-4-[1,2,4]TRIAZOLO[1,5-A]PYRIDIN-5-YLCYCLOH EXYL)BUTANAMIDE'
7 water water
#
_entity_poly.entity_id   1
_entity_poly.type   'polypeptide(L)'
_entity_poly.pdbx_seq_one_letter_code
;MKTPWKVLLGLLGAAALVTIITVPVVLLNKGTDDATADTRKTYTLTDYLKNTYRLKLYSLRWISDHEYLYKQENNILVFN
AEYGNSSVFLENSTFDEFGHSINDYSISPDGQFILLEYNYVKQWRHSYTASYDIYDLNKRQLITEERIPNNTQWVTWSPV
GHKLAYVWNNDIYVKIEPNLPSYRITWTGKEDIIYNGITDWVYEEEVFSAYSALWWSPNGTFLAYAQFNDTEVPLIEYSF
YSDESLQYPKTVRVPYPKAGAVNPTVKFFVVNTDSLSSVTNATSIQITAPASMLIGDHYLCDVTWATQERISLQWLRRIQ
NYSVMDICDYDESSGRWNCLVARQHIEMSTTGWVGRFRPSEPHFTLDGNSFYKIISNEEGYRHICYFQIDKKDCTFITKG
TWEVIGIEALTSDYLYYISNEYKGMPGGRNLYKIQLSDYTKVTCLSCELNPERCQYYSVSFSKEAKYYQLRCSGPGLPLY
TLHSSVNDKGLRVLEDNSALDKMLQNVQMPSKKLDFIILNETKFWYQMILPPHFDKSKKYPLLLDVYAGPCSQKADTVFR
LNWATYLASTENIIVASFDGRGSGYQGDKIMHAINRRLGTFEVEDQIEAARQFSKMGFVDNKRIAIWGWSYGGYVTSMVL
GSGSGVFKCGIAVAPVSRWEYYDSVYTERYMGLPTPEDNLDHYRNSTVMSRAENFKQVEYLLIHGTADDNVHFQQSAQIS
KALVDVGVDFQAMWYTDEDHGIASSTAHQHIYTHMSHFIKQCFSLP
;
_entity_poly.pdbx_strand_id   A,B
#
loop_
_chem_comp.id
_chem_comp.type
_chem_comp.name
_chem_comp.formula
524 non-polymer '(2S,3S)-3-AMINO-4-[(3S)-3-FLUOROPYRROLIDIN-1-YL]-N,N-DIMETHYL-4-OXO-2-(TRANS-4-[1,2,4]TRIAZOLO[1,5-A]PYRIDIN-5-YLCYCLOH EXYL)BUTANAMIDE' 'C22 H31 F N6 O2'
NA non-polymer 'SODIUM ION' 'Na 1'
NAG D-saccharide, beta linking 2-acetamido-2-deoxy-beta-D-glucopyranose 'C8 H15 N O6'
NDG D-saccharide, alpha linking 2-acetamido-2-deoxy-alpha-D-glucopyranose 'C8 H15 N O6'
#
# COMPACT_ATOMS: atom_id res chain seq x y z
N THR A 39 12.77 -36.69 -25.74
CA THR A 39 14.20 -36.28 -25.68
C THR A 39 14.38 -34.78 -25.92
N ARG A 40 13.66 -34.25 -26.92
CA ARG A 40 13.76 -32.83 -27.24
C ARG A 40 13.32 -31.97 -26.05
N LYS A 41 13.68 -30.69 -26.10
CA LYS A 41 13.34 -29.78 -25.02
C LYS A 41 11.85 -29.50 -24.91
N THR A 42 11.44 -28.98 -23.76
CA THR A 42 10.05 -28.62 -23.54
C THR A 42 9.99 -27.11 -23.56
N TYR A 43 8.79 -26.55 -23.55
CA TYR A 43 8.61 -25.11 -23.56
C TYR A 43 8.71 -24.73 -22.09
N THR A 44 9.80 -24.03 -21.76
CA THR A 44 10.10 -23.67 -20.38
C THR A 44 9.59 -22.33 -19.88
N LEU A 45 9.73 -22.09 -18.58
CA LEU A 45 9.29 -20.82 -18.00
C LEU A 45 10.15 -19.73 -18.60
N THR A 46 11.44 -20.00 -18.77
CA THR A 46 12.33 -18.99 -19.35
C THR A 46 11.93 -18.71 -20.81
N ASP A 47 11.56 -19.74 -21.56
CA ASP A 47 11.14 -19.52 -22.93
C ASP A 47 9.97 -18.51 -22.94
N TYR A 48 9.00 -18.71 -22.05
CA TYR A 48 7.85 -17.80 -21.98
C TYR A 48 8.29 -16.40 -21.56
N LEU A 49 9.08 -16.30 -20.49
CA LEU A 49 9.53 -15.00 -19.98
C LEU A 49 10.53 -14.24 -20.87
N LYS A 50 11.37 -14.97 -21.62
CA LYS A 50 12.35 -14.34 -22.49
C LYS A 50 11.88 -14.28 -23.95
N ASN A 51 10.66 -14.70 -24.22
CA ASN A 51 10.12 -14.68 -25.59
C ASN A 51 11.03 -15.36 -26.61
N THR A 52 11.51 -16.56 -26.28
CA THR A 52 12.38 -17.30 -27.17
C THR A 52 11.68 -17.65 -28.46
N TYR A 53 10.41 -18.02 -28.35
CA TYR A 53 9.61 -18.40 -29.51
C TYR A 53 8.60 -17.29 -29.79
N ARG A 54 8.85 -16.54 -30.87
CA ARG A 54 8.01 -15.41 -31.19
C ARG A 54 7.13 -15.59 -32.41
N LEU A 55 5.89 -15.14 -32.30
CA LEU A 55 4.94 -15.23 -33.40
C LEU A 55 5.23 -14.02 -34.30
N LYS A 56 5.27 -14.22 -35.61
CA LYS A 56 5.51 -13.10 -36.52
C LYS A 56 4.14 -12.57 -36.87
N LEU A 57 4.06 -11.25 -37.04
CA LEU A 57 2.82 -10.57 -37.39
C LEU A 57 3.02 -9.91 -38.76
N TYR A 58 1.99 -9.22 -39.23
CA TYR A 58 2.04 -8.48 -40.49
C TYR A 58 1.03 -7.36 -40.29
N SER A 59 1.46 -6.32 -39.59
CA SER A 59 0.61 -5.17 -39.31
C SER A 59 0.77 -4.18 -40.45
N LEU A 60 -0.27 -4.01 -41.23
CA LEU A 60 -0.21 -3.08 -42.34
C LEU A 60 -1.19 -1.93 -42.11
N ARG A 61 -1.00 -0.85 -42.85
CA ARG A 61 -1.88 0.31 -42.71
C ARG A 61 -2.39 0.67 -44.09
N TRP A 62 -3.68 0.48 -44.34
CA TRP A 62 -4.28 0.83 -45.62
C TRP A 62 -4.29 2.36 -45.76
N ILE A 63 -3.82 2.88 -46.89
CA ILE A 63 -3.83 4.34 -47.09
C ILE A 63 -4.77 4.72 -48.23
N SER A 64 -5.32 3.71 -48.90
CA SER A 64 -6.24 3.94 -49.99
C SER A 64 -6.95 2.63 -50.23
N ASP A 65 -7.64 2.53 -51.35
CA ASP A 65 -8.33 1.32 -51.69
C ASP A 65 -7.40 0.36 -52.44
N HIS A 66 -6.17 0.79 -52.72
CA HIS A 66 -5.20 -0.02 -53.49
C HIS A 66 -3.84 -0.25 -52.84
N GLU A 67 -3.46 0.57 -51.86
CA GLU A 67 -2.14 0.44 -51.23
C GLU A 67 -2.17 0.47 -49.72
N TYR A 68 -1.13 -0.11 -49.13
CA TYR A 68 -0.98 -0.12 -47.69
C TYR A 68 0.49 0.11 -47.33
N LEU A 69 0.69 0.57 -46.09
CA LEU A 69 2.02 0.83 -45.54
C LEU A 69 2.38 -0.36 -44.65
N TYR A 70 3.65 -0.73 -44.65
CA TYR A 70 4.14 -1.83 -43.86
C TYR A 70 5.54 -1.48 -43.39
N LYS A 71 5.84 -1.64 -42.11
CA LYS A 71 7.18 -1.31 -41.62
C LYS A 71 8.11 -2.53 -41.67
N GLN A 72 9.24 -2.39 -42.38
CA GLN A 72 10.20 -3.47 -42.52
C GLN A 72 11.64 -2.96 -42.40
N GLU A 73 12.45 -3.58 -41.55
CA GLU A 73 13.85 -3.14 -41.37
C GLU A 73 13.84 -1.70 -40.86
N ASN A 74 12.80 -1.36 -40.09
CA ASN A 74 12.63 -0.03 -39.53
C ASN A 74 12.33 0.98 -40.65
N ASN A 75 12.18 0.45 -41.86
CA ASN A 75 11.86 1.28 -43.02
C ASN A 75 10.35 1.16 -43.29
N ILE A 76 9.75 2.20 -43.83
CA ILE A 76 8.33 2.17 -44.13
C ILE A 76 8.19 1.98 -45.62
N LEU A 77 7.57 0.88 -46.02
CA LEU A 77 7.38 0.56 -47.43
C LEU A 77 5.91 0.73 -47.83
N VAL A 78 5.67 0.98 -49.10
CA VAL A 78 4.30 1.09 -49.57
C VAL A 78 4.10 -0.07 -50.53
N PHE A 79 3.00 -0.79 -50.37
CA PHE A 79 2.71 -1.94 -51.20
C PHE A 79 1.47 -1.72 -52.04
N ASN A 80 1.49 -2.31 -53.22
CA ASN A 80 0.38 -2.29 -54.14
C ASN A 80 -0.29 -3.65 -53.86
N ALA A 81 -1.56 -3.63 -53.45
CA ALA A 81 -2.29 -4.86 -53.12
C ALA A 81 -2.45 -5.81 -54.29
N GLU A 82 -2.76 -5.24 -55.45
CA GLU A 82 -2.97 -6.03 -56.65
C GLU A 82 -1.83 -7.00 -57.03
N TYR A 83 -0.62 -6.49 -57.09
CA TYR A 83 0.54 -7.27 -57.52
C TYR A 83 1.56 -7.61 -56.44
N GLY A 84 1.46 -6.96 -55.30
CA GLY A 84 2.39 -7.23 -54.23
C GLY A 84 3.71 -6.51 -54.36
N ASN A 85 3.88 -5.69 -55.40
CA ASN A 85 5.12 -4.94 -55.57
C ASN A 85 5.14 -3.75 -54.63
N SER A 86 6.34 -3.31 -54.25
CA SER A 86 6.43 -2.18 -53.33
C SER A 86 7.57 -1.23 -53.65
N SER A 87 7.57 -0.11 -52.92
CA SER A 87 8.60 0.91 -53.04
C SER A 87 8.86 1.36 -51.62
N VAL A 88 10.02 1.95 -51.38
CA VAL A 88 10.37 2.45 -50.05
C VAL A 88 9.63 3.77 -49.92
N PHE A 89 9.01 3.98 -48.76
CA PHE A 89 8.27 5.22 -48.56
C PHE A 89 9.02 6.15 -47.63
N LEU A 90 9.73 5.57 -46.67
CA LEU A 90 10.51 6.36 -45.72
C LEU A 90 11.73 5.58 -45.23
N GLU A 91 12.90 6.14 -45.50
CA GLU A 91 14.17 5.53 -45.11
C GLU A 91 14.32 5.51 -43.60
N ASN A 92 14.81 4.38 -43.09
CA ASN A 92 15.02 4.19 -41.66
C ASN A 92 16.12 5.12 -41.15
N SER A 93 16.97 5.60 -42.06
CA SER A 93 18.07 6.47 -41.70
C SER A 93 17.68 7.94 -41.80
N THR A 94 16.58 8.21 -42.50
CA THR A 94 16.09 9.58 -42.68
C THR A 94 16.19 10.42 -41.40
N PHE A 95 16.01 9.78 -40.25
CA PHE A 95 16.08 10.51 -38.98
C PHE A 95 17.23 10.10 -38.07
N ASP A 96 18.35 9.68 -38.65
CA ASP A 96 19.50 9.26 -37.86
C ASP A 96 20.02 10.34 -36.90
N GLU A 97 19.79 11.60 -37.23
CA GLU A 97 20.25 12.68 -36.36
C GLU A 97 19.08 13.46 -35.80
N PHE A 98 17.94 12.79 -35.69
CA PHE A 98 16.75 13.43 -35.18
C PHE A 98 16.97 13.86 -33.72
N GLY A 99 17.81 13.11 -33.02
CA GLY A 99 18.12 13.43 -31.64
C GLY A 99 17.19 12.84 -30.61
N HIS A 100 16.10 12.26 -31.07
CA HIS A 100 15.12 11.65 -30.16
C HIS A 100 14.76 10.26 -30.63
N SER A 101 14.46 9.38 -29.69
CA SER A 101 14.06 8.04 -30.06
C SER A 101 12.59 8.17 -30.49
N ILE A 102 12.28 7.74 -31.70
CA ILE A 102 10.92 7.85 -32.22
C ILE A 102 10.06 6.66 -31.77
N ASN A 103 8.99 6.98 -31.05
CA ASN A 103 8.07 5.97 -30.53
C ASN A 103 7.14 5.42 -31.61
N ASP A 104 6.61 6.32 -32.43
CA ASP A 104 5.69 5.89 -33.47
C ASP A 104 5.61 6.98 -34.53
N TYR A 105 4.93 6.69 -35.63
CA TYR A 105 4.79 7.63 -36.72
C TYR A 105 3.37 7.57 -37.22
N SER A 106 2.93 8.64 -37.87
CA SER A 106 1.60 8.70 -38.42
C SER A 106 1.66 9.59 -39.67
N ILE A 107 1.46 8.99 -40.83
CA ILE A 107 1.50 9.73 -42.09
C ILE A 107 0.14 10.34 -42.40
N SER A 108 0.14 11.58 -42.86
CA SER A 108 -1.11 12.26 -43.17
C SER A 108 -1.78 11.48 -44.29
N PRO A 109 -3.11 11.55 -44.36
CA PRO A 109 -3.88 10.84 -45.39
C PRO A 109 -3.39 11.13 -46.81
N ASP A 110 -2.99 12.37 -47.09
CA ASP A 110 -2.52 12.69 -48.43
C ASP A 110 -1.07 12.31 -48.70
N GLY A 111 -0.43 11.68 -47.71
CA GLY A 111 0.94 11.24 -47.87
C GLY A 111 2.01 12.33 -47.87
N GLN A 112 1.59 13.58 -47.72
CA GLN A 112 2.51 14.72 -47.75
C GLN A 112 3.32 14.95 -46.48
N PHE A 113 2.78 14.52 -45.35
CA PHE A 113 3.45 14.74 -44.08
C PHE A 113 3.50 13.52 -43.15
N ILE A 114 4.48 13.50 -42.26
CA ILE A 114 4.55 12.43 -41.31
C ILE A 114 4.77 13.02 -39.93
N LEU A 115 3.95 12.58 -38.99
CA LEU A 115 4.01 13.04 -37.61
C LEU A 115 4.95 12.09 -36.87
N LEU A 116 5.91 12.65 -36.15
CA LEU A 116 6.87 11.85 -35.41
C LEU A 116 6.58 11.94 -33.92
N GLU A 117 6.26 10.81 -33.32
CA GLU A 117 5.94 10.74 -31.90
C GLU A 117 7.14 10.28 -31.08
N TYR A 118 7.47 11.08 -30.06
CA TYR A 118 8.60 10.76 -29.17
C TYR A 118 8.32 11.29 -27.77
N ASN A 119 9.21 10.98 -26.84
CA ASN A 119 9.04 11.37 -25.43
C ASN A 119 7.69 10.82 -24.93
N TYR A 120 7.39 9.59 -25.33
CA TYR A 120 6.17 8.92 -24.93
C TYR A 120 6.13 8.64 -23.42
N VAL A 121 5.03 9.01 -22.78
CA VAL A 121 4.88 8.76 -21.35
C VAL A 121 3.48 8.17 -21.14
N LYS A 122 3.42 6.89 -20.79
CA LYS A 122 2.14 6.24 -20.59
C LYS A 122 1.29 6.77 -19.44
N GLN A 123 -0.02 6.81 -19.65
CA GLN A 123 -0.88 7.19 -18.55
C GLN A 123 -1.73 5.95 -18.22
N TRP A 124 -3.01 5.92 -18.60
CA TRP A 124 -3.84 4.76 -18.28
C TRP A 124 -3.77 3.66 -19.36
N ARG A 125 -4.86 2.93 -19.59
CA ARG A 125 -4.83 1.88 -20.59
C ARG A 125 -4.61 2.38 -22.02
N HIS A 126 -5.23 3.50 -22.38
CA HIS A 126 -5.06 4.05 -23.73
C HIS A 126 -4.33 5.42 -23.73
N SER A 127 -4.51 6.19 -22.67
CA SER A 127 -3.91 7.53 -22.58
C SER A 127 -2.41 7.57 -22.35
N TYR A 128 -1.83 8.67 -22.82
CA TYR A 128 -0.41 8.97 -22.71
C TYR A 128 -0.14 10.35 -23.30
N THR A 129 0.98 10.94 -22.94
CA THR A 129 1.36 12.23 -23.50
C THR A 129 2.65 12.01 -24.25
N ALA A 130 2.93 12.90 -25.20
CA ALA A 130 4.15 12.80 -25.97
C ALA A 130 4.47 14.11 -26.68
N SER A 131 5.67 14.15 -27.27
CA SER A 131 6.11 15.30 -28.03
C SER A 131 5.97 14.89 -29.47
N TYR A 132 5.75 15.86 -30.35
CA TYR A 132 5.57 15.59 -31.77
C TYR A 132 6.32 16.58 -32.66
N ASP A 133 6.71 16.09 -33.84
CA ASP A 133 7.39 16.90 -34.83
C ASP A 133 6.74 16.47 -36.13
N ILE A 134 6.73 17.37 -37.11
CA ILE A 134 6.13 17.05 -38.39
C ILE A 134 7.22 17.19 -39.42
N TYR A 135 7.34 16.18 -40.27
CA TYR A 135 8.32 16.17 -41.32
C TYR A 135 7.60 16.30 -42.65
N ASP A 136 8.02 17.26 -43.47
CA ASP A 136 7.44 17.49 -44.79
C ASP A 136 8.09 16.49 -45.74
N LEU A 137 7.30 15.62 -46.35
CA LEU A 137 7.85 14.62 -47.25
C LEU A 137 8.14 15.15 -48.64
N ASN A 138 7.54 16.28 -49.00
CA ASN A 138 7.75 16.83 -50.32
C ASN A 138 9.06 17.57 -50.39
N LYS A 139 9.29 18.44 -49.42
CA LYS A 139 10.52 19.21 -49.35
C LYS A 139 11.55 18.52 -48.46
N ARG A 140 11.27 17.26 -48.11
CA ARG A 140 12.19 16.48 -47.27
C ARG A 140 12.79 17.34 -46.15
N GLN A 141 11.93 18.02 -45.40
CA GLN A 141 12.40 18.90 -44.33
C GLN A 141 11.53 18.83 -43.06
N LEU A 142 12.18 18.99 -41.91
CA LEU A 142 11.48 18.97 -40.64
C LEU A 142 10.88 20.38 -40.45
N ILE A 143 9.67 20.44 -39.92
CA ILE A 143 9.00 21.73 -39.70
C ILE A 143 9.40 22.29 -38.33
N THR A 144 9.88 23.53 -38.32
CA THR A 144 10.33 24.17 -37.09
C THR A 144 9.47 25.32 -36.61
N GLU A 145 8.53 25.75 -37.43
CA GLU A 145 7.65 26.84 -37.07
C GLU A 145 6.30 26.34 -36.55
N GLU A 146 5.81 26.98 -35.48
CA GLU A 146 4.51 26.61 -34.93
C GLU A 146 4.38 25.11 -34.65
N ARG A 147 5.37 24.51 -33.99
CA ARG A 147 5.30 23.08 -33.72
C ARG A 147 4.37 22.71 -32.58
N ILE A 148 3.86 21.49 -32.64
CA ILE A 148 2.97 20.96 -31.62
C ILE A 148 3.68 21.06 -30.28
N PRO A 149 2.97 21.55 -29.23
CA PRO A 149 3.55 21.70 -27.90
C PRO A 149 4.03 20.37 -27.32
N ASN A 150 4.84 20.44 -26.26
CA ASN A 150 5.33 19.24 -25.58
C ASN A 150 4.22 18.83 -24.63
N ASN A 151 4.19 17.57 -24.22
CA ASN A 151 3.15 17.13 -23.31
C ASN A 151 1.76 17.20 -23.97
N THR A 152 1.72 16.96 -25.27
CA THR A 152 0.46 16.94 -25.99
C THR A 152 -0.26 15.65 -25.60
N GLN A 153 -1.55 15.74 -25.33
CA GLN A 153 -2.34 14.59 -24.87
C GLN A 153 -2.93 13.72 -25.96
N TRP A 154 -3.16 14.30 -27.13
CA TRP A 154 -3.71 13.55 -28.23
C TRP A 154 -3.59 14.38 -29.49
N VAL A 155 -3.28 13.72 -30.60
CA VAL A 155 -3.18 14.42 -31.87
C VAL A 155 -3.75 13.49 -32.92
N THR A 156 -4.31 14.08 -33.99
CA THR A 156 -4.87 13.29 -35.08
C THR A 156 -5.04 14.10 -36.35
N TRP A 157 -4.65 13.49 -37.47
CA TRP A 157 -4.80 14.12 -38.77
C TRP A 157 -6.29 14.11 -39.10
N SER A 158 -6.72 14.97 -40.02
CA SER A 158 -8.11 15.00 -40.45
C SER A 158 -8.17 13.70 -41.27
N PRO A 159 -9.37 13.22 -41.62
CA PRO A 159 -9.49 11.98 -42.39
C PRO A 159 -8.99 12.09 -43.84
N VAL A 160 -9.05 13.30 -44.37
CA VAL A 160 -8.60 13.58 -45.72
C VAL A 160 -7.65 14.77 -45.65
N GLY A 161 -6.67 14.80 -46.55
CA GLY A 161 -5.73 15.92 -46.56
C GLY A 161 -4.69 15.91 -45.46
N HIS A 162 -4.46 17.07 -44.85
CA HIS A 162 -3.46 17.17 -43.80
C HIS A 162 -3.67 18.15 -42.66
N LYS A 163 -4.93 18.39 -42.28
CA LYS A 163 -5.18 19.27 -41.14
C LYS A 163 -4.83 18.45 -39.89
N LEU A 164 -4.63 19.15 -38.78
CA LEU A 164 -4.30 18.50 -37.51
C LEU A 164 -5.19 19.02 -36.39
N ALA A 165 -5.52 18.15 -35.45
CA ALA A 165 -6.31 18.54 -34.28
C ALA A 165 -5.58 17.85 -33.14
N TYR A 166 -5.28 18.60 -32.09
CA TYR A 166 -4.59 18.03 -30.94
C TYR A 166 -5.13 18.64 -29.67
N VAL A 167 -4.87 17.97 -28.55
CA VAL A 167 -5.31 18.42 -27.25
C VAL A 167 -4.07 18.66 -26.40
N TRP A 168 -4.05 19.78 -25.70
CA TRP A 168 -2.93 20.14 -24.87
C TRP A 168 -3.50 20.87 -23.67
N ASN A 169 -3.09 20.50 -22.48
CA ASN A 169 -3.61 21.11 -21.25
C ASN A 169 -5.12 21.07 -21.24
N ASN A 170 -5.68 19.98 -21.77
CA ASN A 170 -7.12 19.77 -21.81
C ASN A 170 -7.93 20.67 -22.76
N ASP A 171 -7.26 21.37 -23.65
CA ASP A 171 -7.96 22.22 -24.61
C ASP A 171 -7.66 21.78 -26.03
N ILE A 172 -8.61 22.00 -26.93
CA ILE A 172 -8.47 21.61 -28.33
C ILE A 172 -7.85 22.69 -29.23
N TYR A 173 -6.96 22.28 -30.12
CA TYR A 173 -6.30 23.17 -31.08
C TYR A 173 -6.39 22.55 -32.47
N VAL A 174 -6.52 23.40 -33.50
CA VAL A 174 -6.59 22.95 -34.89
C VAL A 174 -5.54 23.67 -35.75
N LYS A 175 -4.85 22.91 -36.60
CA LYS A 175 -3.85 23.46 -37.52
C LYS A 175 -4.23 23.11 -38.95
N ILE A 176 -4.57 24.12 -39.74
CA ILE A 176 -4.95 23.93 -41.13
C ILE A 176 -3.76 23.44 -41.93
N GLU A 177 -2.58 23.93 -41.58
CA GLU A 177 -1.34 23.53 -42.24
C GLU A 177 -0.32 23.27 -41.15
N PRO A 178 0.52 22.24 -41.35
CA PRO A 178 1.56 21.86 -40.38
C PRO A 178 2.50 22.97 -39.92
N ASN A 179 2.74 23.96 -40.78
CA ASN A 179 3.65 25.05 -40.42
C ASN A 179 2.95 26.32 -39.96
N LEU A 180 1.62 26.39 -40.09
CA LEU A 180 0.88 27.57 -39.67
C LEU A 180 0.47 27.53 -38.21
N PRO A 181 0.30 28.70 -37.58
CA PRO A 181 -0.11 28.75 -36.18
C PRO A 181 -1.46 28.09 -36.00
N SER A 182 -1.69 27.52 -34.83
CA SER A 182 -2.95 26.83 -34.58
C SER A 182 -4.05 27.70 -33.99
N TYR A 183 -5.29 27.32 -34.25
CA TYR A 183 -6.42 28.03 -33.71
C TYR A 183 -6.83 27.36 -32.40
N ARG A 184 -7.08 28.16 -31.38
CA ARG A 184 -7.52 27.63 -30.08
C ARG A 184 -9.01 27.41 -30.23
N ILE A 185 -9.48 26.20 -29.95
CA ILE A 185 -10.89 25.92 -30.08
C ILE A 185 -11.64 26.04 -28.75
N THR A 186 -10.98 25.63 -27.66
CA THR A 186 -11.59 25.68 -26.33
C THR A 186 -10.62 26.33 -25.35
N TRP A 187 -11.18 26.98 -24.33
CA TRP A 187 -10.39 27.68 -23.32
C TRP A 187 -10.77 27.28 -21.89
N THR A 188 -11.65 26.30 -21.74
CA THR A 188 -12.10 25.87 -20.43
C THR A 188 -11.28 24.72 -19.82
N GLY A 189 -10.36 24.15 -20.59
CA GLY A 189 -9.58 23.04 -20.12
C GLY A 189 -8.97 23.23 -18.74
N LYS A 190 -9.17 22.25 -17.86
CA LYS A 190 -8.60 22.32 -16.51
C LYS A 190 -8.26 20.92 -15.99
N GLU A 191 -6.99 20.68 -15.72
CA GLU A 191 -6.51 19.40 -15.23
C GLU A 191 -7.43 18.78 -14.16
N ASP A 192 -7.78 17.51 -14.37
CA ASP A 192 -8.65 16.74 -13.50
C ASP A 192 -10.05 17.31 -13.33
N ILE A 193 -10.41 18.32 -14.12
CA ILE A 193 -11.73 18.92 -13.96
C ILE A 193 -12.53 19.03 -15.26
N ILE A 194 -12.00 19.78 -16.23
CA ILE A 194 -12.66 19.96 -17.53
C ILE A 194 -11.82 19.29 -18.61
N TYR A 195 -12.41 18.36 -19.35
CA TYR A 195 -11.67 17.67 -20.40
C TYR A 195 -12.30 17.98 -21.77
N ASN A 196 -11.56 18.65 -22.64
CA ASN A 196 -12.07 18.95 -23.97
C ASN A 196 -11.33 18.11 -25.00
N GLY A 197 -12.05 17.30 -25.76
CA GLY A 197 -11.41 16.50 -26.79
C GLY A 197 -10.75 15.23 -26.32
N ILE A 198 -10.63 15.05 -25.00
CA ILE A 198 -10.06 13.83 -24.39
C ILE A 198 -11.02 13.32 -23.30
N THR A 199 -10.93 12.05 -22.96
CA THR A 199 -11.82 11.46 -21.97
C THR A 199 -11.20 11.47 -20.58
N ASP A 200 -12.04 11.39 -19.55
CA ASP A 200 -11.53 11.32 -18.19
C ASP A 200 -11.26 9.82 -17.98
N TRP A 201 -10.89 9.45 -16.75
CA TRP A 201 -10.54 8.06 -16.47
C TRP A 201 -11.62 7.05 -16.85
N VAL A 202 -12.84 7.25 -16.35
CA VAL A 202 -13.88 6.27 -16.63
C VAL A 202 -14.35 6.21 -18.08
N TYR A 203 -14.44 7.35 -18.76
CA TYR A 203 -14.87 7.29 -20.16
C TYR A 203 -13.78 6.65 -21.01
N GLU A 204 -12.52 6.86 -20.62
CA GLU A 204 -11.41 6.28 -21.36
C GLU A 204 -11.43 4.75 -21.25
N GLU A 205 -11.54 4.28 -20.01
CA GLU A 205 -11.50 2.85 -19.73
C GLU A 205 -12.77 2.07 -20.04
N GLU A 206 -13.92 2.63 -19.71
CA GLU A 206 -15.18 1.91 -19.83
C GLU A 206 -16.13 2.20 -20.97
N VAL A 207 -16.12 3.43 -21.48
CA VAL A 207 -17.05 3.81 -22.53
C VAL A 207 -16.49 3.80 -23.94
N PHE A 208 -15.48 4.62 -24.20
CA PHE A 208 -14.87 4.72 -25.52
C PHE A 208 -13.66 3.87 -25.79
N SER A 209 -13.02 3.32 -24.73
CA SER A 209 -11.82 2.52 -24.90
C SER A 209 -10.81 3.33 -25.69
N ALA A 210 -10.69 4.61 -25.35
CA ALA A 210 -9.78 5.50 -26.05
C ALA A 210 -9.64 6.79 -25.24
N TYR A 211 -8.51 7.47 -25.40
CA TYR A 211 -8.27 8.74 -24.70
C TYR A 211 -8.96 9.85 -25.51
N SER A 212 -8.91 9.67 -26.82
CA SER A 212 -9.48 10.63 -27.77
C SER A 212 -10.99 10.84 -27.63
N ALA A 213 -11.42 12.09 -27.68
CA ALA A 213 -12.84 12.42 -27.64
C ALA A 213 -13.09 13.48 -28.73
N LEU A 214 -12.43 13.29 -29.88
CA LEU A 214 -12.53 14.15 -31.07
C LEU A 214 -12.95 13.29 -32.26
N TRP A 215 -13.85 13.81 -33.10
CA TRP A 215 -14.33 13.08 -34.26
C TRP A 215 -14.44 13.97 -35.51
N TRP A 216 -13.48 13.84 -36.43
CA TRP A 216 -13.49 14.61 -37.68
C TRP A 216 -14.62 14.16 -38.59
N SER A 217 -15.23 15.08 -39.33
CA SER A 217 -16.28 14.69 -40.28
C SER A 217 -15.51 13.98 -41.39
N PRO A 218 -16.20 13.21 -42.24
CA PRO A 218 -15.57 12.46 -43.33
C PRO A 218 -14.55 13.20 -44.18
N ASN A 219 -14.82 14.44 -44.57
CA ASN A 219 -13.84 15.15 -45.38
C ASN A 219 -13.03 16.20 -44.61
N GLY A 220 -13.17 16.21 -43.28
CA GLY A 220 -12.39 17.15 -42.48
C GLY A 220 -12.95 18.53 -42.26
N THR A 221 -14.11 18.82 -42.84
CA THR A 221 -14.69 20.14 -42.65
C THR A 221 -15.03 20.45 -41.21
N PHE A 222 -15.78 19.54 -40.58
CA PHE A 222 -16.19 19.73 -39.20
C PHE A 222 -15.38 18.87 -38.21
N LEU A 223 -15.29 19.35 -36.98
CA LEU A 223 -14.62 18.61 -35.92
C LEU A 223 -15.59 18.58 -34.76
N ALA A 224 -16.07 17.39 -34.42
CA ALA A 224 -16.96 17.24 -33.28
C ALA A 224 -16.11 16.80 -32.08
N TYR A 225 -16.55 17.16 -30.89
CA TYR A 225 -15.83 16.80 -29.67
C TYR A 225 -16.73 16.78 -28.46
N ALA A 226 -16.31 16.04 -27.43
CA ALA A 226 -17.07 15.95 -26.21
C ALA A 226 -16.29 16.70 -25.15
N GLN A 227 -17.00 17.19 -24.15
CA GLN A 227 -16.39 17.89 -23.04
C GLN A 227 -16.87 17.22 -21.76
N PHE A 228 -15.94 16.77 -20.93
CA PHE A 228 -16.32 16.12 -19.69
C PHE A 228 -16.04 17.02 -18.50
N ASN A 229 -16.91 16.96 -17.50
CA ASN A 229 -16.77 17.79 -16.30
C ASN A 229 -16.75 16.87 -15.11
N ASP A 230 -15.59 16.78 -14.46
CA ASP A 230 -15.44 15.89 -13.31
C ASP A 230 -15.45 16.63 -11.98
N THR A 231 -15.81 17.91 -12.03
CA THR A 231 -15.83 18.75 -10.84
C THR A 231 -16.24 18.04 -9.57
N GLU A 232 -17.35 17.32 -9.58
CA GLU A 232 -17.76 16.69 -8.34
C GLU A 232 -17.47 15.19 -8.23
N VAL A 233 -16.64 14.67 -9.11
CA VAL A 233 -16.33 13.24 -9.06
C VAL A 233 -15.31 13.00 -7.96
N PRO A 234 -15.58 12.05 -7.05
CA PRO A 234 -14.62 11.79 -5.98
C PRO A 234 -13.31 11.29 -6.56
N LEU A 235 -12.23 11.45 -5.79
CA LEU A 235 -10.90 11.05 -6.23
C LEU A 235 -10.35 9.79 -5.55
N ILE A 236 -9.84 8.84 -6.33
CA ILE A 236 -9.19 7.69 -5.72
C ILE A 236 -7.77 8.20 -5.44
N GLU A 237 -7.22 7.84 -4.29
CA GLU A 237 -5.88 8.29 -3.92
C GLU A 237 -5.02 7.10 -3.51
N TYR A 238 -3.79 7.06 -4.00
CA TYR A 238 -2.87 5.98 -3.63
C TYR A 238 -1.43 6.46 -3.74
N SER A 239 -0.53 5.83 -3.00
CA SER A 239 0.87 6.23 -3.02
C SER A 239 1.65 5.70 -4.21
N PHE A 240 2.59 6.51 -4.67
CA PHE A 240 3.46 6.09 -5.76
C PHE A 240 4.82 6.33 -5.16
N TYR A 241 5.64 5.29 -5.16
CA TYR A 241 6.94 5.40 -4.51
C TYR A 241 8.07 5.92 -5.36
N SER A 242 8.02 5.62 -6.65
CA SER A 242 9.03 6.08 -7.60
C SER A 242 10.41 5.51 -7.31
N ASP A 243 11.42 6.09 -7.94
CA ASP A 243 12.77 5.62 -7.72
C ASP A 243 13.15 5.84 -6.27
N GLU A 244 14.14 5.09 -5.83
CA GLU A 244 14.66 5.11 -4.48
C GLU A 244 15.05 6.52 -4.03
N SER A 245 15.48 7.33 -4.98
CA SER A 245 15.93 8.68 -4.69
C SER A 245 14.82 9.61 -4.18
N LEU A 246 13.56 9.27 -4.45
CA LEU A 246 12.44 10.11 -3.99
C LEU A 246 12.25 9.95 -2.46
N GLN A 247 12.54 11.00 -1.71
CA GLN A 247 12.46 10.92 -0.25
C GLN A 247 11.06 10.72 0.31
N TYR A 248 10.07 11.41 -0.24
CA TYR A 248 8.69 11.28 0.20
C TYR A 248 7.82 10.68 -0.90
N PRO A 249 7.06 9.62 -0.58
CA PRO A 249 6.17 8.99 -1.58
C PRO A 249 5.21 10.04 -2.09
N LYS A 250 4.83 9.90 -3.36
CA LYS A 250 3.92 10.82 -3.99
C LYS A 250 2.50 10.23 -3.88
N THR A 251 1.50 11.09 -3.75
CA THR A 251 0.12 10.63 -3.69
C THR A 251 -0.55 10.92 -5.04
N VAL A 252 -0.91 9.86 -5.75
CA VAL A 252 -1.57 10.00 -7.05
C VAL A 252 -3.06 10.23 -6.75
N ARG A 253 -3.68 11.19 -7.44
CA ARG A 253 -5.11 11.49 -7.22
C ARG A 253 -5.86 11.45 -8.55
N VAL A 254 -6.84 10.56 -8.69
CA VAL A 254 -7.56 10.43 -9.96
C VAL A 254 -9.09 10.48 -9.82
N PRO A 255 -9.75 11.41 -10.54
CA PRO A 255 -11.21 11.49 -10.44
C PRO A 255 -11.69 10.12 -10.93
N TYR A 256 -12.34 9.39 -10.06
CA TYR A 256 -12.78 8.05 -10.37
C TYR A 256 -14.05 7.77 -9.61
N PRO A 257 -15.18 7.63 -10.32
CA PRO A 257 -16.47 7.35 -9.68
C PRO A 257 -16.68 5.87 -9.41
N LYS A 258 -16.70 5.52 -8.12
CA LYS A 258 -16.97 4.13 -7.73
C LYS A 258 -18.50 3.93 -7.81
N ALA A 259 -18.96 2.70 -7.70
CA ALA A 259 -20.40 2.42 -7.82
C ALA A 259 -21.30 3.33 -6.98
N GLY A 260 -22.29 3.94 -7.64
CA GLY A 260 -23.21 4.82 -6.95
C GLY A 260 -22.71 6.24 -6.69
N ALA A 261 -21.42 6.50 -6.94
CA ALA A 261 -20.85 7.82 -6.69
C ALA A 261 -21.23 8.86 -7.76
N VAL A 262 -20.81 10.10 -7.53
CA VAL A 262 -21.09 11.17 -8.47
C VAL A 262 -20.29 10.96 -9.75
N ASN A 263 -21.00 10.96 -10.87
CA ASN A 263 -20.40 10.74 -12.20
C ASN A 263 -20.02 12.04 -12.90
N PRO A 264 -19.11 11.94 -13.88
CA PRO A 264 -18.74 13.15 -14.60
C PRO A 264 -19.94 13.48 -15.49
N THR A 265 -20.06 14.73 -15.90
CA THR A 265 -21.15 15.12 -16.80
C THR A 265 -20.50 15.34 -18.15
N VAL A 266 -21.29 15.40 -19.21
CA VAL A 266 -20.77 15.52 -20.57
C VAL A 266 -21.61 16.43 -21.48
N LYS A 267 -20.95 17.12 -22.40
CA LYS A 267 -21.63 17.98 -23.37
C LYS A 267 -21.00 17.63 -24.71
N PHE A 268 -21.73 17.84 -25.80
CA PHE A 268 -21.22 17.53 -27.13
C PHE A 268 -21.25 18.76 -28.05
N PHE A 269 -20.17 19.01 -28.77
CA PHE A 269 -20.07 20.16 -29.66
C PHE A 269 -19.53 19.84 -31.04
N VAL A 270 -19.86 20.67 -32.02
CA VAL A 270 -19.36 20.51 -33.38
C VAL A 270 -18.88 21.86 -33.84
N VAL A 271 -17.69 21.89 -34.44
CA VAL A 271 -17.13 23.15 -34.90
C VAL A 271 -16.69 23.08 -36.36
N ASN A 272 -16.93 24.18 -37.10
CA ASN A 272 -16.55 24.25 -38.51
C ASN A 272 -15.09 24.69 -38.59
N THR A 273 -14.22 23.80 -39.06
CA THR A 273 -12.82 24.18 -39.14
C THR A 273 -12.48 24.92 -40.44
N ASP A 274 -13.42 25.01 -41.37
CA ASP A 274 -13.13 25.73 -42.61
C ASP A 274 -13.35 27.24 -42.43
N SER A 275 -13.98 27.63 -41.33
CA SER A 275 -14.22 29.04 -41.09
C SER A 275 -13.57 29.56 -39.83
N LEU A 276 -12.36 29.08 -39.53
CA LEU A 276 -11.67 29.55 -38.33
C LEU A 276 -11.00 30.88 -38.63
N SER A 277 -10.91 31.74 -37.62
CA SER A 277 -10.30 33.05 -37.74
C SER A 277 -9.19 33.29 -36.73
N SER A 278 -8.10 33.89 -37.19
CA SER A 278 -6.98 34.19 -36.31
C SER A 278 -7.25 35.46 -35.50
N VAL A 279 -8.39 36.10 -35.75
CA VAL A 279 -8.77 37.33 -35.05
C VAL A 279 -9.94 37.11 -34.11
N THR A 280 -10.75 36.10 -34.41
CA THR A 280 -11.90 35.79 -33.60
C THR A 280 -11.83 34.37 -33.05
N ASN A 281 -12.41 34.17 -31.87
CA ASN A 281 -12.40 32.83 -31.26
C ASN A 281 -13.39 31.96 -31.99
N ALA A 282 -13.03 30.68 -32.16
CA ALA A 282 -13.86 29.72 -32.86
C ALA A 282 -15.20 29.57 -32.17
N THR A 283 -16.25 29.32 -32.93
CA THR A 283 -17.56 29.14 -32.35
C THR A 283 -17.95 27.67 -32.45
N SER A 284 -18.23 27.05 -31.31
CA SER A 284 -18.62 25.65 -31.28
C SER A 284 -20.12 25.55 -31.08
N ILE A 285 -20.76 24.73 -31.92
CA ILE A 285 -22.20 24.52 -31.84
C ILE A 285 -22.48 23.28 -31.00
N GLN A 286 -23.25 23.46 -29.93
CA GLN A 286 -23.57 22.35 -29.06
C GLN A 286 -24.77 21.57 -29.57
N ILE A 287 -24.75 20.26 -29.29
CA ILE A 287 -25.86 19.40 -29.63
C ILE A 287 -26.25 18.80 -28.30
N THR A 288 -27.34 19.29 -27.75
CA THR A 288 -27.83 18.83 -26.47
C THR A 288 -28.40 17.42 -26.57
N ALA A 289 -28.35 16.68 -25.48
CA ALA A 289 -28.85 15.31 -25.46
C ALA A 289 -30.37 15.38 -25.43
N PRO A 290 -31.05 14.28 -25.80
CA PRO A 290 -32.51 14.32 -25.78
C PRO A 290 -33.07 14.49 -24.37
N ALA A 291 -34.29 15.01 -24.30
CA ALA A 291 -34.97 15.26 -23.02
C ALA A 291 -35.07 14.04 -22.13
N SER A 292 -35.32 12.89 -22.73
CA SER A 292 -35.45 11.64 -21.99
C SER A 292 -34.11 11.25 -21.36
N MET A 293 -33.06 11.95 -21.77
CA MET A 293 -31.72 11.68 -21.27
C MET A 293 -31.41 12.77 -20.23
N LEU A 294 -31.75 14.00 -20.55
CA LEU A 294 -31.49 15.10 -19.64
C LEU A 294 -32.27 15.04 -18.31
N ILE A 295 -33.21 14.12 -18.19
CA ILE A 295 -33.98 14.00 -16.95
C ILE A 295 -33.13 13.54 -15.77
N GLY A 296 -32.11 12.72 -16.04
CA GLY A 296 -31.25 12.22 -14.98
C GLY A 296 -29.80 12.09 -15.44
N ASP A 297 -29.01 11.31 -14.71
CA ASP A 297 -27.62 11.10 -15.07
C ASP A 297 -27.60 10.29 -16.37
N HIS A 298 -26.64 10.60 -17.24
CA HIS A 298 -26.53 9.86 -18.48
C HIS A 298 -25.10 9.91 -18.97
N TYR A 299 -24.86 9.21 -20.08
CA TYR A 299 -23.56 9.13 -20.70
C TYR A 299 -23.71 9.33 -22.21
N LEU A 300 -22.61 9.71 -22.84
CA LEU A 300 -22.52 9.82 -24.30
C LEU A 300 -21.82 8.49 -24.58
N CYS A 301 -22.37 7.64 -25.42
CA CYS A 301 -21.72 6.35 -25.66
C CYS A 301 -21.27 6.06 -27.10
N ASP A 302 -21.64 6.92 -28.03
CA ASP A 302 -21.22 6.72 -29.41
C ASP A 302 -21.35 7.99 -30.24
N VAL A 303 -20.41 8.14 -31.17
CA VAL A 303 -20.41 9.27 -32.09
C VAL A 303 -19.97 8.68 -33.42
N THR A 304 -20.82 8.82 -34.44
CA THR A 304 -20.49 8.29 -35.75
C THR A 304 -20.99 9.21 -36.88
N TRP A 305 -20.06 9.76 -37.65
CA TRP A 305 -20.47 10.62 -38.76
C TRP A 305 -21.15 9.76 -39.82
N ALA A 306 -22.24 10.26 -40.40
CA ALA A 306 -22.95 9.53 -41.45
C ALA A 306 -22.57 10.07 -42.83
N THR A 307 -22.46 11.39 -42.94
CA THR A 307 -22.08 12.05 -44.18
C THR A 307 -21.34 13.34 -43.84
N GLN A 308 -21.00 14.12 -44.86
CA GLN A 308 -20.31 15.38 -44.66
C GLN A 308 -21.15 16.34 -43.79
N GLU A 309 -22.48 16.15 -43.76
CA GLU A 309 -23.33 17.05 -43.00
C GLU A 309 -24.35 16.38 -42.07
N ARG A 310 -24.12 15.11 -41.78
CA ARG A 310 -25.01 14.36 -40.90
C ARG A 310 -24.17 13.60 -39.87
N ILE A 311 -24.50 13.76 -38.60
CA ILE A 311 -23.76 13.05 -37.55
C ILE A 311 -24.75 12.39 -36.61
N SER A 312 -24.40 11.20 -36.11
CA SER A 312 -25.27 10.51 -35.18
C SER A 312 -24.56 10.43 -33.83
N LEU A 313 -25.36 10.47 -32.78
CA LEU A 313 -24.87 10.39 -31.41
C LEU A 313 -25.77 9.45 -30.68
N GLN A 314 -25.20 8.74 -29.73
CA GLN A 314 -26.03 7.88 -28.92
C GLN A 314 -25.75 8.19 -27.45
N TRP A 315 -26.83 8.26 -26.68
CA TRP A 315 -26.79 8.55 -25.27
C TRP A 315 -27.37 7.37 -24.51
N LEU A 316 -26.87 7.15 -23.31
CA LEU A 316 -27.32 6.04 -22.50
C LEU A 316 -27.64 6.58 -21.11
N ARG A 317 -28.77 6.18 -20.56
CA ARG A 317 -29.13 6.63 -19.21
C ARG A 317 -28.23 5.93 -18.19
N ARG A 318 -28.03 6.53 -17.02
CA ARG A 318 -27.15 5.90 -16.02
C ARG A 318 -27.65 4.49 -15.67
N ILE A 319 -28.97 4.29 -15.70
CA ILE A 319 -29.55 2.95 -15.51
C ILE A 319 -29.43 2.47 -16.95
N GLN A 320 -28.35 1.77 -17.27
CA GLN A 320 -28.05 1.36 -18.62
C GLN A 320 -28.97 0.42 -19.38
N ASN A 321 -30.26 0.69 -19.28
CA ASN A 321 -31.27 -0.12 -19.94
C ASN A 321 -32.08 0.69 -20.96
N TYR A 322 -31.58 1.85 -21.33
CA TYR A 322 -32.31 2.67 -22.27
C TYR A 322 -31.33 3.59 -23.00
N SER A 323 -31.20 3.39 -24.31
CA SER A 323 -30.29 4.22 -25.09
C SER A 323 -31.07 4.92 -26.17
N VAL A 324 -30.62 6.13 -26.50
CA VAL A 324 -31.27 6.94 -27.53
C VAL A 324 -30.26 7.47 -28.55
N MET A 325 -30.47 7.11 -29.81
CA MET A 325 -29.60 7.56 -30.88
C MET A 325 -30.26 8.74 -31.61
N ASP A 326 -29.53 9.84 -31.74
CA ASP A 326 -30.01 11.00 -32.46
C ASP A 326 -29.24 11.07 -33.77
N ILE A 327 -29.90 11.55 -34.82
CA ILE A 327 -29.29 11.70 -36.13
C ILE A 327 -29.46 13.16 -36.50
N CYS A 328 -28.35 13.89 -36.53
CA CYS A 328 -28.38 15.33 -36.78
C CYS A 328 -27.82 15.83 -38.10
N ASP A 329 -28.55 16.76 -38.72
CA ASP A 329 -28.15 17.36 -40.00
C ASP A 329 -27.74 18.83 -39.86
N TYR A 330 -26.71 19.22 -40.62
CA TYR A 330 -26.22 20.59 -40.60
C TYR A 330 -27.15 21.47 -41.44
N ASP A 331 -27.60 22.57 -40.84
CA ASP A 331 -28.51 23.52 -41.50
C ASP A 331 -27.69 24.73 -41.94
N GLU A 332 -27.37 24.84 -43.24
CA GLU A 332 -26.60 25.99 -43.73
C GLU A 332 -27.24 27.35 -43.41
N SER A 333 -28.56 27.38 -43.33
CA SER A 333 -29.26 28.65 -43.06
C SER A 333 -28.90 29.22 -41.71
N SER A 334 -29.11 28.43 -40.66
CA SER A 334 -28.82 28.85 -39.31
C SER A 334 -27.45 28.40 -38.80
N GLY A 335 -26.74 27.62 -39.61
CA GLY A 335 -25.43 27.13 -39.19
C GLY A 335 -25.55 26.29 -37.92
N ARG A 336 -26.74 25.75 -37.69
CA ARG A 336 -27.01 24.92 -36.52
C ARG A 336 -27.17 23.46 -36.94
N TRP A 337 -27.16 22.57 -35.96
CA TRP A 337 -27.34 21.14 -36.20
C TRP A 337 -28.70 20.74 -35.64
N ASN A 338 -29.57 20.20 -36.49
CA ASN A 338 -30.92 19.79 -36.08
C ASN A 338 -31.04 18.27 -36.09
N CYS A 339 -31.55 17.72 -35.00
CA CYS A 339 -31.73 16.29 -34.90
C CYS A 339 -33.23 16.03 -34.85
N LEU A 340 -33.83 15.74 -36.00
CA LEU A 340 -35.26 15.47 -36.09
C LEU A 340 -35.66 14.30 -35.19
N VAL A 341 -36.74 14.49 -34.43
CA VAL A 341 -37.20 13.43 -33.54
C VAL A 341 -37.65 12.21 -34.36
N ALA A 342 -38.10 12.45 -35.59
CA ALA A 342 -38.52 11.36 -36.46
C ALA A 342 -37.34 10.43 -36.78
N ARG A 343 -36.12 10.95 -36.67
CA ARG A 343 -34.92 10.15 -36.93
C ARG A 343 -34.26 9.67 -35.63
N GLN A 344 -35.05 9.60 -34.56
CA GLN A 344 -34.53 9.15 -33.27
C GLN A 344 -34.77 7.66 -33.14
N HIS A 345 -33.78 6.94 -32.62
CA HIS A 345 -33.93 5.50 -32.46
C HIS A 345 -33.62 5.13 -31.02
N ILE A 346 -34.52 4.35 -30.44
CA ILE A 346 -34.40 3.94 -29.05
C ILE A 346 -34.08 2.48 -28.94
N GLU A 347 -33.38 2.11 -27.87
CA GLU A 347 -33.02 0.73 -27.58
C GLU A 347 -33.29 0.51 -26.09
N MET A 348 -33.94 -0.61 -25.78
CA MET A 348 -34.26 -0.94 -24.40
C MET A 348 -33.81 -2.34 -24.09
N SER A 349 -33.56 -2.58 -22.82
CA SER A 349 -33.09 -3.88 -22.39
C SER A 349 -34.09 -4.54 -21.49
N THR A 350 -34.51 -5.75 -21.83
CA THR A 350 -35.45 -6.48 -20.98
C THR A 350 -34.76 -7.51 -20.09
N THR A 351 -33.97 -8.41 -20.68
CA THR A 351 -33.29 -9.45 -19.90
C THR A 351 -32.04 -8.99 -19.16
N GLY A 352 -31.38 -7.96 -19.67
CA GLY A 352 -30.18 -7.48 -19.01
C GLY A 352 -29.86 -6.05 -19.37
N TRP A 353 -28.62 -5.82 -19.82
CA TRP A 353 -28.18 -4.49 -20.18
C TRP A 353 -28.25 -4.34 -21.70
N VAL A 354 -27.76 -3.24 -22.25
CA VAL A 354 -27.80 -3.01 -23.70
C VAL A 354 -26.42 -3.23 -24.37
N GLY A 355 -26.38 -4.10 -25.38
CA GLY A 355 -25.13 -4.40 -26.06
C GLY A 355 -24.20 -5.33 -25.28
N ARG A 356 -23.07 -5.71 -25.86
CA ARG A 356 -22.12 -6.59 -25.15
C ARG A 356 -21.47 -5.83 -24.01
N PHE A 357 -20.76 -4.75 -24.34
CA PHE A 357 -20.12 -3.90 -23.33
C PHE A 357 -20.65 -2.47 -23.48
N ARG A 358 -21.40 -2.22 -24.55
CA ARG A 358 -22.01 -0.91 -24.84
C ARG A 358 -22.97 -1.02 -26.02
N PRO A 359 -23.86 -0.02 -26.22
CA PRO A 359 -24.78 -0.10 -27.36
C PRO A 359 -23.94 -0.25 -28.63
N SER A 360 -24.40 -1.05 -29.59
CA SER A 360 -23.60 -1.29 -30.80
C SER A 360 -23.47 -0.06 -31.73
N GLU A 361 -22.36 0.03 -32.44
CA GLU A 361 -22.15 1.17 -33.32
C GLU A 361 -22.91 1.03 -34.63
N PRO A 362 -23.35 2.15 -35.19
CA PRO A 362 -24.09 2.10 -36.46
C PRO A 362 -23.16 2.08 -37.65
N HIS A 363 -23.56 1.43 -38.73
CA HIS A 363 -22.76 1.40 -39.95
C HIS A 363 -23.61 1.98 -41.09
N PHE A 364 -23.38 3.24 -41.40
CA PHE A 364 -24.15 3.93 -42.43
C PHE A 364 -23.78 3.62 -43.86
N THR A 365 -24.77 3.68 -44.73
CA THR A 365 -24.56 3.47 -46.16
C THR A 365 -23.90 4.75 -46.71
N LEU A 366 -23.53 4.72 -47.99
CA LEU A 366 -22.89 5.87 -48.63
C LEU A 366 -23.70 7.17 -48.50
N ASP A 367 -25.00 7.13 -48.80
CA ASP A 367 -25.83 8.33 -48.71
C ASP A 367 -26.28 8.66 -47.27
N GLY A 368 -25.89 7.83 -46.31
CA GLY A 368 -26.28 8.09 -44.94
C GLY A 368 -27.77 8.04 -44.66
N ASN A 369 -28.56 7.42 -45.56
CA ASN A 369 -30.02 7.35 -45.34
C ASN A 369 -30.50 6.11 -44.58
N SER A 370 -29.62 5.13 -44.40
CA SER A 370 -29.98 3.92 -43.69
C SER A 370 -28.69 3.40 -43.03
N PHE A 371 -28.82 2.48 -42.08
CA PHE A 371 -27.64 1.95 -41.41
C PHE A 371 -27.88 0.56 -40.86
N TYR A 372 -26.78 -0.13 -40.57
CA TYR A 372 -26.81 -1.49 -40.02
C TYR A 372 -26.23 -1.47 -38.61
N LYS A 373 -26.81 -2.29 -37.77
CA LYS A 373 -26.35 -2.34 -36.40
C LYS A 373 -26.64 -3.73 -35.83
N ILE A 374 -25.74 -4.24 -35.01
CA ILE A 374 -25.91 -5.53 -34.40
C ILE A 374 -26.82 -5.35 -33.19
N ILE A 375 -27.90 -6.12 -33.13
CA ILE A 375 -28.79 -6.01 -31.97
C ILE A 375 -29.32 -7.40 -31.62
N SER A 376 -29.64 -7.61 -30.35
CA SER A 376 -30.14 -8.89 -29.93
C SER A 376 -31.56 -9.07 -30.46
N ASN A 377 -31.80 -10.20 -31.14
CA ASN A 377 -33.11 -10.47 -31.71
C ASN A 377 -34.06 -11.05 -30.66
N GLU A 378 -35.25 -11.45 -31.08
CA GLU A 378 -36.25 -12.00 -30.15
C GLU A 378 -35.83 -13.29 -29.47
N GLU A 379 -34.85 -13.97 -30.04
CA GLU A 379 -34.35 -15.21 -29.48
C GLU A 379 -33.18 -14.91 -28.53
N GLY A 380 -32.77 -13.66 -28.48
CA GLY A 380 -31.67 -13.30 -27.61
C GLY A 380 -30.32 -13.49 -28.29
N TYR A 381 -30.33 -13.63 -29.63
CA TYR A 381 -29.08 -13.80 -30.35
C TYR A 381 -28.77 -12.53 -31.14
N ARG A 382 -27.53 -12.06 -31.02
CA ARG A 382 -27.09 -10.84 -31.68
C ARG A 382 -26.88 -11.00 -33.17
N HIS A 383 -27.70 -10.27 -33.92
CA HIS A 383 -27.68 -10.29 -35.37
C HIS A 383 -27.73 -8.90 -36.00
N ILE A 384 -27.47 -8.82 -37.29
CA ILE A 384 -27.46 -7.54 -37.99
C ILE A 384 -28.86 -7.07 -38.37
N CYS A 385 -29.18 -5.86 -37.96
CA CYS A 385 -30.49 -5.28 -38.24
C CYS A 385 -30.30 -4.07 -39.16
N TYR A 386 -31.17 -3.97 -40.16
CA TYR A 386 -31.10 -2.90 -41.13
C TYR A 386 -32.09 -1.82 -40.76
N PHE A 387 -31.59 -0.60 -40.54
CA PHE A 387 -32.42 0.54 -40.15
C PHE A 387 -32.54 1.59 -41.25
N GLN A 388 -33.69 2.26 -41.29
CA GLN A 388 -34.00 3.37 -42.21
C GLN A 388 -33.85 4.53 -41.21
N ILE A 389 -33.19 5.64 -41.54
CA ILE A 389 -33.01 6.68 -40.52
C ILE A 389 -34.28 7.29 -39.94
N ASP A 390 -35.39 7.17 -40.66
CA ASP A 390 -36.64 7.73 -40.17
C ASP A 390 -37.69 6.63 -40.02
N LYS A 391 -37.26 5.44 -39.62
CA LYS A 391 -38.18 4.33 -39.41
C LYS A 391 -37.79 3.69 -38.11
N LYS A 392 -38.78 3.38 -37.27
CA LYS A 392 -38.52 2.78 -35.96
C LYS A 392 -38.12 1.32 -36.00
N ASP A 393 -38.79 0.53 -36.81
CA ASP A 393 -38.49 -0.88 -36.88
C ASP A 393 -37.35 -1.13 -37.85
N CYS A 394 -36.46 -2.03 -37.44
CA CYS A 394 -35.33 -2.41 -38.29
C CYS A 394 -35.63 -3.83 -38.74
N THR A 395 -35.00 -4.26 -39.82
CA THR A 395 -35.20 -5.63 -40.32
C THR A 395 -33.92 -6.43 -40.11
N PHE A 396 -34.05 -7.61 -39.52
CA PHE A 396 -32.90 -8.45 -39.27
C PHE A 396 -32.47 -9.07 -40.60
N ILE A 397 -31.18 -9.04 -40.90
CA ILE A 397 -30.75 -9.63 -42.16
C ILE A 397 -30.01 -10.95 -41.98
N THR A 398 -29.72 -11.31 -40.74
CA THR A 398 -29.09 -12.59 -40.44
C THR A 398 -29.86 -13.14 -39.25
N LYS A 399 -29.83 -14.45 -39.07
CA LYS A 399 -30.55 -15.05 -37.97
C LYS A 399 -29.99 -16.44 -37.72
N GLY A 400 -30.26 -16.98 -36.54
CA GLY A 400 -29.77 -18.30 -36.20
C GLY A 400 -29.22 -18.38 -34.79
N THR A 401 -28.95 -19.61 -34.33
CA THR A 401 -28.45 -19.81 -32.98
C THR A 401 -26.93 -19.68 -32.98
N TRP A 402 -26.49 -18.46 -33.23
CA TRP A 402 -25.09 -18.10 -33.27
C TRP A 402 -25.09 -16.57 -33.28
N GLU A 403 -23.92 -15.94 -33.23
CA GLU A 403 -23.93 -14.48 -33.24
C GLU A 403 -22.93 -13.81 -34.17
N VAL A 404 -23.32 -12.64 -34.64
CA VAL A 404 -22.49 -11.81 -35.47
C VAL A 404 -21.57 -11.11 -34.45
N ILE A 405 -20.27 -11.19 -34.65
CA ILE A 405 -19.31 -10.59 -33.73
C ILE A 405 -19.11 -9.10 -34.05
N GLY A 406 -19.03 -8.78 -35.32
CA GLY A 406 -18.85 -7.39 -35.69
C GLY A 406 -19.08 -7.17 -37.16
N ILE A 407 -19.52 -5.97 -37.51
CA ILE A 407 -19.73 -5.59 -38.91
C ILE A 407 -18.38 -4.98 -39.34
N GLU A 408 -17.78 -5.52 -40.40
CA GLU A 408 -16.44 -5.08 -40.84
C GLU A 408 -16.32 -4.13 -42.03
N ALA A 409 -17.20 -4.26 -43.00
CA ALA A 409 -17.17 -3.39 -44.18
C ALA A 409 -18.53 -3.44 -44.85
N LEU A 410 -18.83 -2.39 -45.58
CA LEU A 410 -20.10 -2.26 -46.25
C LEU A 410 -19.94 -1.62 -47.64
N THR A 411 -20.55 -2.22 -48.65
CA THR A 411 -20.55 -1.67 -50.02
C THR A 411 -22.02 -1.69 -50.43
N SER A 412 -22.33 -1.14 -51.61
CA SER A 412 -23.71 -1.11 -52.06
C SER A 412 -24.23 -2.51 -52.30
N ASP A 413 -23.32 -3.45 -52.53
CA ASP A 413 -23.72 -4.83 -52.80
C ASP A 413 -23.61 -5.84 -51.64
N TYR A 414 -22.63 -5.65 -50.77
CA TYR A 414 -22.44 -6.60 -49.68
C TYR A 414 -22.12 -5.95 -48.35
N LEU A 415 -22.47 -6.64 -47.27
CA LEU A 415 -22.12 -6.22 -45.91
C LEU A 415 -21.19 -7.38 -45.47
N TYR A 416 -19.99 -7.04 -45.01
CA TYR A 416 -19.03 -8.06 -44.58
C TYR A 416 -19.01 -8.12 -43.06
N TYR A 417 -19.00 -9.32 -42.49
CA TYR A 417 -18.98 -9.43 -41.04
C TYR A 417 -18.33 -10.71 -40.54
N ILE A 418 -17.99 -10.72 -39.25
CA ILE A 418 -17.37 -11.87 -38.63
C ILE A 418 -18.44 -12.46 -37.69
N SER A 419 -18.58 -13.79 -37.69
CA SER A 419 -19.55 -14.46 -36.82
C SER A 419 -18.98 -15.80 -36.39
N ASN A 420 -19.64 -16.44 -35.43
CA ASN A 420 -19.18 -17.74 -34.97
C ASN A 420 -20.16 -18.80 -35.45
N GLU A 421 -20.74 -18.59 -36.64
CA GLU A 421 -21.70 -19.55 -37.18
C GLU A 421 -21.09 -20.87 -37.62
N TYR A 422 -19.90 -20.84 -38.20
CA TYR A 422 -19.30 -22.06 -38.71
C TYR A 422 -19.24 -23.24 -37.74
N LYS A 423 -19.81 -24.36 -38.15
CA LYS A 423 -19.82 -25.58 -37.34
C LYS A 423 -20.41 -25.36 -35.95
N GLY A 424 -21.18 -24.30 -35.77
CA GLY A 424 -21.77 -24.05 -34.46
C GLY A 424 -20.75 -23.91 -33.33
N MET A 425 -19.53 -23.49 -33.65
CA MET A 425 -18.49 -23.31 -32.62
C MET A 425 -18.45 -21.84 -32.16
N PRO A 426 -18.98 -21.56 -30.96
CA PRO A 426 -18.99 -20.18 -30.45
C PRO A 426 -17.60 -19.58 -30.25
N GLY A 427 -16.60 -20.45 -30.13
CA GLY A 427 -15.23 -20.00 -29.95
C GLY A 427 -14.42 -19.90 -31.25
N GLY A 428 -15.09 -20.04 -32.40
CA GLY A 428 -14.44 -19.91 -33.71
C GLY A 428 -14.96 -18.63 -34.36
N ARG A 429 -14.19 -18.02 -35.27
CA ARG A 429 -14.61 -16.77 -35.93
C ARG A 429 -14.26 -16.83 -37.42
N ASN A 430 -15.22 -16.47 -38.28
CA ASN A 430 -14.98 -16.46 -39.71
C ASN A 430 -15.60 -15.24 -40.36
N LEU A 431 -15.05 -14.86 -41.52
CA LEU A 431 -15.52 -13.71 -42.29
C LEU A 431 -16.58 -14.19 -43.27
N TYR A 432 -17.68 -13.44 -43.32
CA TYR A 432 -18.80 -13.75 -44.23
C TYR A 432 -19.22 -12.49 -44.97
N LYS A 433 -19.92 -12.66 -46.09
CA LYS A 433 -20.43 -11.48 -46.76
C LYS A 433 -21.88 -11.85 -47.06
N ILE A 434 -22.79 -10.90 -46.92
CA ILE A 434 -24.19 -11.17 -47.22
C ILE A 434 -24.61 -10.21 -48.33
N GLN A 435 -25.31 -10.76 -49.33
CA GLN A 435 -25.77 -9.97 -50.46
C GLN A 435 -26.94 -9.13 -50.01
N LEU A 436 -26.75 -7.81 -50.08
CA LEU A 436 -27.79 -6.89 -49.63
C LEU A 436 -29.10 -6.98 -50.43
N SER A 437 -29.02 -7.40 -51.68
CA SER A 437 -30.23 -7.53 -52.50
C SER A 437 -30.95 -8.87 -52.24
N ASP A 438 -30.26 -9.82 -51.59
CA ASP A 438 -30.88 -11.11 -51.30
C ASP A 438 -30.23 -11.74 -50.08
N TYR A 439 -30.84 -11.49 -48.92
CA TYR A 439 -30.30 -12.00 -47.66
C TYR A 439 -30.17 -13.51 -47.59
N THR A 440 -30.74 -14.24 -48.53
CA THR A 440 -30.59 -15.69 -48.46
C THR A 440 -29.22 -16.07 -49.03
N LYS A 441 -28.53 -15.10 -49.62
CA LYS A 441 -27.21 -15.38 -50.18
C LYS A 441 -26.08 -14.95 -49.25
N VAL A 442 -25.65 -15.86 -48.39
CA VAL A 442 -24.56 -15.60 -47.43
C VAL A 442 -23.36 -16.49 -47.79
N THR A 443 -22.19 -15.90 -47.96
CA THR A 443 -21.00 -16.68 -48.33
C THR A 443 -19.89 -16.60 -47.28
N CYS A 444 -19.39 -17.76 -46.84
CA CYS A 444 -18.30 -17.73 -45.88
C CYS A 444 -17.03 -17.54 -46.71
N LEU A 445 -16.25 -16.55 -46.36
CA LEU A 445 -15.05 -16.26 -47.12
C LEU A 445 -13.76 -16.83 -46.52
N SER A 446 -13.80 -17.25 -45.26
CA SER A 446 -12.61 -17.78 -44.61
C SER A 446 -12.73 -19.22 -44.11
N CYS A 447 -13.96 -19.71 -43.98
CA CYS A 447 -14.20 -21.05 -43.44
C CYS A 447 -13.36 -22.17 -44.05
N GLU A 448 -13.30 -22.20 -45.36
CA GLU A 448 -12.61 -23.28 -46.06
C GLU A 448 -11.20 -23.02 -46.54
N LEU A 449 -10.62 -21.86 -46.20
CA LEU A 449 -9.26 -21.56 -46.64
C LEU A 449 -8.29 -22.60 -46.11
N ASN A 450 -8.39 -22.94 -44.83
CA ASN A 450 -7.52 -23.94 -44.22
C ASN A 450 -8.19 -24.30 -42.91
N PRO A 451 -9.25 -25.13 -43.00
CA PRO A 451 -10.02 -25.55 -41.82
C PRO A 451 -9.27 -26.16 -40.66
N GLU A 452 -8.21 -26.92 -40.93
CA GLU A 452 -7.43 -27.54 -39.87
C GLU A 452 -6.60 -26.50 -39.12
N ARG A 453 -5.98 -25.59 -39.85
CA ARG A 453 -5.14 -24.59 -39.22
C ARG A 453 -5.86 -23.31 -38.79
N CYS A 454 -6.91 -22.98 -39.52
CA CYS A 454 -7.60 -21.73 -39.28
C CYS A 454 -9.10 -21.76 -39.02
N GLN A 455 -9.46 -21.42 -37.78
CA GLN A 455 -10.85 -21.39 -37.36
C GLN A 455 -11.17 -20.09 -36.59
N TYR A 456 -10.20 -19.18 -36.53
CA TYR A 456 -10.39 -17.91 -35.82
C TYR A 456 -9.77 -16.80 -36.65
N TYR A 457 -10.63 -15.96 -37.23
CA TYR A 457 -10.17 -14.88 -38.08
C TYR A 457 -10.56 -13.48 -37.63
N SER A 458 -9.78 -12.54 -38.12
CA SER A 458 -9.96 -11.10 -37.91
C SER A 458 -9.69 -10.60 -39.34
N VAL A 459 -10.18 -9.42 -39.69
CA VAL A 459 -9.97 -8.90 -41.04
C VAL A 459 -9.69 -7.41 -41.09
N SER A 460 -9.04 -6.97 -42.16
CA SER A 460 -8.74 -5.55 -42.36
C SER A 460 -8.99 -5.19 -43.83
N PHE A 461 -10.07 -4.45 -44.10
CA PHE A 461 -10.39 -4.07 -45.50
C PHE A 461 -9.72 -2.78 -45.94
N SER A 462 -9.40 -2.66 -47.23
CA SER A 462 -8.82 -1.42 -47.76
C SER A 462 -9.94 -0.35 -47.76
N LYS A 463 -9.58 0.88 -48.06
CA LYS A 463 -10.52 2.01 -48.06
C LYS A 463 -11.94 1.80 -48.58
N GLU A 464 -12.09 1.23 -49.77
CA GLU A 464 -13.44 1.00 -50.32
C GLU A 464 -13.75 -0.49 -50.41
N ALA A 465 -13.15 -1.27 -49.52
CA ALA A 465 -13.36 -2.71 -49.48
C ALA A 465 -12.96 -3.43 -50.76
N LYS A 466 -12.06 -2.84 -51.54
CA LYS A 466 -11.63 -3.50 -52.77
C LYS A 466 -10.75 -4.69 -52.42
N TYR A 467 -10.02 -4.59 -51.30
CA TYR A 467 -9.14 -5.66 -50.85
C TYR A 467 -9.30 -5.93 -49.35
N TYR A 468 -8.93 -7.13 -48.91
CA TYR A 468 -8.95 -7.43 -47.48
C TYR A 468 -7.84 -8.37 -47.07
N GLN A 469 -7.32 -8.10 -45.89
CA GLN A 469 -6.28 -8.92 -45.31
C GLN A 469 -6.94 -9.76 -44.25
N LEU A 470 -6.75 -11.06 -44.34
CA LEU A 470 -7.28 -11.99 -43.35
C LEU A 470 -6.16 -12.35 -42.38
N ARG A 471 -6.49 -12.36 -41.09
CA ARG A 471 -5.54 -12.70 -40.04
C ARG A 471 -6.10 -13.91 -39.31
N CYS A 472 -5.50 -15.06 -39.55
CA CYS A 472 -5.93 -16.30 -38.92
C CYS A 472 -5.09 -16.41 -37.65
N SER A 473 -5.70 -16.63 -36.48
CA SER A 473 -4.89 -16.76 -35.28
C SER A 473 -4.98 -18.08 -34.52
N GLY A 474 -5.54 -19.10 -35.16
CA GLY A 474 -5.63 -20.41 -34.53
C GLY A 474 -6.62 -21.34 -35.20
N PRO A 475 -6.62 -22.64 -34.88
CA PRO A 475 -5.77 -23.28 -33.87
C PRO A 475 -4.30 -23.48 -34.20
N GLY A 476 -3.95 -23.38 -35.48
CA GLY A 476 -2.55 -23.50 -35.87
C GLY A 476 -1.84 -22.15 -35.72
N LEU A 477 -0.62 -22.04 -36.26
CA LEU A 477 0.15 -20.80 -36.19
C LEU A 477 -0.49 -19.70 -37.02
N PRO A 478 -0.42 -18.45 -36.53
CA PRO A 478 -1.00 -17.31 -37.25
C PRO A 478 -0.62 -17.29 -38.73
N LEU A 479 -1.63 -17.02 -39.56
CA LEU A 479 -1.45 -16.98 -41.00
C LEU A 479 -2.09 -15.70 -41.51
N TYR A 480 -1.33 -14.88 -42.23
CA TYR A 480 -1.82 -13.63 -42.77
C TYR A 480 -1.85 -13.72 -44.29
N THR A 481 -3.01 -13.40 -44.88
CA THR A 481 -3.18 -13.46 -46.32
C THR A 481 -3.88 -12.24 -46.88
N LEU A 482 -3.68 -11.95 -48.17
CA LEU A 482 -4.33 -10.81 -48.81
C LEU A 482 -5.30 -11.32 -49.89
N HIS A 483 -6.46 -10.67 -50.00
CA HIS A 483 -7.50 -11.10 -50.94
C HIS A 483 -8.13 -9.91 -51.66
N SER A 484 -8.70 -10.14 -52.85
CA SER A 484 -9.40 -9.07 -53.57
C SER A 484 -10.88 -9.40 -53.47
N SER A 485 -11.69 -8.38 -53.19
CA SER A 485 -13.12 -8.59 -53.03
C SER A 485 -13.94 -8.94 -54.25
N VAL A 486 -13.58 -8.40 -55.41
CA VAL A 486 -14.41 -8.64 -56.59
C VAL A 486 -14.78 -10.12 -56.80
N ASN A 487 -13.80 -11.02 -56.73
CA ASN A 487 -14.12 -12.43 -56.86
C ASN A 487 -13.55 -13.25 -55.71
N ASP A 488 -13.23 -12.56 -54.63
CA ASP A 488 -12.67 -13.22 -53.45
C ASP A 488 -11.48 -14.10 -53.75
N LYS A 489 -10.57 -13.60 -54.59
CA LYS A 489 -9.37 -14.36 -54.91
C LYS A 489 -8.39 -14.25 -53.75
N GLY A 490 -7.65 -15.34 -53.51
CA GLY A 490 -6.63 -15.34 -52.48
C GLY A 490 -5.37 -14.95 -53.22
N LEU A 491 -5.03 -13.67 -53.18
CA LEU A 491 -3.86 -13.15 -53.89
C LEU A 491 -2.55 -13.79 -53.45
N ARG A 492 -2.20 -13.63 -52.18
CA ARG A 492 -0.94 -14.19 -51.71
C ARG A 492 -0.85 -14.31 -50.20
N VAL A 493 0.17 -15.04 -49.75
CA VAL A 493 0.43 -15.24 -48.33
C VAL A 493 1.41 -14.15 -47.90
N LEU A 494 1.02 -13.37 -46.89
CA LEU A 494 1.89 -12.28 -46.41
C LEU A 494 2.87 -12.76 -45.34
N GLU A 495 2.40 -13.65 -44.47
CA GLU A 495 3.26 -14.18 -43.40
C GLU A 495 2.65 -15.49 -42.93
N ASP A 496 3.42 -16.56 -42.95
CA ASP A 496 2.89 -17.85 -42.53
C ASP A 496 3.58 -18.46 -41.32
N ASN A 497 4.47 -17.70 -40.70
CA ASN A 497 5.20 -18.18 -39.54
C ASN A 497 5.93 -19.51 -39.75
N SER A 498 6.38 -19.77 -40.97
CA SER A 498 7.09 -21.01 -41.20
C SER A 498 8.39 -21.05 -40.35
N ALA A 499 9.00 -19.90 -40.09
CA ALA A 499 10.22 -19.90 -39.27
C ALA A 499 9.91 -20.43 -37.86
N LEU A 500 8.85 -19.92 -37.24
CA LEU A 500 8.48 -20.36 -35.89
C LEU A 500 8.11 -21.84 -35.92
N ASP A 501 7.38 -22.25 -36.95
CA ASP A 501 6.99 -23.65 -37.10
C ASP A 501 8.23 -24.56 -37.06
N LYS A 502 9.26 -24.18 -37.80
CA LYS A 502 10.49 -24.99 -37.83
C LYS A 502 11.11 -25.08 -36.42
N MET A 503 11.11 -23.98 -35.68
CA MET A 503 11.69 -24.04 -34.33
C MET A 503 10.87 -24.93 -33.40
N LEU A 504 9.54 -24.77 -33.44
CA LEU A 504 8.67 -25.55 -32.57
C LEU A 504 8.70 -27.04 -32.83
N GLN A 505 9.25 -27.45 -33.96
CA GLN A 505 9.35 -28.87 -34.29
C GLN A 505 10.33 -29.56 -33.34
N ASN A 506 11.24 -28.79 -32.76
CA ASN A 506 12.22 -29.34 -31.82
C ASN A 506 11.80 -29.18 -30.36
N VAL A 507 10.51 -28.89 -30.14
CA VAL A 507 10.02 -28.69 -28.79
C VAL A 507 8.81 -29.56 -28.51
N GLN A 508 8.72 -30.10 -27.31
CA GLN A 508 7.56 -30.92 -26.94
C GLN A 508 6.43 -29.97 -26.56
N MET A 509 5.65 -29.54 -27.54
CA MET A 509 4.56 -28.61 -27.31
C MET A 509 3.29 -29.27 -26.84
N PRO A 510 2.47 -28.55 -26.05
CA PRO A 510 1.21 -29.11 -25.56
C PRO A 510 0.20 -29.01 -26.68
N SER A 511 -0.93 -29.67 -26.50
CA SER A 511 -2.02 -29.62 -27.46
C SER A 511 -3.21 -28.95 -26.79
N LYS A 512 -4.22 -28.59 -27.57
CA LYS A 512 -5.38 -27.94 -27.02
C LYS A 512 -6.64 -28.67 -27.43
N LYS A 513 -7.41 -29.08 -26.44
CA LYS A 513 -8.65 -29.77 -26.71
C LYS A 513 -9.77 -28.78 -26.40
N LEU A 514 -10.67 -28.59 -27.36
CA LEU A 514 -11.80 -27.69 -27.18
C LEU A 514 -13.02 -28.60 -27.26
N ASP A 515 -13.85 -28.62 -26.22
CA ASP A 515 -15.03 -29.47 -26.19
C ASP A 515 -16.11 -28.83 -25.33
N PHE A 516 -17.18 -29.57 -25.04
CA PHE A 516 -18.26 -29.05 -24.21
C PHE A 516 -18.87 -30.05 -23.24
N ILE A 517 -19.55 -29.54 -22.22
CA ILE A 517 -20.25 -30.40 -21.27
C ILE A 517 -21.68 -29.87 -21.26
N ILE A 518 -22.61 -30.71 -20.86
CA ILE A 518 -24.00 -30.28 -20.83
C ILE A 518 -24.48 -30.05 -19.41
N LEU A 519 -25.02 -28.87 -19.16
CA LEU A 519 -25.55 -28.55 -17.84
C LEU A 519 -26.97 -28.09 -18.07
N ASN A 520 -27.95 -28.89 -17.63
CA ASN A 520 -29.35 -28.55 -17.77
C ASN A 520 -29.79 -28.27 -19.18
N GLU A 521 -29.60 -29.25 -20.05
CA GLU A 521 -29.98 -29.13 -21.46
C GLU A 521 -29.16 -28.09 -22.20
N THR A 522 -28.22 -27.42 -21.53
CA THR A 522 -27.40 -26.43 -22.23
C THR A 522 -25.96 -26.85 -22.35
N LYS A 523 -25.37 -26.67 -23.52
CA LYS A 523 -23.98 -27.01 -23.65
C LYS A 523 -23.12 -25.80 -23.30
N PHE A 524 -22.04 -26.06 -22.56
CA PHE A 524 -21.10 -25.02 -22.15
C PHE A 524 -19.74 -25.54 -22.58
N TRP A 525 -18.97 -24.68 -23.24
CA TRP A 525 -17.66 -25.03 -23.78
C TRP A 525 -16.48 -24.83 -22.84
N TYR A 526 -15.46 -25.64 -23.07
CA TYR A 526 -14.23 -25.54 -22.29
C TYR A 526 -13.05 -25.93 -23.17
N GLN A 527 -11.86 -25.59 -22.71
CA GLN A 527 -10.67 -25.94 -23.44
C GLN A 527 -9.71 -26.46 -22.40
N MET A 528 -8.84 -27.36 -22.82
CA MET A 528 -7.82 -27.87 -21.92
C MET A 528 -6.51 -27.81 -22.67
N ILE A 529 -5.49 -27.28 -22.02
CA ILE A 529 -4.17 -27.25 -22.60
C ILE A 529 -3.58 -28.55 -22.04
N LEU A 530 -3.41 -29.53 -22.92
CA LEU A 530 -2.91 -30.85 -22.53
C LEU A 530 -1.41 -31.02 -22.69
N PRO A 531 -0.75 -31.66 -21.71
CA PRO A 531 0.69 -31.90 -21.77
C PRO A 531 1.12 -32.74 -22.98
N PRO A 532 2.39 -32.64 -23.38
CA PRO A 532 2.90 -33.43 -24.52
C PRO A 532 2.63 -34.93 -24.23
N HIS A 533 2.44 -35.72 -25.28
CA HIS A 533 2.21 -37.16 -25.12
C HIS A 533 1.15 -37.46 -24.07
N PHE A 534 0.08 -36.67 -24.06
CA PHE A 534 -0.99 -36.86 -23.09
C PHE A 534 -1.45 -38.32 -23.04
N ASP A 535 -1.49 -38.87 -21.84
CA ASP A 535 -1.89 -40.27 -21.64
C ASP A 535 -3.13 -40.35 -20.74
N LYS A 536 -4.28 -40.59 -21.35
CA LYS A 536 -5.56 -40.67 -20.64
C LYS A 536 -5.61 -41.73 -19.55
N SER A 537 -4.58 -42.58 -19.49
CA SER A 537 -4.53 -43.62 -18.48
C SER A 537 -3.81 -43.11 -17.23
N LYS A 538 -3.31 -41.87 -17.28
CA LYS A 538 -2.63 -41.27 -16.14
C LYS A 538 -3.47 -40.19 -15.49
N LYS A 539 -3.14 -39.82 -14.27
CA LYS A 539 -3.87 -38.79 -13.55
C LYS A 539 -2.99 -37.55 -13.51
N TYR A 540 -3.46 -36.46 -14.10
CA TYR A 540 -2.67 -35.23 -14.10
C TYR A 540 -3.27 -34.21 -13.17
N PRO A 541 -2.44 -33.32 -12.62
CA PRO A 541 -2.99 -32.29 -11.75
C PRO A 541 -3.66 -31.31 -12.73
N LEU A 542 -4.65 -30.56 -12.28
CA LEU A 542 -5.32 -29.64 -13.19
C LEU A 542 -5.42 -28.23 -12.60
N LEU A 543 -5.09 -27.24 -13.43
CA LEU A 543 -5.17 -25.84 -13.03
C LEU A 543 -6.31 -25.19 -13.84
N LEU A 544 -7.33 -24.71 -13.15
CA LEU A 544 -8.45 -24.05 -13.82
C LEU A 544 -8.09 -22.55 -13.99
N ASP A 545 -7.88 -22.15 -15.23
CA ASP A 545 -7.55 -20.77 -15.58
C ASP A 545 -8.88 -20.06 -15.84
N VAL A 546 -9.24 -19.10 -15.01
CA VAL A 546 -10.55 -18.46 -15.20
C VAL A 546 -10.58 -16.96 -15.34
N TYR A 547 -11.58 -16.46 -16.07
CA TYR A 547 -11.81 -15.03 -16.16
C TYR A 547 -13.27 -14.97 -15.76
N ALA A 548 -14.16 -15.45 -16.63
CA ALA A 548 -15.57 -15.55 -16.32
C ALA A 548 -16.38 -14.27 -16.16
N GLY A 549 -15.82 -13.13 -16.57
CA GLY A 549 -16.57 -11.90 -16.45
C GLY A 549 -17.72 -11.90 -17.45
N PRO A 550 -18.66 -10.93 -17.37
CA PRO A 550 -19.77 -10.89 -18.32
C PRO A 550 -19.30 -10.68 -19.75
N CYS A 551 -19.80 -11.56 -20.63
CA CYS A 551 -19.49 -11.60 -22.04
C CYS A 551 -18.07 -12.07 -22.32
N SER A 552 -17.47 -12.75 -21.35
CA SER A 552 -16.12 -13.27 -21.55
C SER A 552 -16.14 -14.57 -22.37
N GLN A 553 -14.99 -14.93 -22.90
CA GLN A 553 -14.87 -16.19 -23.63
C GLN A 553 -13.43 -16.63 -23.41
N LYS A 554 -13.27 -17.76 -22.72
CA LYS A 554 -11.96 -18.32 -22.41
C LYS A 554 -11.74 -19.68 -23.08
N ALA A 555 -12.76 -20.19 -23.74
CA ALA A 555 -12.64 -21.44 -24.50
C ALA A 555 -12.72 -21.03 -25.96
N ASP A 556 -11.60 -21.04 -26.67
CA ASP A 556 -11.65 -20.66 -28.08
C ASP A 556 -10.60 -21.39 -28.91
N THR A 557 -10.50 -21.04 -30.19
CA THR A 557 -9.56 -21.71 -31.08
C THR A 557 -8.27 -20.94 -31.33
N VAL A 558 -7.99 -19.95 -30.49
CA VAL A 558 -6.80 -19.14 -30.68
C VAL A 558 -5.52 -19.84 -30.21
N PHE A 559 -4.46 -19.72 -31.00
CA PHE A 559 -3.17 -20.31 -30.64
C PHE A 559 -2.41 -19.34 -29.73
N ARG A 560 -1.99 -19.79 -28.55
CA ARG A 560 -1.26 -18.92 -27.64
C ARG A 560 0.00 -19.56 -27.06
N LEU A 561 1.00 -18.73 -26.79
CA LEU A 561 2.26 -19.13 -26.16
C LEU A 561 2.24 -18.32 -24.87
N ASN A 562 1.86 -18.97 -23.78
CA ASN A 562 1.76 -18.26 -22.51
C ASN A 562 2.14 -19.13 -21.31
N TRP A 563 1.83 -18.64 -20.11
CA TRP A 563 2.19 -19.37 -18.91
C TRP A 563 1.63 -20.80 -18.95
N ALA A 564 0.40 -20.96 -19.45
CA ALA A 564 -0.21 -22.28 -19.52
C ALA A 564 0.59 -23.20 -20.44
N THR A 565 1.21 -22.64 -21.48
CA THR A 565 2.00 -23.45 -22.43
C THR A 565 3.14 -24.11 -21.67
N TYR A 566 3.80 -23.34 -20.80
CA TYR A 566 4.91 -23.87 -20.02
C TYR A 566 4.43 -24.87 -18.99
N LEU A 567 3.33 -24.53 -18.30
CA LEU A 567 2.80 -25.42 -17.27
C LEU A 567 2.45 -26.80 -17.82
N ALA A 568 1.91 -26.83 -19.04
CA ALA A 568 1.55 -28.11 -19.64
C ALA A 568 2.76 -28.81 -20.24
N SER A 569 3.58 -28.05 -20.98
CA SER A 569 4.73 -28.63 -21.63
C SER A 569 5.83 -29.10 -20.67
N THR A 570 6.23 -28.23 -19.74
CA THR A 570 7.28 -28.59 -18.81
C THR A 570 6.84 -29.24 -17.50
N GLU A 571 5.73 -28.77 -16.92
CA GLU A 571 5.28 -29.34 -15.64
C GLU A 571 4.20 -30.40 -15.75
N ASN A 572 3.75 -30.72 -16.96
CA ASN A 572 2.72 -31.73 -17.17
C ASN A 572 1.43 -31.47 -16.39
N ILE A 573 1.01 -30.21 -16.39
CA ILE A 573 -0.20 -29.80 -15.72
C ILE A 573 -1.24 -29.50 -16.77
N ILE A 574 -2.45 -29.99 -16.58
CA ILE A 574 -3.52 -29.68 -17.52
C ILE A 574 -4.08 -28.32 -17.13
N VAL A 575 -4.13 -27.39 -18.08
CA VAL A 575 -4.71 -26.07 -17.77
C VAL A 575 -6.02 -25.94 -18.53
N ALA A 576 -7.11 -25.90 -17.78
CA ALA A 576 -8.43 -25.83 -18.37
C ALA A 576 -9.09 -24.48 -18.17
N SER A 577 -9.99 -24.14 -19.08
CA SER A 577 -10.75 -22.91 -18.91
C SER A 577 -12.16 -23.28 -19.33
N PHE A 578 -13.14 -22.65 -18.69
CA PHE A 578 -14.53 -22.96 -18.95
C PHE A 578 -15.38 -21.70 -19.07
N ASP A 579 -16.31 -21.71 -20.02
CA ASP A 579 -17.22 -20.59 -20.22
C ASP A 579 -18.62 -21.00 -19.74
N GLY A 580 -19.01 -20.51 -18.56
CA GLY A 580 -20.32 -20.87 -18.05
C GLY A 580 -21.33 -19.74 -18.15
N ARG A 581 -22.32 -19.74 -17.28
CA ARG A 581 -23.30 -18.67 -17.33
C ARG A 581 -22.64 -17.30 -17.22
N GLY A 582 -23.14 -16.36 -18.00
CA GLY A 582 -22.57 -15.03 -18.02
C GLY A 582 -21.57 -14.86 -19.17
N SER A 583 -21.08 -15.96 -19.77
CA SER A 583 -20.09 -15.84 -20.84
C SER A 583 -20.73 -15.31 -22.13
N GLY A 584 -19.92 -14.85 -23.07
CA GLY A 584 -20.50 -14.26 -24.26
C GLY A 584 -20.58 -15.05 -25.56
N TYR A 585 -21.11 -14.38 -26.58
CA TYR A 585 -21.22 -14.90 -27.94
C TYR A 585 -22.09 -16.15 -28.16
N GLN A 586 -22.96 -16.42 -27.20
CA GLN A 586 -23.82 -17.58 -27.26
C GLN A 586 -25.27 -17.23 -26.98
N GLY A 587 -25.60 -15.94 -27.04
CA GLY A 587 -26.97 -15.52 -26.79
C GLY A 587 -27.18 -15.01 -25.39
N ASP A 588 -28.21 -14.20 -25.24
CA ASP A 588 -28.58 -13.58 -23.96
C ASP A 588 -29.03 -14.52 -22.85
N LYS A 589 -29.58 -15.67 -23.22
CA LYS A 589 -30.02 -16.61 -22.21
C LYS A 589 -28.84 -16.93 -21.30
N ILE A 590 -27.70 -17.20 -21.94
CA ILE A 590 -26.49 -17.50 -21.22
C ILE A 590 -25.84 -16.25 -20.67
N MET A 591 -25.59 -15.26 -21.54
CA MET A 591 -24.92 -14.04 -21.08
C MET A 591 -25.63 -13.26 -19.97
N HIS A 592 -26.95 -13.12 -20.08
CA HIS A 592 -27.70 -12.36 -19.08
C HIS A 592 -28.06 -13.13 -17.80
N ALA A 593 -27.67 -14.39 -17.70
CA ALA A 593 -27.99 -15.18 -16.51
C ALA A 593 -27.43 -14.53 -15.25
N ILE A 594 -26.37 -13.73 -15.37
CA ILE A 594 -25.82 -13.09 -14.18
C ILE A 594 -26.20 -11.62 -14.03
N ASN A 595 -27.21 -11.18 -14.77
CA ASN A 595 -27.67 -9.80 -14.68
C ASN A 595 -28.06 -9.49 -13.23
N ARG A 596 -27.57 -8.38 -12.72
CA ARG A 596 -27.86 -7.95 -11.36
C ARG A 596 -27.39 -8.96 -10.32
N ARG A 597 -26.64 -9.96 -10.75
CA ARG A 597 -26.16 -10.99 -9.82
C ARG A 597 -24.72 -11.47 -10.06
N LEU A 598 -23.77 -10.54 -10.13
CA LEU A 598 -22.38 -10.95 -10.33
C LEU A 598 -21.94 -11.75 -9.11
N GLY A 599 -21.00 -12.67 -9.30
CA GLY A 599 -20.54 -13.45 -8.16
C GLY A 599 -21.46 -14.61 -7.79
N THR A 600 -22.34 -15.02 -8.69
CA THR A 600 -23.20 -16.15 -8.36
C THR A 600 -23.03 -17.30 -9.34
N PHE A 601 -23.80 -17.32 -10.43
CA PHE A 601 -23.75 -18.43 -11.38
C PHE A 601 -22.41 -18.60 -12.09
N GLU A 602 -21.73 -17.52 -12.42
CA GLU A 602 -20.46 -17.65 -13.10
C GLU A 602 -19.44 -18.31 -12.15
N VAL A 603 -19.60 -18.06 -10.85
CA VAL A 603 -18.71 -18.69 -9.87
C VAL A 603 -19.10 -20.16 -9.70
N GLU A 604 -20.40 -20.41 -9.49
CA GLU A 604 -20.91 -21.76 -9.32
C GLU A 604 -20.57 -22.67 -10.50
N ASP A 605 -20.70 -22.14 -11.72
CA ASP A 605 -20.41 -22.95 -12.90
C ASP A 605 -18.94 -23.36 -13.03
N GLN A 606 -18.02 -22.54 -12.53
CA GLN A 606 -16.61 -22.90 -12.56
C GLN A 606 -16.39 -24.08 -11.59
N ILE A 607 -17.07 -24.06 -10.44
CA ILE A 607 -16.91 -25.16 -9.48
C ILE A 607 -17.49 -26.42 -10.14
N GLU A 608 -18.66 -26.31 -10.78
CA GLU A 608 -19.28 -27.46 -11.46
C GLU A 608 -18.38 -28.06 -12.53
N ALA A 609 -17.77 -27.21 -13.35
CA ALA A 609 -16.90 -27.67 -14.41
C ALA A 609 -15.71 -28.42 -13.80
N ALA A 610 -15.11 -27.86 -12.77
CA ALA A 610 -13.96 -28.52 -12.11
C ALA A 610 -14.43 -29.85 -11.53
N ARG A 611 -15.63 -29.81 -10.95
CA ARG A 611 -16.21 -31.00 -10.36
C ARG A 611 -16.27 -32.07 -11.45
N GLN A 612 -16.78 -31.71 -12.61
CA GLN A 612 -16.85 -32.67 -13.70
C GLN A 612 -15.47 -33.12 -14.17
N PHE A 613 -14.58 -32.16 -14.43
CA PHE A 613 -13.22 -32.51 -14.86
C PHE A 613 -12.58 -33.49 -13.87
N SER A 614 -12.82 -33.27 -12.58
CA SER A 614 -12.26 -34.13 -11.53
C SER A 614 -12.81 -35.54 -11.55
N LYS A 615 -13.87 -35.77 -12.31
CA LYS A 615 -14.48 -37.10 -12.41
C LYS A 615 -13.82 -37.86 -13.55
N MET A 616 -13.21 -37.14 -14.48
CA MET A 616 -12.56 -37.81 -15.60
C MET A 616 -11.35 -38.62 -15.15
N GLY A 617 -11.15 -39.74 -15.83
CA GLY A 617 -10.06 -40.64 -15.48
C GLY A 617 -8.67 -40.07 -15.51
N PHE A 618 -8.47 -39.00 -16.28
CA PHE A 618 -7.14 -38.43 -16.40
C PHE A 618 -6.82 -37.25 -15.47
N VAL A 619 -7.72 -36.95 -14.53
CA VAL A 619 -7.51 -35.84 -13.60
C VAL A 619 -7.26 -36.33 -12.16
N ASP A 620 -6.28 -35.74 -11.48
CA ASP A 620 -6.00 -36.11 -10.09
C ASP A 620 -6.84 -35.21 -9.18
N ASN A 621 -7.94 -35.75 -8.66
CA ASN A 621 -8.84 -34.96 -7.82
C ASN A 621 -8.20 -34.42 -6.54
N LYS A 622 -6.98 -34.83 -6.24
CA LYS A 622 -6.31 -34.36 -5.04
C LYS A 622 -5.46 -33.15 -5.39
N ARG A 623 -5.34 -32.88 -6.68
CA ARG A 623 -4.52 -31.76 -7.16
C ARG A 623 -5.23 -30.91 -8.21
N ILE A 624 -6.24 -30.19 -7.78
CA ILE A 624 -6.94 -29.30 -8.68
C ILE A 624 -6.77 -27.91 -8.11
N ALA A 625 -6.29 -27.00 -8.94
CA ALA A 625 -6.08 -25.64 -8.49
C ALA A 625 -6.90 -24.69 -9.36
N ILE A 626 -6.84 -23.40 -9.03
CA ILE A 626 -7.57 -22.41 -9.80
C ILE A 626 -6.87 -21.07 -9.72
N TRP A 627 -6.87 -20.32 -10.82
CA TRP A 627 -6.24 -19.00 -10.80
C TRP A 627 -6.89 -18.03 -11.79
N GLY A 628 -6.77 -16.74 -11.50
CA GLY A 628 -7.34 -15.74 -12.37
C GLY A 628 -6.79 -14.37 -12.04
N TRP A 629 -6.97 -13.47 -13.00
CA TRP A 629 -6.46 -12.12 -12.88
C TRP A 629 -7.65 -11.20 -13.09
N SER A 630 -7.71 -10.11 -12.31
CA SER A 630 -8.79 -9.14 -12.48
C SER A 630 -10.16 -9.78 -12.18
N TYR A 631 -11.12 -9.75 -13.11
CA TYR A 631 -12.39 -10.40 -12.83
C TYR A 631 -12.07 -11.86 -12.48
N GLY A 632 -11.04 -12.39 -13.12
CA GLY A 632 -10.62 -13.77 -12.85
C GLY A 632 -10.14 -13.95 -11.41
N GLY A 633 -9.58 -12.89 -10.83
CA GLY A 633 -9.11 -12.97 -9.46
C GLY A 633 -10.30 -13.00 -8.51
N TYR A 634 -11.33 -12.21 -8.82
CA TYR A 634 -12.56 -12.18 -8.02
C TYR A 634 -13.22 -13.57 -8.02
N VAL A 635 -13.42 -14.14 -9.21
CA VAL A 635 -14.04 -15.45 -9.30
C VAL A 635 -13.22 -16.53 -8.58
N THR A 636 -11.89 -16.48 -8.71
CA THR A 636 -11.02 -17.45 -8.06
C THR A 636 -11.17 -17.34 -6.52
N SER A 637 -11.25 -16.10 -6.04
CA SER A 637 -11.41 -15.87 -4.61
C SER A 637 -12.79 -16.32 -4.17
N MET A 638 -13.81 -16.01 -4.94
CA MET A 638 -15.15 -16.44 -4.58
C MET A 638 -15.21 -17.97 -4.57
N VAL A 639 -14.55 -18.61 -5.53
CA VAL A 639 -14.53 -20.06 -5.57
C VAL A 639 -13.81 -20.62 -4.36
N LEU A 640 -12.60 -20.14 -4.10
CA LEU A 640 -11.84 -20.64 -2.97
C LEU A 640 -12.55 -20.41 -1.63
N GLY A 641 -13.45 -19.43 -1.60
CA GLY A 641 -14.19 -19.14 -0.38
C GLY A 641 -15.58 -19.75 -0.34
N SER A 642 -15.88 -20.60 -1.32
CA SER A 642 -17.19 -21.23 -1.43
C SER A 642 -17.37 -22.44 -0.52
N GLY A 643 -16.27 -23.01 -0.03
CA GLY A 643 -16.36 -24.19 0.79
C GLY A 643 -16.71 -25.44 -0.01
N SER A 644 -16.45 -25.42 -1.32
CA SER A 644 -16.76 -26.57 -2.17
C SER A 644 -15.84 -27.77 -1.94
N GLY A 645 -14.65 -27.53 -1.40
CA GLY A 645 -13.71 -28.61 -1.15
C GLY A 645 -13.04 -29.17 -2.40
N VAL A 646 -13.44 -28.70 -3.57
CA VAL A 646 -12.88 -29.20 -4.84
C VAL A 646 -11.45 -28.71 -5.14
N PHE A 647 -11.10 -27.54 -4.64
CA PHE A 647 -9.80 -26.99 -4.94
C PHE A 647 -8.83 -26.99 -3.79
N LYS A 648 -7.62 -27.46 -4.06
CA LYS A 648 -6.57 -27.48 -3.04
C LYS A 648 -5.90 -26.10 -2.82
N CYS A 649 -5.80 -25.33 -3.90
CA CYS A 649 -5.12 -24.05 -3.83
C CYS A 649 -5.55 -23.08 -4.94
N GLY A 650 -5.22 -21.81 -4.78
CA GLY A 650 -5.59 -20.85 -5.81
C GLY A 650 -4.77 -19.58 -5.76
N ILE A 651 -4.77 -18.87 -6.89
CA ILE A 651 -4.04 -17.62 -6.98
C ILE A 651 -4.95 -16.55 -7.56
N ALA A 652 -5.01 -15.40 -6.89
CA ALA A 652 -5.83 -14.29 -7.36
C ALA A 652 -4.93 -13.08 -7.55
N VAL A 653 -4.87 -12.59 -8.79
CA VAL A 653 -4.05 -11.42 -9.13
C VAL A 653 -4.99 -10.23 -9.38
N ALA A 654 -4.73 -9.13 -8.66
CA ALA A 654 -5.50 -7.89 -8.74
C ALA A 654 -7.01 -8.17 -8.82
N PRO A 655 -7.54 -8.88 -7.80
CA PRO A 655 -8.97 -9.15 -7.88
C PRO A 655 -9.87 -8.03 -7.42
N VAL A 656 -11.10 -8.08 -7.92
CA VAL A 656 -12.12 -7.18 -7.45
C VAL A 656 -12.55 -7.96 -6.18
N SER A 657 -12.89 -7.27 -5.09
CA SER A 657 -13.30 -7.97 -3.88
C SER A 657 -14.70 -7.58 -3.41
N ARG A 658 -15.17 -6.39 -3.79
CA ARG A 658 -16.53 -5.97 -3.44
C ARG A 658 -16.88 -4.93 -4.50
N TRP A 659 -18.02 -5.13 -5.13
CA TRP A 659 -18.41 -4.27 -6.23
C TRP A 659 -18.53 -2.77 -5.99
N GLU A 660 -18.74 -2.36 -4.75
CA GLU A 660 -18.82 -0.93 -4.47
C GLU A 660 -17.42 -0.29 -4.63
N TYR A 661 -16.38 -1.10 -4.75
CA TYR A 661 -15.04 -0.49 -4.92
C TYR A 661 -14.72 -0.26 -6.39
N TYR A 662 -15.48 -0.87 -7.28
CA TYR A 662 -15.20 -0.70 -8.69
C TYR A 662 -15.98 0.46 -9.30
N ASP A 663 -15.68 0.82 -10.55
CA ASP A 663 -16.32 1.99 -11.13
C ASP A 663 -17.78 1.87 -11.52
N SER A 664 -18.43 3.02 -11.55
CA SER A 664 -19.84 3.12 -11.88
C SER A 664 -20.29 2.57 -13.23
N VAL A 665 -19.66 3.02 -14.32
CA VAL A 665 -20.08 2.58 -15.66
C VAL A 665 -20.08 1.06 -15.84
N TYR A 666 -18.99 0.41 -15.48
CA TYR A 666 -18.96 -1.05 -15.62
C TYR A 666 -19.83 -1.75 -14.58
N THR A 667 -19.63 -1.42 -13.30
CA THR A 667 -20.38 -2.09 -12.24
C THR A 667 -21.91 -1.95 -12.32
N GLU A 668 -22.41 -0.73 -12.44
CA GLU A 668 -23.86 -0.50 -12.50
C GLU A 668 -24.50 -1.12 -13.73
N ARG A 669 -23.71 -1.34 -14.77
CA ARG A 669 -24.28 -1.92 -15.99
C ARG A 669 -24.82 -3.31 -15.66
N TYR A 670 -24.06 -4.04 -14.85
CA TYR A 670 -24.41 -5.39 -14.48
C TYR A 670 -25.11 -5.53 -13.14
N MET A 671 -24.91 -4.55 -12.26
CA MET A 671 -25.41 -4.58 -10.91
C MET A 671 -26.42 -3.51 -10.48
N GLY A 672 -26.73 -2.57 -11.35
CA GLY A 672 -27.63 -1.53 -10.92
C GLY A 672 -26.94 -0.71 -9.83
N LEU A 673 -27.73 -0.01 -9.02
CA LEU A 673 -27.20 0.84 -7.96
C LEU A 673 -27.19 0.19 -6.59
N PRO A 674 -26.17 0.53 -5.78
CA PRO A 674 -26.03 -0.02 -4.42
C PRO A 674 -26.84 0.77 -3.38
N THR A 675 -28.16 0.78 -3.55
CA THR A 675 -29.08 1.47 -2.65
C THR A 675 -30.12 0.44 -2.23
N PRO A 676 -30.70 0.60 -1.03
CA PRO A 676 -31.70 -0.38 -0.61
C PRO A 676 -32.87 -0.52 -1.59
N GLU A 677 -33.24 0.56 -2.26
CA GLU A 677 -34.34 0.48 -3.22
C GLU A 677 -33.93 -0.24 -4.49
N ASP A 678 -32.64 -0.31 -4.78
CA ASP A 678 -32.23 -1.00 -5.99
C ASP A 678 -31.56 -2.34 -5.73
N ASN A 679 -30.24 -2.41 -5.74
CA ASN A 679 -29.60 -3.72 -5.60
C ASN A 679 -28.55 -3.85 -4.49
N LEU A 680 -28.67 -3.01 -3.46
CA LEU A 680 -27.70 -3.05 -2.36
C LEU A 680 -27.48 -4.43 -1.71
N ASP A 681 -28.55 -5.17 -1.39
CA ASP A 681 -28.34 -6.48 -0.75
C ASP A 681 -27.42 -7.37 -1.54
N HIS A 682 -27.58 -7.40 -2.86
CA HIS A 682 -26.68 -8.26 -3.62
C HIS A 682 -25.26 -7.72 -3.66
N TYR A 683 -25.13 -6.39 -3.66
CA TYR A 683 -23.80 -5.79 -3.61
C TYR A 683 -23.13 -6.26 -2.32
N ARG A 684 -23.92 -6.37 -1.26
CA ARG A 684 -23.35 -6.78 0.03
C ARG A 684 -23.15 -8.28 0.21
N ASN A 685 -23.88 -9.09 -0.54
CA ASN A 685 -23.76 -10.53 -0.42
C ASN A 685 -22.72 -11.11 -1.38
N SER A 686 -22.22 -10.28 -2.28
CA SER A 686 -21.27 -10.78 -3.26
C SER A 686 -19.81 -10.40 -3.06
N THR A 687 -19.41 -10.13 -1.83
CA THR A 687 -18.03 -9.76 -1.59
C THR A 687 -17.17 -10.98 -1.26
N VAL A 688 -15.87 -10.85 -1.49
CA VAL A 688 -14.94 -11.91 -1.17
C VAL A 688 -14.79 -11.96 0.35
N MET A 689 -14.72 -10.79 0.98
CA MET A 689 -14.55 -10.72 2.43
C MET A 689 -15.52 -11.55 3.28
N SER A 690 -16.80 -11.58 2.90
CA SER A 690 -17.78 -12.33 3.69
C SER A 690 -17.51 -13.83 3.71
N ARG A 691 -16.68 -14.31 2.79
CA ARG A 691 -16.37 -15.74 2.72
C ARG A 691 -15.01 -16.11 3.34
N ALA A 692 -14.37 -15.15 4.02
CA ALA A 692 -13.04 -15.37 4.60
C ALA A 692 -12.88 -16.70 5.37
N GLU A 693 -13.81 -16.97 6.27
CA GLU A 693 -13.79 -18.20 7.07
C GLU A 693 -13.57 -19.46 6.23
N ASN A 694 -14.17 -19.52 5.05
CA ASN A 694 -14.02 -20.69 4.18
C ASN A 694 -12.64 -20.87 3.55
N PHE A 695 -11.73 -19.93 3.75
CA PHE A 695 -10.40 -20.09 3.18
C PHE A 695 -9.52 -20.95 4.10
N LYS A 696 -10.08 -21.39 5.23
CA LYS A 696 -9.29 -22.21 6.16
C LYS A 696 -8.77 -23.49 5.56
N GLN A 697 -9.51 -24.08 4.63
CA GLN A 697 -9.06 -25.34 4.05
C GLN A 697 -8.40 -25.28 2.67
N VAL A 698 -7.88 -24.11 2.28
CA VAL A 698 -7.22 -23.98 0.99
C VAL A 698 -5.96 -23.13 1.11
N GLU A 699 -5.03 -23.31 0.17
CA GLU A 699 -3.82 -22.51 0.14
C GLU A 699 -4.15 -21.40 -0.88
N TYR A 700 -3.98 -20.16 -0.44
CA TYR A 700 -4.32 -19.00 -1.24
C TYR A 700 -3.14 -18.06 -1.39
N LEU A 701 -2.92 -17.56 -2.60
CA LEU A 701 -1.83 -16.62 -2.87
C LEU A 701 -2.53 -15.38 -3.45
N LEU A 702 -2.39 -14.25 -2.77
CA LEU A 702 -3.02 -12.98 -3.16
C LEU A 702 -1.95 -12.00 -3.65
N ILE A 703 -2.12 -11.49 -4.86
CA ILE A 703 -1.14 -10.60 -5.47
C ILE A 703 -1.82 -9.33 -6.02
N HIS A 704 -1.16 -8.19 -5.88
CA HIS A 704 -1.74 -6.92 -6.38
C HIS A 704 -0.68 -5.83 -6.54
N GLY A 705 -0.78 -5.03 -7.59
CA GLY A 705 0.16 -3.94 -7.79
C GLY A 705 -0.30 -2.74 -6.96
N THR A 706 0.61 -2.10 -6.25
CA THR A 706 0.22 -0.98 -5.41
C THR A 706 -0.24 0.27 -6.17
N ALA A 707 0.14 0.38 -7.44
CA ALA A 707 -0.27 1.54 -8.23
C ALA A 707 -1.40 1.20 -9.22
N ASP A 708 -2.22 0.21 -8.87
CA ASP A 708 -3.33 -0.18 -9.73
C ASP A 708 -4.39 0.92 -9.67
N ASP A 709 -4.55 1.64 -10.78
CA ASP A 709 -5.52 2.73 -10.91
C ASP A 709 -6.88 2.21 -11.33
N ASN A 710 -6.93 0.95 -11.78
CA ASN A 710 -8.17 0.31 -12.27
C ASN A 710 -8.92 -0.43 -11.13
N VAL A 711 -8.36 -1.55 -10.67
CA VAL A 711 -8.90 -2.32 -9.54
C VAL A 711 -7.91 -1.91 -8.45
N HIS A 712 -8.34 -0.96 -7.63
CA HIS A 712 -7.46 -0.40 -6.61
C HIS A 712 -6.86 -1.41 -5.62
N PHE A 713 -5.63 -1.16 -5.21
CA PHE A 713 -4.97 -2.05 -4.25
C PHE A 713 -5.94 -2.25 -3.06
N GLN A 714 -6.73 -1.23 -2.77
CA GLN A 714 -7.74 -1.30 -1.71
C GLN A 714 -8.49 -2.64 -1.70
N GLN A 715 -8.89 -3.10 -2.88
CA GLN A 715 -9.66 -4.31 -2.98
C GLN A 715 -8.96 -5.52 -2.33
N SER A 716 -7.64 -5.68 -2.54
CA SER A 716 -6.91 -6.80 -1.92
C SER A 716 -6.58 -6.51 -0.48
N ALA A 717 -6.39 -5.22 -0.16
CA ALA A 717 -6.08 -4.82 1.22
C ALA A 717 -7.24 -5.21 2.11
N GLN A 718 -8.46 -5.17 1.58
CA GLN A 718 -9.63 -5.54 2.36
C GLN A 718 -9.75 -7.07 2.44
N ILE A 719 -9.29 -7.78 1.41
CA ILE A 719 -9.32 -9.25 1.46
C ILE A 719 -8.34 -9.74 2.53
N SER A 720 -7.11 -9.24 2.49
CA SER A 720 -6.11 -9.69 3.43
C SER A 720 -6.55 -9.39 4.86
N LYS A 721 -7.17 -8.24 5.10
CA LYS A 721 -7.63 -7.88 6.45
C LYS A 721 -8.71 -8.85 6.95
N ALA A 722 -9.65 -9.22 6.06
CA ALA A 722 -10.71 -10.16 6.44
C ALA A 722 -10.12 -11.54 6.80
N LEU A 723 -9.11 -11.98 6.05
CA LEU A 723 -8.47 -13.27 6.32
C LEU A 723 -7.72 -13.19 7.67
N VAL A 724 -7.06 -12.08 7.91
CA VAL A 724 -6.35 -11.91 9.18
C VAL A 724 -7.39 -11.93 10.30
N ASP A 725 -8.51 -11.23 10.10
CA ASP A 725 -9.53 -11.18 11.12
C ASP A 725 -10.15 -12.54 11.52
N VAL A 726 -10.13 -13.52 10.63
CA VAL A 726 -10.67 -14.85 10.96
C VAL A 726 -9.56 -15.85 11.24
N GLY A 727 -8.31 -15.40 11.28
CA GLY A 727 -7.20 -16.29 11.55
C GLY A 727 -6.86 -17.31 10.47
N VAL A 728 -6.93 -16.90 9.20
CA VAL A 728 -6.58 -17.81 8.13
C VAL A 728 -5.24 -17.39 7.53
N ASP A 729 -4.30 -18.34 7.47
CA ASP A 729 -3.00 -18.05 6.89
C ASP A 729 -3.11 -18.08 5.37
N PHE A 730 -2.29 -17.28 4.70
CA PHE A 730 -2.28 -17.25 3.23
C PHE A 730 -0.97 -16.62 2.76
N GLN A 731 -0.72 -16.67 1.46
CA GLN A 731 0.50 -16.12 0.86
C GLN A 731 0.14 -14.81 0.16
N ALA A 732 1.06 -13.86 0.16
CA ALA A 732 0.78 -12.58 -0.47
C ALA A 732 2.00 -12.04 -1.15
N MET A 733 1.76 -11.13 -2.08
CA MET A 733 2.82 -10.45 -2.78
C MET A 733 2.25 -9.15 -3.34
N TRP A 734 2.85 -8.02 -2.98
CA TRP A 734 2.42 -6.73 -3.53
C TRP A 734 3.53 -6.38 -4.52
N TYR A 735 3.22 -5.60 -5.55
CA TYR A 735 4.24 -5.18 -6.51
C TYR A 735 4.27 -3.66 -6.52
N THR A 736 5.31 -3.14 -5.89
CA THR A 736 5.51 -1.71 -5.80
C THR A 736 5.44 -1.00 -7.14
N ASP A 737 4.55 0.00 -7.20
CA ASP A 737 4.34 0.88 -8.35
C ASP A 737 3.85 0.25 -9.66
N GLU A 738 3.40 -1.01 -9.60
CA GLU A 738 2.86 -1.67 -10.78
C GLU A 738 1.36 -1.41 -10.82
N ASP A 739 0.79 -1.32 -12.02
CA ASP A 739 -0.64 -1.08 -12.16
C ASP A 739 -1.38 -2.40 -12.45
N HIS A 740 -2.60 -2.32 -12.98
CA HIS A 740 -3.38 -3.52 -13.24
C HIS A 740 -2.69 -4.55 -14.17
N GLY A 741 -1.77 -4.08 -15.00
CA GLY A 741 -1.11 -5.03 -15.91
C GLY A 741 0.12 -5.74 -15.34
N ILE A 742 0.68 -5.22 -14.24
CA ILE A 742 1.90 -5.79 -13.65
C ILE A 742 2.74 -6.25 -14.82
N ALA A 743 2.93 -5.33 -15.75
CA ALA A 743 3.61 -5.57 -17.01
C ALA A 743 5.03 -5.06 -17.21
N SER A 744 5.60 -4.33 -16.25
CA SER A 744 6.97 -3.92 -16.48
C SER A 744 7.74 -5.24 -16.66
N SER A 745 8.80 -5.21 -17.45
CA SER A 745 9.60 -6.40 -17.69
C SER A 745 10.01 -7.17 -16.41
N THR A 746 10.56 -6.48 -15.43
CA THR A 746 10.99 -7.17 -14.21
C THR A 746 9.82 -7.71 -13.36
N ALA A 747 8.75 -6.94 -13.19
CA ALA A 747 7.60 -7.41 -12.41
C ALA A 747 6.94 -8.62 -13.10
N HIS A 748 6.79 -8.55 -14.41
CA HIS A 748 6.19 -9.64 -15.18
C HIS A 748 6.92 -10.95 -14.91
N GLN A 749 8.24 -10.93 -15.07
CA GLN A 749 9.03 -12.11 -14.82
C GLN A 749 8.93 -12.56 -13.36
N HIS A 750 8.97 -11.60 -12.44
CA HIS A 750 8.89 -11.92 -11.02
C HIS A 750 7.57 -12.58 -10.60
N ILE A 751 6.46 -12.05 -11.09
CA ILE A 751 5.18 -12.62 -10.71
C ILE A 751 4.98 -14.04 -11.22
N TYR A 752 5.32 -14.27 -12.50
CA TYR A 752 5.16 -15.61 -13.04
C TYR A 752 6.13 -16.61 -12.39
N THR A 753 7.28 -16.13 -11.97
CA THR A 753 8.25 -16.99 -11.30
C THR A 753 7.67 -17.34 -9.92
N HIS A 754 7.15 -16.34 -9.22
CA HIS A 754 6.57 -16.55 -7.89
C HIS A 754 5.33 -17.46 -7.96
N MET A 755 4.47 -17.23 -8.95
CA MET A 755 3.29 -18.08 -9.08
C MET A 755 3.67 -19.54 -9.46
N SER A 756 4.69 -19.70 -10.29
CA SER A 756 5.15 -21.02 -10.70
C SER A 756 5.63 -21.83 -9.48
N HIS A 757 6.37 -21.20 -8.57
CA HIS A 757 6.84 -21.88 -7.36
C HIS A 757 5.61 -22.28 -6.52
N PHE A 758 4.62 -21.40 -6.47
CA PHE A 758 3.44 -21.67 -5.68
C PHE A 758 2.64 -22.86 -6.22
N ILE A 759 2.43 -22.89 -7.52
CA ILE A 759 1.70 -23.99 -8.13
C ILE A 759 2.46 -25.33 -7.98
N LYS A 760 3.75 -25.36 -8.31
CA LYS A 760 4.51 -26.60 -8.19
C LYS A 760 4.48 -27.12 -6.76
N GLN A 761 4.68 -26.22 -5.80
CA GLN A 761 4.63 -26.56 -4.39
C GLN A 761 3.25 -27.17 -4.06
N CYS A 762 2.17 -26.53 -4.51
CA CYS A 762 0.83 -27.04 -4.27
C CYS A 762 0.62 -28.42 -4.88
N PHE A 763 1.22 -28.67 -6.05
CA PHE A 763 1.08 -29.96 -6.75
C PHE A 763 2.20 -30.98 -6.42
N SER A 764 3.11 -30.62 -5.52
CA SER A 764 4.22 -31.48 -5.13
C SER A 764 5.09 -31.80 -6.34
N LEU A 765 5.36 -30.78 -7.14
CA LEU A 765 6.18 -30.96 -8.33
C LEU A 765 7.61 -30.48 -8.06
N PRO A 766 8.59 -31.36 -8.24
CA PRO A 766 10.00 -31.03 -8.02
C PRO A 766 10.40 -29.78 -8.78
N THR B 39 4.47 -37.63 29.78
CA THR B 39 5.46 -36.59 29.30
C THR B 39 4.84 -35.20 29.39
N ARG B 40 5.56 -34.24 29.97
CA ARG B 40 5.04 -32.89 30.07
C ARG B 40 4.92 -32.22 28.71
N LYS B 41 3.87 -31.41 28.55
CA LYS B 41 3.67 -30.68 27.31
C LYS B 41 4.73 -29.59 27.22
N THR B 42 4.86 -28.99 26.05
CA THR B 42 5.84 -27.92 25.86
C THR B 42 5.09 -26.59 25.77
N TYR B 43 5.84 -25.50 25.62
CA TYR B 43 5.22 -24.16 25.49
C TYR B 43 4.97 -24.01 23.98
N THR B 44 3.71 -24.06 23.58
CA THR B 44 3.32 -24.00 22.18
C THR B 44 3.01 -22.61 21.66
N LEU B 45 2.91 -22.50 20.34
CA LEU B 45 2.60 -21.23 19.70
C LEU B 45 1.25 -20.75 20.22
N THR B 46 0.29 -21.66 20.34
CA THR B 46 -1.01 -21.24 20.82
C THR B 46 -0.94 -20.71 22.25
N ASP B 47 -0.06 -21.30 23.06
CA ASP B 47 0.10 -20.85 24.44
C ASP B 47 0.53 -19.39 24.41
N TYR B 48 1.49 -19.10 23.54
CA TYR B 48 1.98 -17.74 23.40
C TYR B 48 0.90 -16.80 22.85
N LEU B 49 0.29 -17.18 21.72
CA LEU B 49 -0.74 -16.34 21.08
C LEU B 49 -2.02 -16.20 21.88
N LYS B 50 -2.31 -17.16 22.76
CA LYS B 50 -3.51 -17.09 23.58
C LYS B 50 -3.21 -16.68 25.00
N ASN B 51 -1.94 -16.42 25.29
CA ASN B 51 -1.53 -16.00 26.64
C ASN B 51 -2.07 -16.95 27.71
N THR B 52 -1.94 -18.25 27.49
CA THR B 52 -2.43 -19.19 28.48
C THR B 52 -1.66 -19.07 29.80
N TYR B 53 -0.36 -18.75 29.73
CA TYR B 53 0.45 -18.62 30.94
C TYR B 53 0.67 -17.13 31.24
N ARG B 54 -0.23 -16.58 32.04
CA ARG B 54 -0.23 -15.16 32.39
C ARG B 54 0.75 -14.73 33.48
N LEU B 55 1.58 -13.75 33.14
CA LEU B 55 2.52 -13.20 34.11
C LEU B 55 1.72 -12.22 34.97
N LYS B 56 1.78 -12.35 36.29
CA LYS B 56 1.05 -11.41 37.13
C LYS B 56 1.94 -10.24 37.49
N LEU B 57 1.36 -9.07 37.61
CA LEU B 57 2.15 -7.91 38.01
C LEU B 57 1.44 -7.21 39.16
N TYR B 58 2.00 -6.10 39.62
CA TYR B 58 1.39 -5.38 40.73
C TYR B 58 1.59 -3.91 40.46
N SER B 59 0.70 -3.33 39.66
CA SER B 59 0.78 -1.93 39.28
C SER B 59 0.03 -1.11 40.30
N LEU B 60 0.76 -0.29 41.05
CA LEU B 60 0.13 0.56 42.06
C LEU B 60 0.37 2.03 41.71
N ARG B 61 -0.43 2.91 42.29
CA ARG B 61 -0.27 4.35 42.06
C ARG B 61 -0.16 5.06 43.39
N TRP B 62 1.02 5.56 43.71
CA TRP B 62 1.23 6.27 44.97
C TRP B 62 0.37 7.54 44.95
N ILE B 63 -0.42 7.76 45.99
CA ILE B 63 -1.24 8.97 46.04
C ILE B 63 -0.70 9.93 47.09
N SER B 64 0.20 9.42 47.92
CA SER B 64 0.81 10.22 48.97
C SER B 64 2.10 9.53 49.37
N ASP B 65 2.64 9.92 50.52
CA ASP B 65 3.87 9.33 50.98
C ASP B 65 3.65 7.99 51.72
N HIS B 66 2.40 7.63 52.02
CA HIS B 66 2.10 6.37 52.72
C HIS B 66 0.98 5.55 52.13
N GLU B 67 0.33 6.04 51.07
CA GLU B 67 -0.76 5.28 50.48
C GLU B 67 -0.69 5.15 48.98
N TYR B 68 -1.19 4.03 48.46
CA TYR B 68 -1.22 3.81 47.03
C TYR B 68 -2.53 3.17 46.64
N LEU B 69 -2.87 3.32 45.36
CA LEU B 69 -4.10 2.75 44.83
C LEU B 69 -3.73 1.48 44.10
N TYR B 70 -4.60 0.48 44.20
CA TYR B 70 -4.37 -0.79 43.53
C TYR B 70 -5.72 -1.28 43.06
N LYS B 71 -5.79 -1.77 41.82
CA LYS B 71 -7.05 -2.26 41.25
C LYS B 71 -7.19 -3.75 41.56
N GLN B 72 -8.30 -4.12 42.22
CA GLN B 72 -8.56 -5.50 42.58
C GLN B 72 -10.04 -5.84 42.40
N GLU B 73 -10.33 -6.88 41.63
CA GLU B 73 -11.72 -7.27 41.41
C GLU B 73 -12.42 -6.08 40.72
N ASN B 74 -11.67 -5.35 39.90
CA ASN B 74 -12.22 -4.20 39.19
C ASN B 74 -12.56 -2.99 40.03
N ASN B 75 -12.49 -3.13 41.35
CA ASN B 75 -12.77 -1.98 42.21
C ASN B 75 -11.43 -1.40 42.62
N ILE B 76 -11.39 -0.10 42.86
CA ILE B 76 -10.15 0.56 43.25
C ILE B 76 -9.94 0.56 44.76
N LEU B 77 -8.88 -0.10 45.21
CA LEU B 77 -8.59 -0.15 46.63
C LEU B 77 -7.46 0.81 47.01
N VAL B 78 -7.47 1.27 48.26
CA VAL B 78 -6.42 2.14 48.74
C VAL B 78 -5.70 1.42 49.89
N PHE B 79 -4.39 1.28 49.73
CA PHE B 79 -3.55 0.59 50.72
C PHE B 79 -2.69 1.49 51.60
N ASN B 80 -2.47 1.00 52.82
CA ASN B 80 -1.63 1.70 53.77
C ASN B 80 -0.30 0.97 53.64
N ALA B 81 0.72 1.65 53.10
CA ALA B 81 2.02 1.02 52.91
C ALA B 81 2.62 0.43 54.18
N GLU B 82 2.51 1.17 55.27
CA GLU B 82 3.07 0.76 56.55
C GLU B 82 2.59 -0.58 57.07
N TYR B 83 1.29 -0.79 57.05
CA TYR B 83 0.71 -2.02 57.58
C TYR B 83 0.14 -2.98 56.55
N GLY B 84 -0.11 -2.50 55.34
CA GLY B 84 -0.61 -3.37 54.29
C GLY B 84 -2.11 -3.47 54.29
N ASN B 85 -2.77 -2.79 55.22
CA ASN B 85 -4.21 -2.83 55.27
C ASN B 85 -4.79 -1.91 54.19
N SER B 86 -6.08 -2.03 53.93
CA SER B 86 -6.68 -1.23 52.88
C SER B 86 -8.16 -0.99 53.07
N SER B 87 -8.75 -0.36 52.06
CA SER B 87 -10.18 -0.04 52.05
C SER B 87 -10.60 0.18 50.60
N VAL B 88 -11.90 0.14 50.37
CA VAL B 88 -12.41 0.33 49.02
C VAL B 88 -12.42 1.82 48.72
N PHE B 89 -11.65 2.21 47.71
CA PHE B 89 -11.59 3.61 47.34
C PHE B 89 -12.74 3.91 46.40
N LEU B 90 -12.95 3.05 45.42
CA LEU B 90 -14.00 3.26 44.46
C LEU B 90 -14.59 1.92 44.08
N GLU B 91 -15.80 1.66 44.56
CA GLU B 91 -16.49 0.41 44.28
C GLU B 91 -16.63 0.18 42.79
N ASN B 92 -16.37 -1.05 42.36
CA ASN B 92 -16.45 -1.39 40.94
C ASN B 92 -17.85 -1.19 40.33
N SER B 93 -18.83 -0.80 41.16
CA SER B 93 -20.19 -0.60 40.65
C SER B 93 -20.55 0.87 40.50
N THR B 94 -19.67 1.73 40.98
CA THR B 94 -19.88 3.16 40.93
C THR B 94 -20.38 3.67 39.58
N PHE B 95 -19.74 3.21 38.50
CA PHE B 95 -20.13 3.66 37.16
C PHE B 95 -20.73 2.59 36.25
N ASP B 96 -21.54 1.70 36.82
CA ASP B 96 -22.16 0.64 36.02
C ASP B 96 -23.24 1.17 35.08
N GLU B 97 -23.60 2.43 35.26
CA GLU B 97 -24.63 3.04 34.42
C GLU B 97 -24.10 4.36 33.84
N PHE B 98 -22.78 4.52 33.90
CA PHE B 98 -22.12 5.71 33.37
C PHE B 98 -22.53 5.88 31.92
N GLY B 99 -22.74 4.76 31.22
CA GLY B 99 -23.14 4.84 29.84
C GLY B 99 -22.00 4.56 28.88
N HIS B 100 -20.79 4.45 29.43
CA HIS B 100 -19.61 4.17 28.62
C HIS B 100 -18.64 3.32 29.43
N SER B 101 -17.73 2.67 28.74
CA SER B 101 -16.75 1.86 29.43
C SER B 101 -15.55 2.76 29.72
N ILE B 102 -15.29 3.03 30.99
CA ILE B 102 -14.18 3.89 31.37
C ILE B 102 -12.83 3.24 31.06
N ASN B 103 -12.08 3.89 30.16
CA ASN B 103 -10.77 3.41 29.74
C ASN B 103 -9.70 3.56 30.81
N ASP B 104 -9.76 4.64 31.57
CA ASP B 104 -8.78 4.89 32.61
C ASP B 104 -9.31 5.98 33.53
N TYR B 105 -8.66 6.14 34.68
CA TYR B 105 -9.09 7.14 35.63
C TYR B 105 -7.88 7.89 36.16
N SER B 106 -8.15 8.97 36.88
CA SER B 106 -7.06 9.76 37.43
C SER B 106 -7.58 10.64 38.56
N ILE B 107 -7.05 10.43 39.75
CA ILE B 107 -7.47 11.21 40.90
C ILE B 107 -6.62 12.46 41.03
N SER B 108 -7.29 13.58 41.31
CA SER B 108 -6.58 14.84 41.47
C SER B 108 -5.64 14.65 42.66
N PRO B 109 -4.56 15.43 42.70
CA PRO B 109 -3.58 15.37 43.79
C PRO B 109 -4.15 15.48 45.20
N ASP B 110 -5.19 16.27 45.38
CA ASP B 110 -5.77 16.44 46.70
C ASP B 110 -6.86 15.43 47.01
N GLY B 111 -6.98 14.42 46.16
CA GLY B 111 -7.99 13.39 46.36
C GLY B 111 -9.44 13.86 46.34
N GLN B 112 -9.72 15.08 45.88
CA GLN B 112 -11.12 15.55 45.87
C GLN B 112 -11.93 15.23 44.62
N PHE B 113 -11.25 14.95 43.51
CA PHE B 113 -11.93 14.67 42.26
C PHE B 113 -11.29 13.51 41.51
N ILE B 114 -12.03 12.91 40.59
CA ILE B 114 -11.46 11.81 39.82
C ILE B 114 -11.77 12.08 38.35
N LEU B 115 -10.75 11.96 37.51
CA LEU B 115 -10.90 12.21 36.08
C LEU B 115 -11.21 10.89 35.42
N LEU B 116 -12.33 10.82 34.72
CA LEU B 116 -12.73 9.59 34.05
C LEU B 116 -12.44 9.73 32.57
N GLU B 117 -11.73 8.76 32.03
CA GLU B 117 -11.36 8.81 30.62
C GLU B 117 -12.10 7.72 29.83
N TYR B 118 -12.75 8.10 28.74
CA TYR B 118 -13.45 7.13 27.90
C TYR B 118 -13.44 7.54 26.43
N ASN B 119 -13.94 6.66 25.57
CA ASN B 119 -13.95 6.94 24.14
C ASN B 119 -12.51 7.05 23.66
N TYR B 120 -11.63 6.30 24.30
CA TYR B 120 -10.22 6.28 23.97
C TYR B 120 -9.94 5.93 22.52
N VAL B 121 -9.24 6.82 21.83
CA VAL B 121 -8.88 6.58 20.44
C VAL B 121 -7.37 6.80 20.28
N LYS B 122 -6.63 5.71 20.16
CA LYS B 122 -5.19 5.79 20.00
C LYS B 122 -4.73 6.57 18.77
N GLN B 123 -3.63 7.28 18.93
CA GLN B 123 -3.05 7.97 17.79
C GLN B 123 -1.65 7.37 17.56
N TRP B 124 -0.59 8.02 18.02
CA TRP B 124 0.72 7.44 17.77
C TRP B 124 1.20 6.57 18.94
N ARG B 125 2.50 6.61 19.27
CA ARG B 125 2.98 5.77 20.34
C ARG B 125 2.45 6.19 21.71
N HIS B 126 2.37 7.50 21.94
CA HIS B 126 1.90 8.02 23.22
C HIS B 126 0.59 8.79 23.10
N SER B 127 0.40 9.47 21.98
CA SER B 127 -0.81 10.28 21.82
C SER B 127 -2.09 9.47 21.60
N TYR B 128 -3.21 10.11 21.93
CA TYR B 128 -4.55 9.53 21.76
C TYR B 128 -5.61 10.60 22.07
N THR B 129 -6.83 10.38 21.63
CA THR B 129 -7.89 11.33 21.95
C THR B 129 -8.92 10.58 22.78
N ALA B 130 -9.68 11.33 23.57
CA ALA B 130 -10.68 10.69 24.41
C ALA B 130 -11.64 11.70 25.00
N SER B 131 -12.74 11.20 25.54
CA SER B 131 -13.72 12.05 26.22
C SER B 131 -13.39 11.96 27.70
N TYR B 132 -13.77 12.98 28.45
CA TYR B 132 -13.48 13.01 29.86
C TYR B 132 -14.65 13.56 30.66
N ASP B 133 -14.81 13.06 31.88
CA ASP B 133 -15.83 13.57 32.77
C ASP B 133 -15.12 13.62 34.11
N ILE B 134 -15.60 14.47 34.99
CA ILE B 134 -15.00 14.61 36.29
C ILE B 134 -16.03 14.20 37.33
N TYR B 135 -15.62 13.36 38.26
CA TYR B 135 -16.52 12.90 39.32
C TYR B 135 -16.07 13.56 40.61
N ASP B 136 -17.01 14.20 41.32
CA ASP B 136 -16.72 14.85 42.59
C ASP B 136 -16.80 13.74 43.64
N LEU B 137 -15.64 13.33 44.16
CA LEU B 137 -15.54 12.25 45.16
C LEU B 137 -16.24 12.54 46.45
N ASN B 138 -16.19 13.79 46.89
CA ASN B 138 -16.84 14.14 48.13
C ASN B 138 -18.35 13.93 48.02
N LYS B 139 -19.02 14.86 47.36
CA LYS B 139 -20.45 14.76 47.21
C LYS B 139 -20.87 13.62 46.28
N ARG B 140 -19.92 12.74 45.97
CA ARG B 140 -20.17 11.59 45.11
C ARG B 140 -21.14 11.84 43.95
N GLN B 141 -20.83 12.84 43.12
CA GLN B 141 -21.65 13.16 41.96
C GLN B 141 -20.73 13.44 40.76
N LEU B 142 -21.32 13.37 39.58
CA LEU B 142 -20.61 13.62 38.33
C LEU B 142 -20.84 15.08 37.99
N ILE B 143 -19.83 15.74 37.43
CA ILE B 143 -19.98 17.14 37.08
C ILE B 143 -20.61 17.22 35.70
N THR B 144 -21.71 17.96 35.60
CA THR B 144 -22.42 18.08 34.35
C THR B 144 -22.30 19.43 33.65
N GLU B 145 -21.64 20.39 34.29
CA GLU B 145 -21.47 21.69 33.67
C GLU B 145 -20.01 21.99 33.37
N GLU B 146 -19.80 22.83 32.36
CA GLU B 146 -18.45 23.24 31.95
C GLU B 146 -17.57 22.02 31.82
N ARG B 147 -18.09 21.02 31.11
CA ARG B 147 -17.39 19.76 30.89
C ARG B 147 -16.25 19.88 29.93
N ILE B 148 -15.24 19.03 30.13
CA ILE B 148 -14.08 18.98 29.26
C ILE B 148 -14.65 18.60 27.91
N PRO B 149 -14.29 19.34 26.85
CA PRO B 149 -14.74 19.12 25.47
C PRO B 149 -14.48 17.73 24.94
N ASN B 150 -15.34 17.27 24.04
CA ASN B 150 -15.10 15.98 23.42
C ASN B 150 -13.90 16.20 22.49
N ASN B 151 -13.17 15.13 22.23
CA ASN B 151 -12.00 15.17 21.35
C ASN B 151 -10.87 15.97 21.99
N THR B 152 -10.74 15.86 23.31
CA THR B 152 -9.68 16.54 24.01
C THR B 152 -8.43 15.71 23.75
N GLN B 153 -7.34 16.40 23.45
CA GLN B 153 -6.09 15.76 23.11
C GLN B 153 -5.20 15.41 24.27
N TRP B 154 -5.34 16.13 25.37
CA TRP B 154 -4.53 15.85 26.54
C TRP B 154 -5.08 16.60 27.73
N VAL B 155 -5.00 15.99 28.91
CA VAL B 155 -5.47 16.63 30.13
C VAL B 155 -4.57 16.25 31.27
N THR B 156 -4.30 17.21 32.14
CA THR B 156 -3.45 16.95 33.30
C THR B 156 -3.82 17.84 34.49
N TRP B 157 -3.89 17.22 35.65
CA TRP B 157 -4.20 17.91 36.89
C TRP B 157 -2.97 18.73 37.25
N SER B 158 -3.14 19.76 38.07
CA SER B 158 -1.98 20.51 38.54
C SER B 158 -1.29 19.53 39.51
N PRO B 159 0.00 19.74 39.83
CA PRO B 159 0.71 18.83 40.74
C PRO B 159 0.15 18.80 42.17
N VAL B 160 -0.54 19.87 42.57
CA VAL B 160 -1.15 19.98 43.88
C VAL B 160 -2.56 20.54 43.68
N GLY B 161 -3.47 20.24 44.60
CA GLY B 161 -4.84 20.73 44.48
C GLY B 161 -5.62 19.99 43.43
N HIS B 162 -6.34 20.75 42.58
CA HIS B 162 -7.15 20.15 41.51
C HIS B 162 -7.39 21.05 40.29
N LYS B 163 -6.39 21.86 39.93
CA LYS B 163 -6.51 22.69 38.73
C LYS B 163 -6.38 21.69 37.59
N LEU B 164 -6.85 22.07 36.41
CA LEU B 164 -6.78 21.22 35.24
C LEU B 164 -6.29 22.02 34.06
N ALA B 165 -5.41 21.44 33.27
CA ALA B 165 -4.95 22.11 32.06
C ALA B 165 -5.22 21.09 30.98
N TYR B 166 -5.78 21.51 29.85
CA TYR B 166 -6.02 20.57 28.77
C TYR B 166 -5.83 21.20 27.42
N VAL B 167 -5.65 20.36 26.40
CA VAL B 167 -5.45 20.83 25.05
C VAL B 167 -6.61 20.32 24.22
N TRP B 168 -7.22 21.24 23.46
CA TRP B 168 -8.35 20.93 22.61
C TRP B 168 -8.22 21.78 21.35
N ASN B 169 -8.27 21.12 20.20
CA ASN B 169 -8.10 21.80 18.91
C ASN B 169 -6.77 22.57 18.90
N ASN B 170 -5.73 21.92 19.43
CA ASN B 170 -4.39 22.46 19.46
C ASN B 170 -4.12 23.72 20.32
N ASP B 171 -5.06 24.08 21.20
CA ASP B 171 -4.89 25.22 22.11
C ASP B 171 -4.98 24.78 23.56
N ILE B 172 -4.34 25.52 24.44
CA ILE B 172 -4.35 25.20 25.86
C ILE B 172 -5.47 25.92 26.57
N TYR B 173 -6.08 25.21 27.51
CA TYR B 173 -7.15 25.72 28.34
C TYR B 173 -6.85 25.33 29.80
N VAL B 174 -7.23 26.18 30.75
CA VAL B 174 -7.04 25.90 32.17
C VAL B 174 -8.34 26.07 32.96
N LYS B 175 -8.63 25.15 33.84
CA LYS B 175 -9.82 25.26 34.67
C LYS B 175 -9.32 25.32 36.09
N ILE B 176 -9.62 26.41 36.79
CA ILE B 176 -9.20 26.54 38.20
C ILE B 176 -10.07 25.59 39.06
N GLU B 177 -11.34 25.45 38.71
CA GLU B 177 -12.25 24.56 39.44
C GLU B 177 -12.93 23.70 38.40
N PRO B 178 -13.10 22.41 38.70
CA PRO B 178 -13.73 21.42 37.82
C PRO B 178 -15.05 21.83 37.17
N ASN B 179 -15.90 22.52 37.93
CA ASN B 179 -17.22 22.91 37.43
C ASN B 179 -17.33 24.32 36.91
N LEU B 180 -16.22 25.04 36.85
CA LEU B 180 -16.26 26.42 36.38
C LEU B 180 -15.74 26.56 34.94
N PRO B 181 -16.05 27.70 34.29
CA PRO B 181 -15.59 27.90 32.90
C PRO B 181 -14.06 27.87 32.76
N SER B 182 -13.60 27.40 31.60
CA SER B 182 -12.18 27.31 31.31
C SER B 182 -11.65 28.66 30.87
N TYR B 183 -10.34 28.89 31.10
CA TYR B 183 -9.68 30.10 30.62
C TYR B 183 -8.83 29.64 29.42
N ARG B 184 -9.00 30.34 28.31
CA ARG B 184 -8.29 30.06 27.08
C ARG B 184 -6.89 30.63 27.23
N ILE B 185 -5.86 29.86 26.92
CA ILE B 185 -4.47 30.34 27.05
C ILE B 185 -3.82 30.70 25.71
N THR B 186 -4.14 29.95 24.65
CA THR B 186 -3.59 30.23 23.31
C THR B 186 -4.71 30.28 22.26
N TRP B 187 -4.49 31.04 21.18
CA TRP B 187 -5.50 31.17 20.12
C TRP B 187 -4.91 30.85 18.75
N THR B 188 -3.68 30.35 18.74
CA THR B 188 -2.98 30.02 17.51
C THR B 188 -3.09 28.57 17.03
N GLY B 189 -3.62 27.70 17.87
CA GLY B 189 -3.74 26.31 17.49
C GLY B 189 -4.28 26.12 16.09
N LYS B 190 -3.68 25.21 15.33
CA LYS B 190 -4.15 24.98 13.96
C LYS B 190 -3.78 23.54 13.61
N GLU B 191 -4.79 22.73 13.31
CA GLU B 191 -4.59 21.32 12.98
C GLU B 191 -3.41 21.07 12.05
N ASP B 192 -2.52 20.16 12.44
CA ASP B 192 -1.31 19.82 11.68
C ASP B 192 -0.35 20.98 11.43
N ILE B 193 -0.58 22.12 12.08
CA ILE B 193 0.29 23.27 11.84
C ILE B 193 0.91 23.90 13.09
N ILE B 194 0.04 24.38 13.98
CA ILE B 194 0.50 24.98 15.22
C ILE B 194 -0.01 24.09 16.36
N TYR B 195 0.91 23.60 17.18
CA TYR B 195 0.57 22.75 18.33
C TYR B 195 0.95 23.47 19.62
N ASN B 196 -0.03 23.81 20.44
CA ASN B 196 0.28 24.45 21.71
C ASN B 196 0.04 23.44 22.82
N GLY B 197 1.06 23.21 23.65
CA GLY B 197 0.86 22.29 24.75
C GLY B 197 0.94 20.82 24.41
N ILE B 198 0.99 20.48 23.12
CA ILE B 198 1.14 19.10 22.70
C ILE B 198 2.24 19.06 21.64
N THR B 199 2.87 17.91 21.49
CA THR B 199 3.97 17.72 20.54
C THR B 199 3.46 17.37 19.14
N ASP B 200 4.29 17.57 18.13
CA ASP B 200 3.93 17.16 16.78
C ASP B 200 4.44 15.72 16.69
N TRP B 201 4.42 15.11 15.51
CA TRP B 201 4.84 13.72 15.44
C TRP B 201 6.25 13.46 15.92
N VAL B 202 7.21 14.18 15.37
CA VAL B 202 8.59 13.91 15.71
C VAL B 202 8.99 14.26 17.16
N TYR B 203 8.39 15.30 17.72
CA TYR B 203 8.72 15.65 19.10
C TYR B 203 8.11 14.58 20.01
N GLU B 204 6.94 14.05 19.62
CA GLU B 204 6.30 13.02 20.42
C GLU B 204 7.16 11.76 20.46
N GLU B 205 7.48 11.24 19.28
CA GLU B 205 8.24 10.02 19.18
C GLU B 205 9.73 10.07 19.51
N GLU B 206 10.42 11.10 19.07
CA GLU B 206 11.86 11.14 19.26
C GLU B 206 12.46 12.02 20.36
N VAL B 207 11.82 13.14 20.65
CA VAL B 207 12.37 14.06 21.63
C VAL B 207 11.85 13.89 23.02
N PHE B 208 10.53 13.98 23.20
CA PHE B 208 9.93 13.87 24.52
C PHE B 208 9.37 12.51 24.93
N SER B 209 9.13 11.62 23.98
CA SER B 209 8.54 10.31 24.29
C SER B 209 7.27 10.53 25.07
N ALA B 210 6.51 11.52 24.66
CA ALA B 210 5.25 11.86 25.31
C ALA B 210 4.54 12.81 24.39
N TYR B 211 3.23 12.88 24.57
CA TYR B 211 2.42 13.74 23.75
C TYR B 211 2.28 15.15 24.33
N SER B 212 2.23 15.25 25.66
CA SER B 212 2.09 16.57 26.26
C SER B 212 3.34 17.40 26.19
N ALA B 213 3.14 18.70 26.05
CA ALA B 213 4.21 19.66 25.98
C ALA B 213 3.83 20.80 26.90
N LEU B 214 3.38 20.45 28.10
CA LEU B 214 3.09 21.47 29.11
C LEU B 214 3.59 20.94 30.44
N TRP B 215 4.06 21.86 31.29
CA TRP B 215 4.65 21.50 32.57
C TRP B 215 4.23 22.46 33.68
N TRP B 216 3.44 21.97 34.63
CA TRP B 216 3.00 22.76 35.78
C TRP B 216 4.18 23.02 36.72
N SER B 217 4.22 24.20 37.34
CA SER B 217 5.28 24.47 38.30
C SER B 217 4.91 23.60 39.51
N PRO B 218 5.85 23.39 40.45
CA PRO B 218 5.61 22.55 41.63
C PRO B 218 4.33 22.71 42.41
N ASN B 219 3.99 23.93 42.82
CA ASN B 219 2.76 24.10 43.56
C ASN B 219 1.59 24.51 42.65
N GLY B 220 1.82 24.46 41.33
CA GLY B 220 0.76 24.77 40.38
C GLY B 220 0.47 26.20 39.99
N THR B 221 1.24 27.15 40.49
CA THR B 221 1.01 28.54 40.13
C THR B 221 1.26 28.82 38.65
N PHE B 222 2.41 28.37 38.15
CA PHE B 222 2.76 28.61 36.76
C PHE B 222 2.50 27.40 35.86
N LEU B 223 2.21 27.69 34.60
CA LEU B 223 2.01 26.65 33.59
C LEU B 223 2.94 26.98 32.44
N ALA B 224 3.92 26.13 32.21
CA ALA B 224 4.87 26.34 31.13
C ALA B 224 4.44 25.45 29.98
N TYR B 225 4.74 25.84 28.75
CA TYR B 225 4.37 25.01 27.63
C TYR B 225 5.17 25.36 26.42
N ALA B 226 5.25 24.42 25.48
CA ALA B 226 5.96 24.67 24.23
C ALA B 226 4.93 24.81 23.09
N GLN B 227 5.35 25.47 22.03
CA GLN B 227 4.51 25.66 20.86
C GLN B 227 5.33 25.21 19.65
N PHE B 228 4.79 24.29 18.86
CA PHE B 228 5.52 23.82 17.68
C PHE B 228 4.84 24.32 16.43
N ASN B 229 5.67 24.72 15.47
CA ASN B 229 5.18 25.22 14.20
C ASN B 229 5.67 24.29 13.11
N ASP B 230 4.76 23.58 12.49
CA ASP B 230 5.11 22.64 11.43
C ASP B 230 4.72 23.13 10.04
N THR B 231 4.48 24.43 9.90
CA THR B 231 4.06 25.02 8.63
C THR B 231 4.79 24.52 7.40
N GLU B 232 6.11 24.47 7.47
CA GLU B 232 6.88 24.04 6.32
C GLU B 232 7.42 22.62 6.39
N VAL B 233 6.96 21.85 7.37
CA VAL B 233 7.42 20.46 7.48
C VAL B 233 6.71 19.62 6.43
N PRO B 234 7.46 18.85 5.61
CA PRO B 234 6.79 18.03 4.59
C PRO B 234 5.93 16.95 5.24
N LEU B 235 4.92 16.49 4.49
CA LEU B 235 3.99 15.46 4.97
C LEU B 235 4.24 14.07 4.40
N ILE B 236 4.18 13.05 5.26
CA ILE B 236 4.26 11.68 4.78
C ILE B 236 2.77 11.42 4.53
N GLU B 237 2.47 10.75 3.42
CA GLU B 237 1.08 10.46 3.09
C GLU B 237 0.96 8.98 2.74
N TYR B 238 -0.04 8.31 3.30
CA TYR B 238 -0.26 6.89 2.99
C TYR B 238 -1.76 6.64 3.10
N SER B 239 -2.24 5.57 2.44
CA SER B 239 -3.66 5.27 2.49
C SER B 239 -4.02 4.52 3.75
N PHE B 240 -5.24 4.75 4.22
CA PHE B 240 -5.78 4.02 5.35
C PHE B 240 -7.11 3.52 4.80
N TYR B 241 -7.30 2.21 4.86
CA TYR B 241 -8.48 1.58 4.28
C TYR B 241 -9.70 1.46 5.16
N SER B 242 -9.48 1.33 6.47
CA SER B 242 -10.59 1.26 7.43
C SER B 242 -11.50 0.04 7.19
N ASP B 243 -12.69 0.07 7.76
CA ASP B 243 -13.63 -1.03 7.60
C ASP B 243 -14.02 -1.12 6.13
N GLU B 244 -14.49 -2.31 5.77
CA GLU B 244 -14.90 -2.65 4.42
C GLU B 244 -15.96 -1.68 3.87
N SER B 245 -16.78 -1.12 4.77
CA SER B 245 -17.83 -0.18 4.37
C SER B 245 -17.30 1.11 3.75
N LEU B 246 -16.08 1.50 4.07
CA LEU B 246 -15.53 2.74 3.49
C LEU B 246 -15.29 2.52 2.00
N GLN B 247 -15.98 3.31 1.16
CA GLN B 247 -15.87 3.15 -0.28
C GLN B 247 -14.57 3.67 -0.88
N TYR B 248 -14.11 4.84 -0.44
CA TYR B 248 -12.85 5.42 -0.92
C TYR B 248 -11.81 5.38 0.21
N PRO B 249 -10.60 4.87 -0.08
CA PRO B 249 -9.61 4.85 1.00
C PRO B 249 -9.32 6.28 1.47
N LYS B 250 -8.95 6.42 2.73
CA LYS B 250 -8.60 7.73 3.28
C LYS B 250 -7.09 7.92 3.11
N THR B 251 -6.68 9.16 2.89
CA THR B 251 -5.24 9.46 2.79
C THR B 251 -4.82 10.13 4.11
N VAL B 252 -3.96 9.45 4.86
CA VAL B 252 -3.47 10.00 6.11
C VAL B 252 -2.30 10.91 5.77
N ARG B 253 -2.28 12.12 6.33
CA ARG B 253 -1.24 13.10 6.06
C ARG B 253 -0.66 13.62 7.37
N VAL B 254 0.62 13.38 7.59
CA VAL B 254 1.26 13.79 8.84
C VAL B 254 2.55 14.55 8.65
N PRO B 255 2.67 15.72 9.30
CA PRO B 255 3.90 16.53 9.21
C PRO B 255 4.98 15.61 9.80
N TYR B 256 5.95 15.23 8.99
CA TYR B 256 6.99 14.31 9.38
C TYR B 256 8.25 14.71 8.64
N PRO B 257 9.27 15.17 9.37
CA PRO B 257 10.52 15.57 8.73
C PRO B 257 11.48 14.39 8.52
N LYS B 258 11.71 13.99 7.27
CA LYS B 258 12.65 12.92 6.98
C LYS B 258 14.06 13.52 7.10
N ALA B 259 15.09 12.69 7.08
CA ALA B 259 16.45 13.19 7.27
C ALA B 259 16.85 14.35 6.36
N GLY B 260 17.31 15.43 6.97
CA GLY B 260 17.71 16.59 6.20
C GLY B 260 16.59 17.53 5.75
N ALA B 261 15.33 17.15 5.98
CA ALA B 261 14.20 17.98 5.57
C ALA B 261 13.92 19.13 6.53
N VAL B 262 12.96 20.00 6.20
CA VAL B 262 12.61 21.11 7.08
C VAL B 262 11.96 20.62 8.38
N ASN B 263 12.51 21.04 9.51
CA ASN B 263 12.01 20.66 10.82
C ASN B 263 10.99 21.63 11.38
N PRO B 264 10.25 21.19 12.41
CA PRO B 264 9.27 22.11 12.98
C PRO B 264 10.13 23.07 13.81
N THR B 265 9.64 24.28 14.06
CA THR B 265 10.40 25.19 14.91
C THR B 265 9.64 25.19 16.22
N VAL B 266 10.24 25.71 17.28
CA VAL B 266 9.58 25.67 18.56
C VAL B 266 9.75 26.91 19.38
N LYS B 267 8.75 27.21 20.21
CA LYS B 267 8.81 28.36 21.12
C LYS B 267 8.39 27.90 22.51
N PHE B 268 8.87 28.59 23.53
CA PHE B 268 8.58 28.22 24.90
C PHE B 268 7.96 29.38 25.67
N PHE B 269 6.92 29.09 26.45
CA PHE B 269 6.21 30.11 27.23
C PHE B 269 5.85 29.70 28.66
N VAL B 270 5.61 30.69 29.51
CA VAL B 270 5.18 30.41 30.88
C VAL B 270 4.05 31.40 31.22
N VAL B 271 2.92 30.89 31.76
CA VAL B 271 1.82 31.77 32.14
C VAL B 271 1.53 31.57 33.63
N ASN B 272 1.15 32.65 34.31
CA ASN B 272 0.82 32.57 35.74
C ASN B 272 -0.68 32.25 35.86
N THR B 273 -1.02 30.99 36.10
CA THR B 273 -2.43 30.59 36.19
C THR B 273 -3.15 31.22 37.37
N ASP B 274 -2.42 31.69 38.38
CA ASP B 274 -3.09 32.31 39.53
C ASP B 274 -3.68 33.67 39.17
N SER B 275 -3.27 34.23 38.06
CA SER B 275 -3.80 35.54 37.67
C SER B 275 -4.97 35.44 36.69
N LEU B 276 -5.29 34.23 36.25
CA LEU B 276 -6.35 34.02 35.28
C LEU B 276 -7.72 34.63 35.64
N SER B 277 -8.14 34.51 36.89
CA SER B 277 -9.42 35.05 37.28
C SER B 277 -9.37 36.52 37.62
N SER B 278 -8.22 37.17 37.39
CA SER B 278 -8.06 38.59 37.70
C SER B 278 -7.82 39.47 36.49
N VAL B 279 -7.38 38.88 35.39
CA VAL B 279 -7.16 39.66 34.17
C VAL B 279 -7.90 38.98 33.01
N THR B 280 -8.38 39.77 32.05
CA THR B 280 -9.13 39.19 30.95
C THR B 280 -8.34 38.21 30.08
N ASN B 281 -7.04 38.46 29.92
CA ASN B 281 -6.21 37.62 29.06
C ASN B 281 -4.79 37.52 29.62
N ALA B 282 -4.53 36.54 30.48
CA ALA B 282 -3.20 36.39 31.09
C ALA B 282 -2.09 36.27 30.04
N THR B 283 -1.03 37.03 30.26
CA THR B 283 0.12 37.05 29.36
C THR B 283 1.04 35.82 29.47
N SER B 284 1.29 35.16 28.33
CA SER B 284 2.20 34.03 28.25
C SER B 284 3.58 34.66 28.01
N ILE B 285 4.46 34.57 28.99
CA ILE B 285 5.79 35.15 28.86
C ILE B 285 6.69 34.18 28.11
N GLN B 286 7.26 34.62 27.00
CA GLN B 286 8.13 33.72 26.25
C GLN B 286 9.54 33.73 26.84
N ILE B 287 10.19 32.57 26.82
CA ILE B 287 11.58 32.50 27.25
C ILE B 287 12.25 32.04 25.96
N THR B 288 13.10 32.90 25.41
CA THR B 288 13.76 32.58 24.15
C THR B 288 15.02 31.73 24.28
N ALA B 289 15.29 30.97 23.23
CA ALA B 289 16.46 30.08 23.21
C ALA B 289 17.68 31.00 23.17
N PRO B 290 18.84 30.52 23.66
CA PRO B 290 20.06 31.35 23.65
C PRO B 290 20.53 31.65 22.23
N ALA B 291 21.27 32.75 22.07
CA ALA B 291 21.79 33.13 20.76
C ALA B 291 22.56 31.99 20.12
N SER B 292 23.26 31.20 20.94
CA SER B 292 24.01 30.08 20.40
C SER B 292 23.09 29.06 19.68
N MET B 293 21.79 29.09 20.01
CA MET B 293 20.84 28.17 19.38
C MET B 293 20.11 28.85 18.23
N LEU B 294 19.76 30.12 18.42
CA LEU B 294 19.05 30.86 17.38
C LEU B 294 19.86 30.97 16.07
N ILE B 295 21.18 30.83 16.12
CA ILE B 295 22.00 30.90 14.89
C ILE B 295 21.58 29.88 13.84
N GLY B 296 20.92 28.81 14.25
CA GLY B 296 20.49 27.81 13.28
C GLY B 296 19.31 26.98 13.77
N ASP B 297 19.04 25.88 13.08
CA ASP B 297 17.95 24.98 13.47
C ASP B 297 18.29 24.41 14.83
N HIS B 298 17.27 24.21 15.65
CA HIS B 298 17.50 23.66 16.99
C HIS B 298 16.27 22.94 17.52
N TYR B 299 16.42 22.33 18.70
CA TYR B 299 15.32 21.62 19.34
C TYR B 299 15.26 22.01 20.81
N LEU B 300 14.08 21.85 21.40
CA LEU B 300 13.85 22.06 22.83
C LEU B 300 13.89 20.61 23.30
N CYS B 301 14.86 20.24 24.13
CA CYS B 301 14.96 18.83 24.53
C CYS B 301 14.70 18.51 26.00
N ASP B 302 14.46 19.52 26.81
CA ASP B 302 14.16 19.29 28.21
C ASP B 302 13.55 20.48 28.92
N VAL B 303 12.62 20.18 29.82
CA VAL B 303 11.98 21.20 30.63
C VAL B 303 11.84 20.57 32.01
N THR B 304 12.41 21.21 33.02
CA THR B 304 12.35 20.69 34.37
C THR B 304 12.30 21.86 35.33
N TRP B 305 11.21 21.94 36.11
CA TRP B 305 11.07 23.01 37.10
C TRP B 305 12.04 22.69 38.24
N ALA B 306 12.66 23.72 38.81
CA ALA B 306 13.59 23.54 39.93
C ALA B 306 12.93 23.96 41.24
N THR B 307 12.18 25.06 41.21
CA THR B 307 11.48 25.54 42.40
C THR B 307 10.19 26.23 41.92
N GLN B 308 9.46 26.84 42.84
CA GLN B 308 8.22 27.53 42.51
C GLN B 308 8.47 28.68 41.54
N GLU B 309 9.69 29.22 41.60
CA GLU B 309 10.03 30.35 40.76
C GLU B 309 11.29 30.18 39.92
N ARG B 310 11.71 28.94 39.70
CA ARG B 310 12.90 28.67 38.89
C ARG B 310 12.62 27.49 37.94
N ILE B 311 12.79 27.71 36.66
CA ILE B 311 12.58 26.65 35.68
C ILE B 311 13.85 26.52 34.86
N SER B 312 14.20 25.29 34.50
CA SER B 312 15.37 25.06 33.68
C SER B 312 14.86 24.47 32.38
N LEU B 313 15.53 24.82 31.30
CA LEU B 313 15.15 24.29 30.01
C LEU B 313 16.41 24.05 29.23
N GLN B 314 16.36 23.08 28.34
CA GLN B 314 17.54 22.77 27.57
C GLN B 314 17.25 22.72 26.09
N TRP B 315 18.22 23.22 25.33
CA TRP B 315 18.14 23.28 23.90
C TRP B 315 19.26 22.43 23.30
N LEU B 316 19.03 21.92 22.09
CA LEU B 316 19.99 21.08 21.38
C LEU B 316 20.07 21.57 19.92
N ARG B 317 21.29 21.75 19.41
CA ARG B 317 21.45 22.18 18.03
C ARG B 317 21.00 21.07 17.10
N ARG B 318 20.54 21.42 15.91
CA ARG B 318 20.10 20.38 14.98
C ARG B 318 21.26 19.39 14.77
N ILE B 319 22.49 19.90 14.76
CA ILE B 319 23.67 19.03 14.67
C ILE B 319 23.79 18.74 16.17
N GLN B 320 23.24 17.60 16.58
CA GLN B 320 23.17 17.22 17.98
C GLN B 320 24.43 16.94 18.78
N ASN B 321 25.40 17.83 18.70
CA ASN B 321 26.65 17.62 19.44
C ASN B 321 26.90 18.79 20.40
N TYR B 322 25.89 19.64 20.58
CA TYR B 322 26.01 20.81 21.44
C TYR B 322 24.65 21.13 22.07
N SER B 323 24.58 21.04 23.39
CA SER B 323 23.34 21.32 24.14
C SER B 323 23.58 22.48 25.11
N VAL B 324 22.54 23.27 25.35
CA VAL B 324 22.66 24.39 26.26
C VAL B 324 21.48 24.39 27.23
N MET B 325 21.77 24.34 28.50
CA MET B 325 20.74 24.37 29.53
C MET B 325 20.71 25.73 30.23
N ASP B 326 19.54 26.36 30.21
CA ASP B 326 19.32 27.65 30.86
C ASP B 326 18.55 27.42 32.15
N ILE B 327 18.84 28.25 33.15
CA ILE B 327 18.18 28.15 34.43
C ILE B 327 17.62 29.54 34.68
N CYS B 328 16.29 29.62 34.62
CA CYS B 328 15.60 30.90 34.70
C CYS B 328 14.76 31.19 35.94
N ASP B 329 14.93 32.39 36.48
CA ASP B 329 14.21 32.84 37.67
C ASP B 329 13.12 33.85 37.35
N TYR B 330 12.03 33.77 38.10
CA TYR B 330 10.93 34.69 37.90
C TYR B 330 11.29 36.01 38.58
N ASP B 331 11.10 37.11 37.87
CA ASP B 331 11.39 38.47 38.37
C ASP B 331 10.04 39.07 38.76
N GLU B 332 9.73 39.00 40.05
CA GLU B 332 8.46 39.49 40.58
C GLU B 332 8.18 40.97 40.35
N SER B 333 9.16 41.71 39.86
CA SER B 333 8.95 43.15 39.64
C SER B 333 8.71 43.47 38.17
N SER B 334 9.00 42.53 37.28
CA SER B 334 8.80 42.73 35.84
C SER B 334 7.91 41.65 35.27
N GLY B 335 7.54 40.69 36.10
CA GLY B 335 6.71 39.59 35.64
C GLY B 335 7.38 38.81 34.53
N ARG B 336 8.69 38.99 34.38
CA ARG B 336 9.44 38.30 33.33
C ARG B 336 10.31 37.17 33.88
N TRP B 337 10.92 36.42 32.97
CA TRP B 337 11.79 35.33 33.34
C TRP B 337 13.20 35.60 32.83
N ASN B 338 14.18 35.57 33.73
CA ASN B 338 15.55 35.84 33.34
C ASN B 338 16.47 34.66 33.60
N CYS B 339 17.29 34.37 32.60
CA CYS B 339 18.21 33.26 32.68
C CYS B 339 19.66 33.76 32.69
N LEU B 340 20.24 33.81 33.88
CA LEU B 340 21.63 34.28 34.05
C LEU B 340 22.58 33.38 33.30
N VAL B 341 23.39 33.97 32.44
CA VAL B 341 24.36 33.20 31.68
C VAL B 341 25.30 32.44 32.62
N ALA B 342 25.51 32.94 33.83
CA ALA B 342 26.38 32.25 34.79
C ALA B 342 25.75 30.94 35.26
N ARG B 343 24.45 30.76 34.94
CA ARG B 343 23.73 29.56 35.32
C ARG B 343 23.41 28.68 34.12
N GLN B 344 24.04 29.00 33.00
CA GLN B 344 23.86 28.27 31.75
C GLN B 344 24.89 27.16 31.74
N HIS B 345 24.47 25.95 31.36
CA HIS B 345 25.36 24.79 31.33
C HIS B 345 25.41 24.19 29.94
N ILE B 346 26.62 23.90 29.49
CA ILE B 346 26.81 23.37 28.15
C ILE B 346 27.36 21.94 28.09
N GLU B 347 26.92 21.20 27.08
CA GLU B 347 27.43 19.85 26.85
C GLU B 347 27.86 19.77 25.39
N MET B 348 28.97 19.07 25.15
CA MET B 348 29.51 18.92 23.82
C MET B 348 29.83 17.45 23.57
N SER B 349 29.63 17.04 22.33
CA SER B 349 29.88 15.66 21.97
C SER B 349 31.36 15.45 21.89
N THR B 350 31.78 14.25 22.23
CA THR B 350 33.18 13.89 22.18
C THR B 350 33.34 12.87 21.04
N THR B 351 33.18 11.59 21.39
CA THR B 351 33.32 10.52 20.42
C THR B 351 32.00 10.15 19.69
N GLY B 352 30.90 10.82 20.04
CA GLY B 352 29.64 10.51 19.39
C GLY B 352 28.58 11.57 19.57
N TRP B 353 27.39 11.18 19.99
CA TRP B 353 26.31 12.16 20.19
C TRP B 353 26.20 12.51 21.67
N VAL B 354 25.19 13.26 22.05
CA VAL B 354 25.00 13.66 23.44
C VAL B 354 23.91 12.85 24.12
N GLY B 355 24.28 12.13 25.20
CA GLY B 355 23.33 11.31 25.95
C GLY B 355 23.09 9.97 25.28
N ARG B 356 22.26 9.13 25.89
CA ARG B 356 21.94 7.83 25.29
C ARG B 356 21.00 8.04 24.11
N PHE B 357 19.85 8.64 24.36
CA PHE B 357 18.85 8.93 23.33
C PHE B 357 18.50 10.42 23.34
N ARG B 358 19.05 11.14 24.32
CA ARG B 358 18.85 12.58 24.45
C ARG B 358 19.71 13.10 25.60
N PRO B 359 19.97 14.44 25.64
CA PRO B 359 20.79 14.90 26.77
C PRO B 359 20.09 14.48 28.07
N SER B 360 20.85 14.10 29.08
CA SER B 360 20.29 13.62 30.35
C SER B 360 19.52 14.69 31.11
N GLU B 361 18.48 14.26 31.80
CA GLU B 361 17.63 15.16 32.57
C GLU B 361 18.26 15.53 33.91
N PRO B 362 17.96 16.74 34.38
CA PRO B 362 18.51 17.21 35.66
C PRO B 362 17.59 16.83 36.81
N HIS B 363 18.19 16.57 37.97
CA HIS B 363 17.47 16.23 39.19
C HIS B 363 17.94 17.27 40.21
N PHE B 364 17.07 18.23 40.49
CA PHE B 364 17.37 19.33 41.41
C PHE B 364 17.20 19.02 42.88
N THR B 365 18.13 19.49 43.70
CA THR B 365 17.97 19.33 45.13
C THR B 365 16.82 20.28 45.46
N LEU B 366 16.20 20.08 46.61
CA LEU B 366 15.06 20.87 47.05
C LEU B 366 15.16 22.39 46.91
N ASP B 367 16.22 22.99 47.43
CA ASP B 367 16.38 24.43 47.33
C ASP B 367 16.64 24.95 45.90
N GLY B 368 16.70 24.04 44.93
CA GLY B 368 16.95 24.45 43.55
C GLY B 368 18.31 25.09 43.27
N ASN B 369 19.27 24.95 44.18
CA ASN B 369 20.59 25.55 43.98
C ASN B 369 21.66 24.60 43.45
N SER B 370 21.29 23.35 43.22
CA SER B 370 22.19 22.36 42.68
C SER B 370 21.37 21.23 42.06
N PHE B 371 21.99 20.45 41.19
CA PHE B 371 21.29 19.34 40.55
C PHE B 371 22.25 18.22 40.15
N TYR B 372 21.70 17.06 39.83
CA TYR B 372 22.50 15.92 39.40
C TYR B 372 22.07 15.52 37.99
N LYS B 373 23.04 15.11 37.17
CA LYS B 373 22.81 14.64 35.80
C LYS B 373 23.73 13.46 35.57
N ILE B 374 23.28 12.51 34.75
CA ILE B 374 24.12 11.39 34.41
C ILE B 374 24.95 11.89 33.23
N ILE B 375 26.27 11.78 33.32
CA ILE B 375 27.12 12.25 32.24
C ILE B 375 28.26 11.27 32.05
N SER B 376 28.70 11.04 30.82
CA SER B 376 29.77 10.07 30.65
C SER B 376 31.05 10.75 31.10
N ASN B 377 31.83 10.03 31.91
CA ASN B 377 33.06 10.57 32.44
C ASN B 377 34.21 10.51 31.43
N GLU B 378 35.43 10.73 31.91
CA GLU B 378 36.58 10.74 31.01
C GLU B 378 36.87 9.39 30.38
N GLU B 379 36.45 8.31 31.05
CA GLU B 379 36.66 6.96 30.55
C GLU B 379 35.53 6.52 29.59
N GLY B 380 34.49 7.32 29.45
CA GLY B 380 33.39 6.95 28.57
C GLY B 380 32.23 6.21 29.26
N TYR B 381 32.23 6.14 30.59
CA TYR B 381 31.14 5.50 31.34
C TYR B 381 30.26 6.56 31.97
N ARG B 382 28.95 6.38 31.83
CA ARG B 382 27.97 7.32 32.34
C ARG B 382 27.76 7.21 33.86
N HIS B 383 28.03 8.31 34.55
CA HIS B 383 27.94 8.38 36.00
C HIS B 383 27.26 9.67 36.46
N ILE B 384 26.83 9.68 37.72
CA ILE B 384 26.16 10.84 38.26
C ILE B 384 27.13 11.96 38.56
N CYS B 385 26.82 13.16 38.05
CA CYS B 385 27.67 14.32 38.27
C CYS B 385 26.82 15.35 39.00
N TYR B 386 27.39 15.92 40.05
CA TYR B 386 26.72 16.90 40.88
C TYR B 386 27.13 18.31 40.48
N PHE B 387 26.15 19.13 40.11
CA PHE B 387 26.35 20.52 39.67
C PHE B 387 25.81 21.56 40.65
N GLN B 388 26.51 22.69 40.74
CA GLN B 388 26.08 23.84 41.54
C GLN B 388 25.47 24.65 40.38
N ILE B 389 24.29 25.27 40.54
CA ILE B 389 23.68 25.95 39.40
C ILE B 389 24.51 27.04 38.74
N ASP B 390 25.42 27.66 39.48
CA ASP B 390 26.22 28.73 38.89
C ASP B 390 27.71 28.39 38.72
N LYS B 391 28.04 27.11 38.67
CA LYS B 391 29.41 26.66 38.45
C LYS B 391 29.36 25.69 37.26
N LYS B 392 30.22 25.89 36.27
CA LYS B 392 30.19 25.03 35.09
C LYS B 392 30.75 23.63 35.26
N ASP B 393 31.70 23.45 36.18
CA ASP B 393 32.32 22.14 36.41
C ASP B 393 31.57 21.34 37.45
N CYS B 394 31.17 20.13 37.10
CA CYS B 394 30.45 19.29 38.04
C CYS B 394 31.39 18.33 38.72
N THR B 395 30.89 17.65 39.74
CA THR B 395 31.68 16.67 40.49
C THR B 395 31.05 15.29 40.38
N PHE B 396 31.80 14.32 39.86
CA PHE B 396 31.28 12.96 39.74
C PHE B 396 31.17 12.33 41.11
N ILE B 397 30.02 11.76 41.43
CA ILE B 397 29.87 11.14 42.71
C ILE B 397 29.89 9.62 42.60
N THR B 398 29.88 9.10 41.38
CA THR B 398 30.00 7.66 41.15
C THR B 398 31.05 7.51 40.06
N LYS B 399 31.65 6.32 39.98
CA LYS B 399 32.66 6.04 38.95
C LYS B 399 32.89 4.54 38.91
N GLY B 400 33.48 4.04 37.84
CA GLY B 400 33.74 2.62 37.71
C GLY B 400 33.49 2.15 36.29
N THR B 401 33.91 0.93 35.95
CA THR B 401 33.67 0.46 34.59
C THR B 401 32.31 -0.21 34.55
N TRP B 402 31.29 0.64 34.59
CA TRP B 402 29.88 0.23 34.57
C TRP B 402 29.12 1.54 34.49
N GLU B 403 27.80 1.48 34.32
CA GLU B 403 27.04 2.72 34.18
C GLU B 403 25.79 2.87 35.02
N VAL B 404 25.46 4.13 35.32
CA VAL B 404 24.25 4.46 36.06
C VAL B 404 23.16 4.47 34.96
N ILE B 405 22.06 3.77 35.23
CA ILE B 405 20.95 3.68 34.29
C ILE B 405 19.98 4.85 34.48
N GLY B 406 19.69 5.18 35.72
CA GLY B 406 18.80 6.30 35.98
C GLY B 406 18.84 6.74 37.45
N ILE B 407 18.45 7.98 37.69
CA ILE B 407 18.39 8.51 39.05
C ILE B 407 16.91 8.34 39.39
N GLU B 408 16.60 7.66 40.50
CA GLU B 408 15.21 7.38 40.87
C GLU B 408 14.55 8.25 41.92
N ALA B 409 15.34 8.77 42.85
CA ALA B 409 14.78 9.63 43.89
C ALA B 409 15.91 10.38 44.54
N LEU B 410 15.56 11.49 45.18
CA LEU B 410 16.55 12.34 45.85
C LEU B 410 15.93 12.91 47.10
N THR B 411 16.56 12.65 48.24
CA THR B 411 16.09 13.20 49.52
C THR B 411 17.20 14.08 50.04
N SER B 412 16.97 14.72 51.19
CA SER B 412 18.02 15.59 51.73
C SER B 412 19.27 14.81 52.08
N ASP B 413 19.13 13.53 52.43
CA ASP B 413 20.29 12.72 52.78
C ASP B 413 20.79 11.67 51.79
N TYR B 414 19.93 11.21 50.88
CA TYR B 414 20.33 10.18 49.93
C TYR B 414 19.85 10.35 48.50
N LEU B 415 20.63 9.83 47.55
CA LEU B 415 20.21 9.83 46.14
C LEU B 415 20.15 8.34 45.81
N TYR B 416 19.04 7.92 45.19
CA TYR B 416 18.80 6.52 44.83
C TYR B 416 18.89 6.39 43.31
N TYR B 417 19.63 5.39 42.83
CA TYR B 417 19.79 5.20 41.41
C TYR B 417 19.85 3.71 41.03
N ILE B 418 19.63 3.42 39.75
CA ILE B 418 19.70 2.06 39.26
C ILE B 418 20.98 1.98 38.46
N SER B 419 21.73 0.88 38.56
CA SER B 419 22.94 0.76 37.77
C SER B 419 23.20 -0.69 37.46
N ASN B 420 24.16 -0.94 36.56
CA ASN B 420 24.51 -2.33 36.24
C ASN B 420 25.87 -2.66 36.84
N GLU B 421 26.18 -2.06 37.98
CA GLU B 421 27.45 -2.34 38.62
C GLU B 421 27.56 -3.78 39.11
N TYR B 422 26.51 -4.30 39.71
CA TYR B 422 26.54 -5.63 40.29
C TYR B 422 27.17 -6.71 39.43
N LYS B 423 28.21 -7.34 39.97
CA LYS B 423 28.94 -8.41 39.29
C LYS B 423 29.35 -8.06 37.87
N GLY B 424 29.52 -6.78 37.58
CA GLY B 424 29.90 -6.37 36.24
C GLY B 424 29.03 -6.93 35.11
N MET B 425 27.74 -7.12 35.36
CA MET B 425 26.82 -7.63 34.33
C MET B 425 26.07 -6.44 33.73
N PRO B 426 26.46 -6.00 32.52
CA PRO B 426 25.79 -4.85 31.91
C PRO B 426 24.30 -5.06 31.66
N GLY B 427 23.89 -6.32 31.63
CA GLY B 427 22.50 -6.64 31.43
C GLY B 427 21.69 -6.84 32.71
N GLY B 428 22.28 -6.49 33.86
CA GLY B 428 21.57 -6.61 35.13
C GLY B 428 21.24 -5.21 35.63
N ARG B 429 20.31 -5.09 36.56
CA ARG B 429 19.90 -3.78 37.10
C ARG B 429 19.60 -3.84 38.58
N ASN B 430 20.24 -2.98 39.37
CA ASN B 430 19.95 -2.96 40.80
C ASN B 430 19.80 -1.55 41.34
N LEU B 431 19.08 -1.44 42.44
CA LEU B 431 18.85 -0.18 43.12
C LEU B 431 19.95 0.12 44.15
N TYR B 432 20.50 1.33 44.11
CA TYR B 432 21.55 1.72 45.05
C TYR B 432 21.17 3.03 45.72
N LYS B 433 21.78 3.26 46.88
CA LYS B 433 21.55 4.44 47.68
C LYS B 433 22.92 5.01 48.02
N ILE B 434 23.13 6.29 47.77
CA ILE B 434 24.42 6.87 48.09
C ILE B 434 24.25 8.02 49.09
N GLN B 435 25.04 7.98 50.16
CA GLN B 435 24.96 9.00 51.19
C GLN B 435 25.54 10.31 50.65
N LEU B 436 24.71 11.35 50.60
CA LEU B 436 25.15 12.63 50.06
C LEU B 436 26.25 13.30 50.88
N SER B 437 26.30 13.05 52.19
CA SER B 437 27.34 13.65 53.03
C SER B 437 28.64 12.83 53.05
N ASP B 438 28.66 11.68 52.38
CA ASP B 438 29.83 10.81 52.32
C ASP B 438 29.64 9.86 51.13
N TYR B 439 30.16 10.28 49.97
CA TYR B 439 30.02 9.51 48.74
C TYR B 439 30.60 8.11 48.80
N THR B 440 31.45 7.84 49.79
CA THR B 440 32.06 6.51 49.90
C THR B 440 31.05 5.56 50.51
N LYS B 441 29.92 6.08 50.96
CA LYS B 441 28.91 5.19 51.52
C LYS B 441 27.82 4.90 50.48
N VAL B 442 27.98 3.78 49.78
CA VAL B 442 27.04 3.36 48.74
C VAL B 442 26.50 1.99 49.12
N THR B 443 25.19 1.90 49.26
CA THR B 443 24.59 0.63 49.65
C THR B 443 23.74 0.09 48.51
N CYS B 444 23.90 -1.20 48.20
CA CYS B 444 23.05 -1.78 47.17
C CYS B 444 21.84 -2.30 47.93
N LEU B 445 20.67 -1.79 47.55
CA LEU B 445 19.42 -2.14 48.22
C LEU B 445 18.73 -3.40 47.72
N SER B 446 19.03 -3.79 46.49
CA SER B 446 18.37 -4.95 45.90
C SER B 446 19.26 -6.15 45.54
N CYS B 447 20.56 -5.92 45.35
CA CYS B 447 21.50 -6.95 44.93
C CYS B 447 21.37 -8.32 45.57
N GLU B 448 21.41 -8.34 46.89
CA GLU B 448 21.38 -9.56 47.68
C GLU B 448 20.01 -10.05 48.15
N LEU B 449 18.92 -9.40 47.76
CA LEU B 449 17.60 -9.84 48.22
C LEU B 449 17.32 -11.30 47.84
N ASN B 450 17.50 -11.62 46.57
CA ASN B 450 17.33 -12.98 46.07
C ASN B 450 18.12 -12.97 44.78
N PRO B 451 19.45 -13.03 44.90
CA PRO B 451 20.40 -13.00 43.80
C PRO B 451 20.21 -13.99 42.67
N GLU B 452 19.61 -15.14 42.97
CA GLU B 452 19.41 -16.13 41.93
C GLU B 452 18.14 -15.87 41.14
N ARG B 453 17.10 -15.45 41.83
CA ARG B 453 15.84 -15.18 41.17
C ARG B 453 15.77 -13.75 40.61
N CYS B 454 16.41 -12.82 41.30
CA CYS B 454 16.36 -11.42 40.91
C CYS B 454 17.66 -10.69 40.62
N GLN B 455 17.82 -10.31 39.35
CA GLN B 455 19.00 -9.59 38.90
C GLN B 455 18.64 -8.37 38.05
N TYR B 456 17.36 -8.13 37.84
CA TYR B 456 16.93 -6.99 37.03
C TYR B 456 15.81 -6.26 37.76
N TYR B 457 16.14 -5.10 38.33
CA TYR B 457 15.18 -4.34 39.11
C TYR B 457 14.79 -2.97 38.57
N SER B 458 13.56 -2.56 38.86
CA SER B 458 13.05 -1.22 38.56
C SER B 458 12.39 -0.87 39.91
N VAL B 459 12.22 0.42 40.20
CA VAL B 459 11.65 0.82 41.47
C VAL B 459 10.61 1.93 41.35
N SER B 460 9.76 2.05 42.38
CA SER B 460 8.73 3.09 42.46
C SER B 460 8.60 3.60 43.91
N PHE B 461 9.10 4.80 44.15
CA PHE B 461 9.06 5.42 45.46
C PHE B 461 7.74 6.15 45.73
N SER B 462 7.36 6.25 47.01
CA SER B 462 6.13 6.95 47.37
C SER B 462 6.44 8.45 47.22
N LYS B 463 5.45 9.32 47.39
CA LYS B 463 5.66 10.77 47.19
C LYS B 463 6.91 11.45 47.72
N GLU B 464 7.29 11.13 48.96
CA GLU B 464 8.50 11.73 49.55
C GLU B 464 9.56 10.65 49.80
N ALA B 465 9.47 9.58 49.01
CA ALA B 465 10.39 8.46 49.12
C ALA B 465 10.37 7.76 50.48
N LYS B 466 9.25 7.80 51.18
CA LYS B 466 9.14 7.14 52.49
C LYS B 466 9.11 5.60 52.33
N TYR B 467 8.58 5.12 51.21
CA TYR B 467 8.51 3.69 50.92
C TYR B 467 8.87 3.46 49.46
N TYR B 468 9.27 2.25 49.11
CA TYR B 468 9.51 1.96 47.71
C TYR B 468 9.12 0.53 47.36
N GLN B 469 8.56 0.38 46.17
CA GLN B 469 8.17 -0.93 45.66
C GLN B 469 9.27 -1.37 44.73
N LEU B 470 9.79 -2.58 44.94
CA LEU B 470 10.81 -3.10 44.07
C LEU B 470 10.15 -4.03 43.08
N ARG B 471 10.59 -3.93 41.84
CA ARG B 471 10.04 -4.73 40.77
C ARG B 471 11.14 -5.57 40.14
N CYS B 472 11.15 -6.84 40.51
CA CYS B 472 12.14 -7.77 39.99
C CYS B 472 11.57 -8.38 38.72
N SER B 473 12.29 -8.30 37.60
CA SER B 473 11.72 -8.86 36.38
C SER B 473 12.48 -10.06 35.80
N GLY B 474 13.49 -10.55 36.53
CA GLY B 474 14.26 -11.70 36.06
C GLY B 474 15.56 -11.90 36.83
N PRO B 475 16.31 -12.98 36.56
CA PRO B 475 16.03 -14.05 35.59
C PRO B 475 14.90 -15.02 35.95
N GLY B 476 14.45 -15.00 37.20
CA GLY B 476 13.37 -15.88 37.61
C GLY B 476 12.02 -15.22 37.36
N LEU B 477 10.95 -15.76 37.93
CA LEU B 477 9.63 -15.17 37.74
C LEU B 477 9.59 -13.80 38.44
N PRO B 478 8.87 -12.83 37.84
CA PRO B 478 8.75 -11.48 38.41
C PRO B 478 8.28 -11.53 39.84
N LEU B 479 8.91 -10.69 40.67
CA LEU B 479 8.61 -10.61 42.09
C LEU B 479 8.45 -9.16 42.50
N TYR B 480 7.34 -8.83 43.14
CA TYR B 480 7.10 -7.45 43.55
C TYR B 480 7.08 -7.35 45.07
N THR B 481 7.91 -6.47 45.61
CA THR B 481 7.99 -6.31 47.07
C THR B 481 7.90 -4.86 47.51
N LEU B 482 7.49 -4.62 48.76
CA LEU B 482 7.36 -3.26 49.29
C LEU B 482 8.37 -3.07 50.41
N HIS B 483 8.96 -1.89 50.46
CA HIS B 483 9.99 -1.59 51.42
C HIS B 483 9.83 -0.25 52.12
N SER B 484 10.39 -0.17 53.33
CA SER B 484 10.39 1.04 54.14
C SER B 484 11.74 1.73 53.94
N SER B 485 11.74 3.01 53.56
CA SER B 485 13.01 3.70 53.32
C SER B 485 13.77 4.07 54.59
N VAL B 486 13.03 4.24 55.69
CA VAL B 486 13.66 4.66 56.93
C VAL B 486 14.69 3.65 57.45
N ASN B 487 14.43 2.36 57.21
CA ASN B 487 15.32 1.30 57.67
C ASN B 487 15.65 0.29 56.57
N ASP B 488 15.20 0.59 55.35
CA ASP B 488 15.42 -0.29 54.20
C ASP B 488 15.00 -1.73 54.48
N LYS B 489 13.95 -1.89 55.29
CA LYS B 489 13.48 -3.22 55.62
C LYS B 489 12.33 -3.63 54.71
N GLY B 490 12.30 -4.91 54.36
CA GLY B 490 11.25 -5.43 53.51
C GLY B 490 9.98 -5.46 54.32
N LEU B 491 8.90 -4.89 53.78
CA LEU B 491 7.64 -4.89 54.52
C LEU B 491 6.84 -6.14 54.21
N ARG B 492 6.81 -6.54 52.94
CA ARG B 492 6.10 -7.74 52.53
C ARG B 492 6.15 -7.94 51.03
N VAL B 493 5.82 -9.15 50.60
CA VAL B 493 5.80 -9.52 49.20
C VAL B 493 4.42 -9.08 48.70
N LEU B 494 4.39 -8.42 47.55
CA LEU B 494 3.14 -7.93 46.98
C LEU B 494 2.60 -8.91 45.95
N GLU B 495 3.50 -9.49 45.17
CA GLU B 495 3.09 -10.47 44.14
C GLU B 495 4.32 -11.30 43.81
N ASP B 496 4.19 -12.62 43.95
CA ASP B 496 5.32 -13.50 43.69
C ASP B 496 5.16 -14.46 42.52
N ASN B 497 4.02 -14.38 41.86
CA ASN B 497 3.73 -15.23 40.71
C ASN B 497 3.76 -16.72 41.04
N SER B 498 3.34 -17.05 42.24
CA SER B 498 3.32 -18.45 42.67
C SER B 498 2.36 -19.24 41.77
N ALA B 499 1.22 -18.64 41.44
CA ALA B 499 0.24 -19.29 40.57
C ALA B 499 0.88 -19.71 39.26
N LEU B 500 1.52 -18.78 38.57
CA LEU B 500 2.18 -19.11 37.31
C LEU B 500 3.28 -20.15 37.51
N ASP B 501 4.02 -20.04 38.59
CA ASP B 501 5.09 -21.00 38.84
C ASP B 501 4.54 -22.42 38.93
N LYS B 502 3.36 -22.54 39.53
CA LYS B 502 2.73 -23.84 39.68
C LYS B 502 2.46 -24.38 38.29
N MET B 503 1.79 -23.58 37.46
CA MET B 503 1.46 -23.97 36.09
C MET B 503 2.67 -24.38 35.24
N LEU B 504 3.71 -23.54 35.25
CA LEU B 504 4.90 -23.82 34.47
C LEU B 504 5.67 -25.09 34.88
N GLN B 505 5.35 -25.61 36.05
CA GLN B 505 6.01 -26.82 36.52
C GLN B 505 5.62 -28.01 35.63
N ASN B 506 4.43 -27.93 35.04
CA ASN B 506 3.93 -29.00 34.18
C ASN B 506 4.29 -28.77 32.72
N VAL B 507 5.24 -27.88 32.47
CA VAL B 507 5.66 -27.57 31.10
C VAL B 507 7.18 -27.69 30.90
N GLN B 508 7.57 -28.27 29.78
CA GLN B 508 8.99 -28.39 29.45
C GLN B 508 9.49 -27.02 28.98
N MET B 509 9.70 -26.12 29.95
CA MET B 509 10.16 -24.78 29.65
C MET B 509 11.63 -24.74 29.22
N PRO B 510 11.98 -23.80 28.33
CA PRO B 510 13.36 -23.68 27.86
C PRO B 510 14.18 -22.98 28.93
N SER B 511 15.49 -23.01 28.80
CA SER B 511 16.33 -22.33 29.75
C SER B 511 16.99 -21.17 29.02
N LYS B 512 17.54 -20.24 29.78
CA LYS B 512 18.19 -19.07 29.20
C LYS B 512 19.61 -18.94 29.73
N LYS B 513 20.55 -18.77 28.81
CA LYS B 513 21.94 -18.62 29.19
C LYS B 513 22.39 -17.20 28.83
N LEU B 514 23.11 -16.56 29.73
CA LEU B 514 23.62 -15.20 29.52
C LEU B 514 25.11 -15.28 29.78
N ASP B 515 25.91 -14.89 28.79
CA ASP B 515 27.36 -14.98 28.93
C ASP B 515 27.99 -14.04 27.89
N PHE B 516 29.32 -14.08 27.78
CA PHE B 516 30.01 -13.22 26.84
C PHE B 516 31.10 -13.95 26.08
N ILE B 517 31.57 -13.32 25.01
CA ILE B 517 32.64 -13.85 24.21
C ILE B 517 33.59 -12.66 24.09
N ILE B 518 34.88 -12.94 23.98
CA ILE B 518 35.87 -11.87 23.88
C ILE B 518 36.30 -11.65 22.44
N LEU B 519 36.21 -10.42 21.96
CA LEU B 519 36.64 -10.07 20.61
C LEU B 519 37.51 -8.82 20.71
N ASN B 520 38.67 -8.84 20.06
CA ASN B 520 39.59 -7.70 20.09
C ASN B 520 39.84 -7.25 21.54
N GLU B 521 39.97 -8.23 22.44
CA GLU B 521 40.22 -8.00 23.86
C GLU B 521 39.09 -7.30 24.61
N THR B 522 37.91 -7.24 24.00
CA THR B 522 36.79 -6.61 24.67
C THR B 522 35.65 -7.62 24.67
N LYS B 523 34.92 -7.71 25.78
CA LYS B 523 33.85 -8.68 25.85
C LYS B 523 32.50 -8.15 25.38
N PHE B 524 31.81 -9.02 24.65
CA PHE B 524 30.49 -8.71 24.14
C PHE B 524 29.57 -9.79 24.63
N TRP B 525 28.46 -9.37 25.22
CA TRP B 525 27.48 -10.27 25.79
C TRP B 525 26.45 -10.83 24.81
N TYR B 526 25.92 -11.99 25.17
CA TYR B 526 24.93 -12.63 24.34
C TYR B 526 24.08 -13.49 25.26
N GLN B 527 22.90 -13.86 24.77
CA GLN B 527 22.05 -14.73 25.53
C GLN B 527 21.54 -15.78 24.57
N MET B 528 21.14 -16.92 25.11
CA MET B 528 20.60 -17.97 24.28
C MET B 528 19.41 -18.57 24.98
N ILE B 529 18.31 -18.74 24.25
CA ILE B 529 17.14 -19.38 24.80
C ILE B 529 17.37 -20.81 24.29
N LEU B 530 17.63 -21.72 25.23
CA LEU B 530 17.95 -23.11 24.91
C LEU B 530 16.76 -24.08 25.11
N PRO B 531 16.56 -25.02 24.16
CA PRO B 531 15.46 -25.99 24.25
C PRO B 531 15.55 -26.81 25.53
N PRO B 532 14.43 -27.37 25.97
CA PRO B 532 14.43 -28.19 27.18
C PRO B 532 15.44 -29.32 27.00
N HIS B 533 15.99 -29.82 28.09
CA HIS B 533 16.93 -30.94 27.98
C HIS B 533 18.01 -30.69 26.95
N PHE B 534 18.52 -29.47 26.92
CA PHE B 534 19.58 -29.10 25.98
C PHE B 534 20.78 -30.04 26.07
N ASP B 535 21.24 -30.53 24.92
CA ASP B 535 22.38 -31.43 24.89
C ASP B 535 23.46 -30.84 24.00
N LYS B 536 24.57 -30.45 24.62
CA LYS B 536 25.65 -29.84 23.84
C LYS B 536 26.37 -30.75 22.85
N SER B 537 26.02 -32.02 22.82
CA SER B 537 26.65 -32.96 21.89
C SER B 537 25.81 -33.01 20.61
N LYS B 538 24.71 -32.26 20.58
CA LYS B 538 23.84 -32.23 19.42
C LYS B 538 23.99 -30.94 18.61
N LYS B 539 23.49 -30.96 17.39
CA LYS B 539 23.56 -29.80 16.52
C LYS B 539 22.14 -29.26 16.40
N TYR B 540 21.87 -28.13 17.02
CA TYR B 540 20.52 -27.54 16.98
C TYR B 540 20.47 -26.44 15.94
N PRO B 541 19.29 -26.23 15.34
CA PRO B 541 19.23 -25.14 14.34
C PRO B 541 19.28 -23.86 15.19
N LEU B 542 19.78 -22.76 14.63
CA LEU B 542 19.86 -21.52 15.42
C LEU B 542 19.21 -20.30 14.77
N LEU B 543 18.41 -19.57 15.56
CA LEU B 543 17.75 -18.35 15.09
C LEU B 543 18.37 -17.15 15.82
N LEU B 544 18.98 -16.25 15.07
CA LEU B 544 19.58 -15.07 15.65
C LEU B 544 18.49 -13.99 15.73
N ASP B 545 18.07 -13.65 16.93
CA ASP B 545 17.02 -12.64 17.18
C ASP B 545 17.79 -11.31 17.34
N VAL B 546 17.65 -10.39 16.39
CA VAL B 546 18.42 -9.17 16.45
C VAL B 546 17.65 -7.85 16.45
N TYR B 547 18.25 -6.86 17.08
CA TYR B 547 17.73 -5.48 17.10
C TYR B 547 18.97 -4.66 16.72
N ALA B 548 19.92 -4.58 17.66
CA ALA B 548 21.21 -3.92 17.44
C ALA B 548 21.28 -2.43 17.10
N GLY B 549 20.24 -1.66 17.42
CA GLY B 549 20.29 -0.24 17.16
C GLY B 549 21.23 0.44 18.15
N PRO B 550 21.54 1.74 17.99
CA PRO B 550 22.43 2.46 18.90
C PRO B 550 21.89 2.47 20.34
N CYS B 551 22.75 2.08 21.26
CA CYS B 551 22.44 1.96 22.68
C CYS B 551 21.42 0.87 22.98
N SER B 552 21.29 -0.11 22.09
CA SER B 552 20.36 -1.21 22.34
C SER B 552 20.99 -2.25 23.30
N GLN B 553 20.16 -3.12 23.83
CA GLN B 553 20.60 -4.20 24.71
C GLN B 553 19.65 -5.36 24.52
N LYS B 554 20.14 -6.45 23.93
CA LYS B 554 19.30 -7.63 23.72
C LYS B 554 19.79 -8.84 24.56
N ALA B 555 20.82 -8.64 25.36
CA ALA B 555 21.33 -9.71 26.22
C ALA B 555 21.17 -9.16 27.64
N ASP B 556 20.18 -9.67 28.36
CA ASP B 556 19.92 -9.22 29.72
C ASP B 556 19.36 -10.35 30.59
N THR B 557 19.05 -10.02 31.84
CA THR B 557 18.57 -11.00 32.79
C THR B 557 17.06 -11.03 32.97
N VAL B 558 16.32 -10.39 32.06
CA VAL B 558 14.87 -10.34 32.15
C VAL B 558 14.19 -11.66 31.74
N PHE B 559 13.14 -12.04 32.48
CA PHE B 559 12.38 -13.26 32.19
C PHE B 559 11.29 -12.94 31.19
N ARG B 560 11.29 -13.62 30.04
CA ARG B 560 10.25 -13.37 29.05
C ARG B 560 9.53 -14.63 28.56
N LEU B 561 8.23 -14.49 28.29
CA LEU B 561 7.43 -15.57 27.74
C LEU B 561 7.05 -15.00 26.35
N ASN B 562 7.73 -15.46 25.31
CA ASN B 562 7.47 -14.92 23.99
C ASN B 562 7.58 -15.94 22.86
N TRP B 563 7.70 -15.45 21.62
CA TRP B 563 7.80 -16.34 20.48
C TRP B 563 9.02 -17.26 20.58
N ALA B 564 10.14 -16.71 21.04
CA ALA B 564 11.35 -17.50 21.19
C ALA B 564 11.13 -18.65 22.19
N THR B 565 10.30 -18.41 23.21
CA THR B 565 10.02 -19.45 24.22
C THR B 565 9.42 -20.68 23.53
N TYR B 566 8.46 -20.45 22.64
CA TYR B 566 7.83 -21.51 21.87
C TYR B 566 8.85 -22.14 20.91
N LEU B 567 9.60 -21.30 20.19
CA LEU B 567 10.57 -21.81 19.23
C LEU B 567 11.57 -22.75 19.93
N ALA B 568 12.03 -22.38 21.12
CA ALA B 568 12.97 -23.23 21.86
C ALA B 568 12.29 -24.45 22.47
N SER B 569 11.18 -24.22 23.17
CA SER B 569 10.47 -25.31 23.83
C SER B 569 9.81 -26.35 22.92
N THR B 570 9.03 -25.89 21.95
CA THR B 570 8.35 -26.80 21.04
C THR B 570 9.11 -27.19 19.78
N GLU B 571 9.82 -26.25 19.16
CA GLU B 571 10.53 -26.55 17.92
C GLU B 571 11.99 -26.91 18.09
N ASN B 572 12.48 -26.86 19.32
CA ASN B 572 13.87 -27.17 19.64
C ASN B 572 14.86 -26.31 18.88
N ILE B 573 14.53 -25.03 18.76
CA ILE B 573 15.40 -24.09 18.08
C ILE B 573 16.11 -23.23 19.13
N ILE B 574 17.42 -23.03 18.96
CA ILE B 574 18.14 -22.17 19.88
C ILE B 574 17.93 -20.72 19.41
N VAL B 575 17.37 -19.85 20.25
CA VAL B 575 17.18 -18.46 19.84
C VAL B 575 18.18 -17.58 20.57
N ALA B 576 19.09 -16.98 19.82
CA ALA B 576 20.15 -16.14 20.38
C ALA B 576 20.14 -14.65 20.03
N SER B 577 20.76 -13.85 20.88
CA SER B 577 20.86 -12.41 20.64
C SER B 577 22.24 -11.95 21.10
N PHE B 578 22.80 -11.00 20.37
CA PHE B 578 24.15 -10.53 20.64
C PHE B 578 24.18 -9.00 20.71
N ASP B 579 24.95 -8.47 21.66
CA ASP B 579 25.12 -7.01 21.82
C ASP B 579 26.56 -6.66 21.40
N GLY B 580 26.72 -6.26 20.14
CA GLY B 580 28.03 -5.92 19.61
C GLY B 580 28.28 -4.41 19.62
N ARG B 581 29.16 -3.95 18.74
CA ARG B 581 29.44 -2.54 18.70
C ARG B 581 28.16 -1.76 18.45
N GLY B 582 28.03 -0.63 19.14
CA GLY B 582 26.85 0.19 19.04
C GLY B 582 25.91 -0.08 20.23
N SER B 583 26.03 -1.24 20.89
CA SER B 583 25.11 -1.56 21.99
C SER B 583 25.33 -0.66 23.20
N GLY B 584 24.36 -0.61 24.09
CA GLY B 584 24.49 0.29 25.23
C GLY B 584 24.84 -0.21 26.60
N TYR B 585 24.94 0.73 27.54
CA TYR B 585 25.20 0.45 28.93
C TYR B 585 26.58 -0.15 29.26
N GLN B 586 27.51 -0.03 28.34
CA GLN B 586 28.86 -0.58 28.52
C GLN B 586 29.94 0.46 28.21
N GLY B 587 29.56 1.73 28.17
CA GLY B 587 30.54 2.77 27.88
C GLY B 587 30.51 3.28 26.44
N ASP B 588 31.06 4.47 26.25
CA ASP B 588 31.09 5.10 24.93
C ASP B 588 31.95 4.40 23.88
N LYS B 589 33.00 3.74 24.32
CA LYS B 589 33.89 3.04 23.40
C LYS B 589 33.06 2.09 22.52
N ILE B 590 32.18 1.34 23.15
CA ILE B 590 31.31 0.41 22.44
C ILE B 590 30.11 1.12 21.81
N MET B 591 29.40 1.94 22.59
CA MET B 591 28.22 2.59 22.05
C MET B 591 28.49 3.52 20.87
N HIS B 592 29.55 4.32 20.93
CA HIS B 592 29.84 5.23 19.83
C HIS B 592 30.60 4.63 18.65
N ALA B 593 30.84 3.31 18.68
CA ALA B 593 31.59 2.71 17.58
C ALA B 593 30.89 2.87 16.24
N ILE B 594 29.57 2.99 16.26
CA ILE B 594 28.85 3.16 14.99
C ILE B 594 28.46 4.59 14.69
N ASN B 595 29.04 5.55 15.39
CA ASN B 595 28.73 6.97 15.15
C ASN B 595 28.94 7.28 13.66
N ARG B 596 27.96 7.96 13.05
CA ARG B 596 28.00 8.34 11.63
C ARG B 596 28.19 7.15 10.69
N ARG B 597 28.11 5.95 11.23
CA ARG B 597 28.31 4.72 10.45
C ARG B 597 27.25 3.65 10.72
N LEU B 598 25.97 4.02 10.70
CA LEU B 598 24.93 3.02 10.94
C LEU B 598 25.01 2.02 9.77
N GLY B 599 24.68 0.76 10.02
CA GLY B 599 24.73 -0.19 8.94
C GLY B 599 26.10 -0.80 8.70
N THR B 600 27.02 -0.63 9.63
CA THR B 600 28.34 -1.23 9.46
C THR B 600 28.69 -2.21 10.56
N PHE B 601 29.39 -1.74 11.60
CA PHE B 601 29.81 -2.64 12.66
C PHE B 601 28.72 -3.44 13.37
N GLU B 602 27.56 -2.83 13.60
CA GLU B 602 26.52 -3.55 14.30
C GLU B 602 26.00 -4.69 13.42
N VAL B 603 26.12 -4.52 12.11
CA VAL B 603 25.69 -5.55 11.17
C VAL B 603 26.77 -6.65 11.14
N GLU B 604 28.01 -6.26 10.97
CA GLU B 604 29.10 -7.22 10.92
C GLU B 604 29.22 -8.07 12.21
N ASP B 605 29.07 -7.44 13.37
CA ASP B 605 29.22 -8.16 14.64
C ASP B 605 28.15 -9.23 14.82
N GLN B 606 27.02 -9.01 14.19
CA GLN B 606 25.92 -9.94 14.24
C GLN B 606 26.35 -11.18 13.44
N ILE B 607 27.01 -10.97 12.29
CA ILE B 607 27.47 -12.08 11.44
C ILE B 607 28.57 -12.84 12.20
N GLU B 608 29.50 -12.09 12.78
CA GLU B 608 30.59 -12.69 13.53
C GLU B 608 30.02 -13.46 14.73
N ALA B 609 28.91 -12.95 15.31
CA ALA B 609 28.30 -13.62 16.45
C ALA B 609 27.84 -15.01 16.04
N ALA B 610 27.21 -15.10 14.88
CA ALA B 610 26.73 -16.39 14.37
C ALA B 610 27.92 -17.34 14.17
N ARG B 611 29.02 -16.84 13.61
CA ARG B 611 30.19 -17.68 13.40
C ARG B 611 30.67 -18.21 14.75
N GLN B 612 30.76 -17.32 15.72
CA GLN B 612 31.21 -17.69 17.06
C GLN B 612 30.28 -18.74 17.66
N PHE B 613 28.98 -18.58 17.46
CA PHE B 613 28.04 -19.55 18.03
C PHE B 613 28.20 -20.93 17.40
N SER B 614 28.36 -20.99 16.09
CA SER B 614 28.54 -22.29 15.46
C SER B 614 29.82 -22.95 16.01
N LYS B 615 30.88 -22.17 16.17
CA LYS B 615 32.12 -22.71 16.71
C LYS B 615 31.94 -23.32 18.10
N MET B 616 30.81 -23.05 18.76
CA MET B 616 30.60 -23.62 20.10
C MET B 616 30.26 -25.10 19.98
N GLY B 617 30.01 -25.55 18.76
CA GLY B 617 29.76 -26.97 18.51
C GLY B 617 28.38 -27.60 18.64
N PHE B 618 27.39 -26.86 19.15
CA PHE B 618 26.05 -27.41 19.27
C PHE B 618 25.09 -26.76 18.27
N VAL B 619 25.66 -26.21 17.20
CA VAL B 619 24.84 -25.55 16.19
C VAL B 619 24.99 -26.18 14.83
N ASP B 620 23.86 -26.38 14.16
CA ASP B 620 23.85 -26.95 12.82
C ASP B 620 24.10 -25.80 11.83
N ASN B 621 25.32 -25.73 11.29
CA ASN B 621 25.68 -24.69 10.33
C ASN B 621 24.77 -24.54 9.12
N LYS B 622 24.07 -25.61 8.77
CA LYS B 622 23.19 -25.61 7.62
C LYS B 622 21.86 -24.97 7.94
N ARG B 623 21.61 -24.76 9.23
CA ARG B 623 20.35 -24.16 9.63
C ARG B 623 20.50 -22.98 10.57
N ILE B 624 21.06 -21.89 10.06
CA ILE B 624 21.20 -20.69 10.86
C ILE B 624 20.34 -19.62 10.20
N ALA B 625 19.39 -19.08 10.95
CA ALA B 625 18.49 -18.04 10.44
C ALA B 625 18.67 -16.76 11.24
N ILE B 626 18.02 -15.69 10.80
CA ILE B 626 18.13 -14.40 11.48
C ILE B 626 16.85 -13.59 11.31
N TRP B 627 16.38 -12.94 12.37
CA TRP B 627 15.18 -12.13 12.24
C TRP B 627 15.23 -10.93 13.17
N GLY B 628 14.45 -9.91 12.82
CA GLY B 628 14.39 -8.70 13.62
C GLY B 628 13.24 -7.80 13.19
N TRP B 629 12.87 -6.91 14.08
CA TRP B 629 11.78 -5.99 13.82
C TRP B 629 12.36 -4.57 13.93
N SER B 630 11.88 -3.66 13.08
CA SER B 630 12.32 -2.27 13.16
C SER B 630 13.81 -2.14 12.84
N TYR B 631 14.61 -1.61 13.75
CA TYR B 631 16.04 -1.51 13.48
C TYR B 631 16.50 -2.95 13.25
N GLY B 632 15.84 -3.89 13.94
CA GLY B 632 16.17 -5.31 13.80
C GLY B 632 15.89 -5.80 12.37
N GLY B 633 14.85 -5.26 11.75
CA GLY B 633 14.52 -5.61 10.37
C GLY B 633 15.61 -5.08 9.44
N TYR B 634 16.08 -3.86 9.68
CA TYR B 634 17.16 -3.28 8.91
C TYR B 634 18.42 -4.14 9.00
N VAL B 635 18.89 -4.41 10.22
CA VAL B 635 20.09 -5.24 10.41
C VAL B 635 19.92 -6.63 9.76
N THR B 636 18.76 -7.25 9.96
CA THR B 636 18.49 -8.56 9.36
C THR B 636 18.68 -8.51 7.84
N SER B 637 18.08 -7.50 7.21
CA SER B 637 18.18 -7.34 5.76
C SER B 637 19.62 -7.08 5.32
N MET B 638 20.32 -6.21 6.04
CA MET B 638 21.71 -5.92 5.71
C MET B 638 22.53 -7.20 5.81
N VAL B 639 22.26 -8.00 6.84
CA VAL B 639 22.99 -9.26 7.03
C VAL B 639 22.63 -10.23 5.90
N LEU B 640 21.34 -10.35 5.58
CA LEU B 640 20.93 -11.27 4.53
C LEU B 640 21.48 -10.86 3.17
N GLY B 641 21.76 -9.58 3.00
CA GLY B 641 22.29 -9.11 1.74
C GLY B 641 23.80 -8.89 1.73
N SER B 642 24.48 -9.37 2.78
CA SER B 642 25.92 -9.19 2.88
C SER B 642 26.77 -10.17 2.07
N GLY B 643 26.18 -11.28 1.63
CA GLY B 643 26.94 -12.27 0.89
C GLY B 643 27.83 -13.13 1.79
N SER B 644 27.59 -13.09 3.11
CA SER B 644 28.41 -13.84 4.07
C SER B 644 28.27 -15.35 3.99
N GLY B 645 27.13 -15.80 3.46
CA GLY B 645 26.87 -17.22 3.35
C GLY B 645 26.55 -17.92 4.67
N VAL B 646 26.61 -17.20 5.79
CA VAL B 646 26.36 -17.82 7.08
C VAL B 646 24.89 -18.19 7.36
N PHE B 647 23.98 -17.37 6.86
CA PHE B 647 22.54 -17.57 7.09
C PHE B 647 21.74 -18.18 5.93
N LYS B 648 20.88 -19.13 6.25
CA LYS B 648 20.06 -19.77 5.23
C LYS B 648 18.80 -18.95 4.87
N CYS B 649 18.18 -18.36 5.88
CA CYS B 649 16.98 -17.57 5.67
C CYS B 649 16.87 -16.46 6.72
N GLY B 650 15.98 -15.50 6.48
CA GLY B 650 15.81 -14.42 7.45
C GLY B 650 14.45 -13.75 7.28
N ILE B 651 14.01 -13.05 8.33
CA ILE B 651 12.73 -12.35 8.33
C ILE B 651 12.89 -10.90 8.80
N ALA B 652 12.49 -9.94 7.97
CA ALA B 652 12.58 -8.54 8.39
C ALA B 652 11.17 -8.02 8.57
N VAL B 653 10.87 -7.47 9.76
CA VAL B 653 9.55 -6.90 9.99
C VAL B 653 9.70 -5.39 10.15
N ALA B 654 8.87 -4.66 9.39
CA ALA B 654 8.88 -3.19 9.40
C ALA B 654 10.30 -2.64 9.43
N PRO B 655 11.12 -3.05 8.47
CA PRO B 655 12.50 -2.57 8.45
C PRO B 655 12.76 -1.17 7.90
N VAL B 656 13.82 -0.53 8.39
CA VAL B 656 14.26 0.72 7.80
C VAL B 656 15.05 0.14 6.61
N SER B 657 15.09 0.84 5.47
CA SER B 657 15.83 0.37 4.31
C SER B 657 16.84 1.40 3.80
N ARG B 658 16.61 2.68 4.09
CA ARG B 658 17.53 3.74 3.70
C ARG B 658 17.29 4.88 4.68
N TRP B 659 18.37 5.35 5.29
CA TRP B 659 18.23 6.37 6.32
C TRP B 659 17.57 7.69 5.91
N GLU B 660 17.66 8.07 4.64
CA GLU B 660 17.00 9.27 4.21
C GLU B 660 15.47 9.16 4.34
N TYR B 661 14.94 7.95 4.50
CA TYR B 661 13.48 7.81 4.67
C TYR B 661 13.04 7.94 6.15
N TYR B 662 13.99 7.84 7.08
CA TYR B 662 13.60 7.92 8.49
C TYR B 662 13.61 9.37 8.98
N ASP B 663 13.11 9.62 10.18
CA ASP B 663 13.03 11.01 10.64
C ASP B 663 14.34 11.73 11.00
N SER B 664 14.30 13.06 10.92
CA SER B 664 15.48 13.90 11.20
C SER B 664 16.12 13.74 12.59
N VAL B 665 15.32 13.88 13.64
CA VAL B 665 15.84 13.81 15.02
C VAL B 665 16.63 12.53 15.31
N TYR B 666 16.01 11.38 15.08
CA TYR B 666 16.70 10.13 15.34
C TYR B 666 17.88 9.90 14.38
N THR B 667 17.61 9.95 13.09
CA THR B 667 18.64 9.70 12.07
C THR B 667 19.85 10.62 12.12
N GLU B 668 19.61 11.93 12.16
CA GLU B 668 20.71 12.87 12.18
C GLU B 668 21.55 12.79 13.45
N ARG B 669 20.97 12.27 14.53
CA ARG B 669 21.74 12.16 15.76
C ARG B 669 22.93 11.23 15.57
N TYR B 670 22.71 10.16 14.83
CA TYR B 670 23.74 9.17 14.58
C TYR B 670 24.42 9.31 13.22
N MET B 671 23.71 9.89 12.26
CA MET B 671 24.22 9.99 10.90
C MET B 671 24.57 11.36 10.39
N GLY B 672 24.29 12.41 11.15
CA GLY B 672 24.58 13.74 10.68
C GLY B 672 23.63 14.05 9.51
N LEU B 673 24.03 14.94 8.60
CA LEU B 673 23.19 15.31 7.47
C LEU B 673 23.50 14.59 6.17
N PRO B 674 22.47 14.29 5.37
CA PRO B 674 22.67 13.60 4.10
C PRO B 674 23.11 14.57 2.98
N THR B 675 24.25 15.22 3.16
CA THR B 675 24.73 16.18 2.17
C THR B 675 26.18 15.87 1.84
N PRO B 676 26.60 16.20 0.61
CA PRO B 676 28.00 15.91 0.25
C PRO B 676 29.01 16.54 1.21
N GLU B 677 28.69 17.71 1.78
CA GLU B 677 29.65 18.32 2.69
C GLU B 677 29.64 17.65 4.06
N ASP B 678 28.75 16.69 4.28
CA ASP B 678 28.72 16.02 5.56
C ASP B 678 28.77 14.50 5.48
N ASN B 679 27.63 13.82 5.49
CA ASN B 679 27.70 12.37 5.49
C ASN B 679 26.90 11.64 4.42
N LEU B 680 26.56 12.33 3.34
CA LEU B 680 25.79 11.73 2.26
C LEU B 680 26.34 10.39 1.78
N ASP B 681 27.64 10.33 1.57
CA ASP B 681 28.22 9.08 1.10
C ASP B 681 27.84 7.89 1.96
N HIS B 682 27.90 8.02 3.29
CA HIS B 682 27.52 6.87 4.08
C HIS B 682 26.02 6.63 4.06
N TYR B 683 25.23 7.68 3.91
CA TYR B 683 23.77 7.53 3.83
C TYR B 683 23.45 6.66 2.62
N ARG B 684 24.13 6.91 1.51
CA ARG B 684 23.87 6.17 0.26
C ARG B 684 24.51 4.78 0.22
N ASN B 685 25.50 4.56 1.05
CA ASN B 685 26.21 3.30 1.11
C ASN B 685 25.61 2.28 2.10
N SER B 686 24.69 2.73 2.94
CA SER B 686 24.11 1.88 3.96
C SER B 686 22.67 1.44 3.72
N THR B 687 22.23 1.45 2.46
CA THR B 687 20.87 1.05 2.15
C THR B 687 20.76 -0.43 1.93
N VAL B 688 19.58 -0.98 2.21
CA VAL B 688 19.32 -2.38 1.98
C VAL B 688 19.28 -2.60 0.46
N MET B 689 18.64 -1.68 -0.26
CA MET B 689 18.50 -1.83 -1.71
C MET B 689 19.76 -2.12 -2.51
N SER B 690 20.87 -1.52 -2.11
CA SER B 690 22.13 -1.72 -2.82
C SER B 690 22.68 -3.14 -2.71
N ARG B 691 22.10 -3.96 -1.85
CA ARG B 691 22.58 -5.32 -1.65
C ARG B 691 21.61 -6.36 -2.21
N ALA B 692 20.65 -5.87 -2.99
CA ALA B 692 19.61 -6.72 -3.58
C ALA B 692 20.11 -8.00 -4.24
N GLU B 693 21.12 -7.85 -5.09
CA GLU B 693 21.67 -8.97 -5.81
C GLU B 693 22.12 -10.10 -4.88
N ASN B 694 22.63 -9.77 -3.70
CA ASN B 694 23.09 -10.82 -2.79
C ASN B 694 21.97 -11.62 -2.17
N PHE B 695 20.73 -11.12 -2.28
CA PHE B 695 19.59 -11.85 -1.72
C PHE B 695 19.28 -13.11 -2.51
N LYS B 696 19.93 -13.27 -3.66
CA LYS B 696 19.71 -14.47 -4.44
C LYS B 696 20.25 -15.70 -3.69
N GLN B 697 21.05 -15.46 -2.65
CA GLN B 697 21.68 -16.53 -1.87
C GLN B 697 20.88 -17.00 -0.64
N VAL B 698 19.78 -16.31 -0.32
CA VAL B 698 18.99 -16.65 0.86
C VAL B 698 17.46 -16.67 0.68
N GLU B 699 16.77 -17.19 1.68
CA GLU B 699 15.31 -17.21 1.70
C GLU B 699 14.95 -16.01 2.58
N TYR B 700 14.21 -15.07 2.01
CA TYR B 700 13.82 -13.84 2.69
C TYR B 700 12.31 -13.67 2.79
N LEU B 701 11.85 -13.21 3.96
CA LEU B 701 10.44 -12.94 4.18
C LEU B 701 10.39 -11.49 4.64
N LEU B 702 9.68 -10.65 3.89
CA LEU B 702 9.57 -9.21 4.20
C LEU B 702 8.12 -8.93 4.63
N ILE B 703 7.97 -8.21 5.74
CA ILE B 703 6.65 -7.94 6.31
C ILE B 703 6.54 -6.47 6.75
N HIS B 704 5.40 -5.84 6.49
CA HIS B 704 5.23 -4.43 6.88
C HIS B 704 3.74 -4.04 7.00
N GLY B 705 3.41 -3.19 7.98
CA GLY B 705 2.04 -2.77 8.11
C GLY B 705 1.86 -1.57 7.19
N THR B 706 0.75 -1.51 6.46
CA THR B 706 0.54 -0.41 5.52
C THR B 706 0.29 0.97 6.17
N ALA B 707 -0.14 0.99 7.42
CA ALA B 707 -0.39 2.28 8.09
C ALA B 707 0.69 2.61 9.09
N ASP B 708 1.92 2.16 8.79
CA ASP B 708 3.06 2.42 9.66
C ASP B 708 3.46 3.90 9.52
N ASP B 709 3.16 4.69 10.54
CA ASP B 709 3.45 6.12 10.55
C ASP B 709 4.89 6.39 10.94
N ASN B 710 5.56 5.38 11.50
CA ASN B 710 6.93 5.49 11.99
C ASN B 710 7.98 5.14 10.92
N VAL B 711 8.10 3.86 10.59
CA VAL B 711 9.00 3.39 9.51
C VAL B 711 7.96 3.21 8.39
N HIS B 712 7.92 4.16 7.45
CA HIS B 712 6.90 4.12 6.42
C HIS B 712 6.93 2.87 5.55
N PHE B 713 5.73 2.39 5.18
CA PHE B 713 5.61 1.21 4.33
C PHE B 713 6.54 1.41 3.14
N GLN B 714 6.76 2.68 2.79
CA GLN B 714 7.66 3.08 1.72
C GLN B 714 8.98 2.32 1.81
N GLN B 715 9.52 2.22 3.01
CA GLN B 715 10.81 1.55 3.22
C GLN B 715 10.81 0.11 2.66
N SER B 716 9.75 -0.65 2.93
CA SER B 716 9.70 -2.00 2.39
C SER B 716 9.27 -2.01 0.91
N ALA B 717 8.51 -1.01 0.48
CA ALA B 717 8.11 -0.92 -0.92
C ALA B 717 9.36 -0.75 -1.80
N GLN B 718 10.37 -0.04 -1.30
CA GLN B 718 11.61 0.13 -2.07
C GLN B 718 12.47 -1.13 -2.00
N ILE B 719 12.41 -1.88 -0.90
CA ILE B 719 13.18 -3.10 -0.83
C ILE B 719 12.61 -4.11 -1.84
N SER B 720 11.30 -4.30 -1.81
CA SER B 720 10.68 -5.27 -2.72
C SER B 720 10.91 -4.92 -4.19
N LYS B 721 10.85 -3.63 -4.52
CA LYS B 721 11.05 -3.25 -5.91
C LYS B 721 12.48 -3.50 -6.35
N ALA B 722 13.43 -3.28 -5.44
CA ALA B 722 14.84 -3.50 -5.76
C ALA B 722 15.08 -5.00 -6.00
N LEU B 723 14.41 -5.83 -5.20
CA LEU B 723 14.56 -7.30 -5.35
C LEU B 723 13.91 -7.71 -6.67
N VAL B 724 12.73 -7.20 -6.96
CA VAL B 724 12.08 -7.53 -8.22
C VAL B 724 13.00 -7.13 -9.40
N ASP B 725 13.61 -5.95 -9.31
CA ASP B 725 14.48 -5.45 -10.37
C ASP B 725 15.72 -6.28 -10.68
N VAL B 726 16.20 -7.07 -9.73
CA VAL B 726 17.37 -7.91 -10.00
C VAL B 726 16.93 -9.37 -10.10
N GLY B 727 15.62 -9.61 -10.15
CA GLY B 727 15.12 -10.96 -10.28
C GLY B 727 15.31 -11.90 -9.09
N VAL B 728 15.13 -11.36 -7.89
CA VAL B 728 15.25 -12.18 -6.69
C VAL B 728 13.87 -12.57 -6.18
N ASP B 729 13.65 -13.86 -5.96
CA ASP B 729 12.38 -14.31 -5.41
C ASP B 729 12.44 -14.22 -3.88
N PHE B 730 11.32 -13.87 -3.25
CA PHE B 730 11.26 -13.77 -1.78
C PHE B 730 9.81 -13.89 -1.33
N GLN B 731 9.59 -13.98 -0.04
CA GLN B 731 8.23 -14.08 0.49
C GLN B 731 7.84 -12.72 1.06
N ALA B 732 6.57 -12.37 0.98
CA ALA B 732 6.17 -11.09 1.50
C ALA B 732 4.82 -11.15 2.16
N MET B 733 4.56 -10.17 3.01
CA MET B 733 3.27 -10.06 3.66
C MET B 733 3.04 -8.61 4.09
N TRP B 734 1.93 -8.03 3.68
CA TRP B 734 1.61 -6.68 4.11
C TRP B 734 0.48 -6.85 5.12
N TYR B 735 0.37 -5.94 6.08
CA TYR B 735 -0.71 -6.03 7.05
C TYR B 735 -1.55 -4.76 6.94
N THR B 736 -2.70 -4.89 6.31
CA THR B 736 -3.60 -3.78 6.09
C THR B 736 -3.94 -3.02 7.35
N ASP B 737 -3.68 -1.72 7.31
CA ASP B 737 -3.97 -0.80 8.39
C ASP B 737 -3.26 -1.04 9.71
N GLU B 738 -2.18 -1.81 9.70
CA GLU B 738 -1.42 -2.05 10.94
C GLU B 738 -0.26 -1.04 10.95
N ASP B 739 0.17 -0.63 12.14
CA ASP B 739 1.28 0.31 12.19
C ASP B 739 2.59 -0.40 12.58
N HIS B 740 3.56 0.36 13.10
CA HIS B 740 4.86 -0.22 13.44
C HIS B 740 4.81 -1.33 14.50
N GLY B 741 3.74 -1.39 15.29
CA GLY B 741 3.64 -2.43 16.30
C GLY B 741 2.95 -3.70 15.82
N ILE B 742 2.19 -3.62 14.72
CA ILE B 742 1.45 -4.76 14.18
C ILE B 742 0.96 -5.49 15.43
N ALA B 743 0.28 -4.72 16.28
CA ALA B 743 -0.17 -5.20 17.56
C ALA B 743 -1.63 -5.47 17.73
N SER B 744 -2.46 -5.28 16.71
CA SER B 744 -3.87 -5.59 16.90
C SER B 744 -3.89 -7.10 17.21
N SER B 745 -4.87 -7.51 17.98
CA SER B 745 -5.03 -8.91 18.38
C SER B 745 -4.94 -9.90 17.21
N THR B 746 -5.76 -9.69 16.18
CA THR B 746 -5.76 -10.58 15.03
C THR B 746 -4.47 -10.56 14.22
N ALA B 747 -3.93 -9.36 13.96
CA ALA B 747 -2.70 -9.27 13.18
C ALA B 747 -1.52 -9.87 13.94
N HIS B 748 -1.46 -9.63 15.24
CA HIS B 748 -0.38 -10.17 16.06
C HIS B 748 -0.34 -11.69 15.94
N GLN B 749 -1.49 -12.33 16.04
CA GLN B 749 -1.52 -13.77 15.94
C GLN B 749 -1.18 -14.22 14.53
N HIS B 750 -1.65 -13.45 13.55
CA HIS B 750 -1.41 -13.81 12.16
C HIS B 750 0.06 -13.69 11.75
N ILE B 751 0.75 -12.64 12.17
CA ILE B 751 2.14 -12.51 11.77
C ILE B 751 3.02 -13.57 12.43
N TYR B 752 2.81 -13.85 13.71
CA TYR B 752 3.64 -14.88 14.34
C TYR B 752 3.33 -16.26 13.81
N THR B 753 2.09 -16.48 13.40
CA THR B 753 1.73 -17.77 12.83
C THR B 753 2.45 -17.85 11.47
N HIS B 754 2.38 -16.78 10.68
CA HIS B 754 3.03 -16.77 9.37
C HIS B 754 4.54 -16.97 9.49
N MET B 755 5.17 -16.27 10.43
CA MET B 755 6.62 -16.40 10.61
C MET B 755 7.00 -17.79 11.09
N SER B 756 6.14 -18.39 11.93
CA SER B 756 6.42 -19.74 12.43
C SER B 756 6.52 -20.74 11.28
N HIS B 757 5.58 -20.69 10.34
CA HIS B 757 5.65 -21.59 9.17
C HIS B 757 6.92 -21.36 8.37
N PHE B 758 7.28 -20.09 8.19
CA PHE B 758 8.47 -19.79 7.41
C PHE B 758 9.72 -20.38 8.06
N ILE B 759 9.86 -20.20 9.37
CA ILE B 759 11.03 -20.73 10.06
C ILE B 759 11.07 -22.26 10.04
N LYS B 760 9.96 -22.89 10.42
CA LYS B 760 9.92 -24.35 10.43
C LYS B 760 10.22 -24.90 9.04
N GLN B 761 9.69 -24.24 8.02
CA GLN B 761 9.93 -24.65 6.64
C GLN B 761 11.41 -24.53 6.31
N CYS B 762 12.02 -23.41 6.70
CA CYS B 762 13.43 -23.17 6.44
C CYS B 762 14.33 -24.20 7.15
N PHE B 763 13.90 -24.63 8.34
CA PHE B 763 14.69 -25.58 9.11
C PHE B 763 14.18 -26.99 8.89
N SER B 764 13.38 -27.19 7.85
CA SER B 764 12.83 -28.52 7.55
C SER B 764 12.23 -29.15 8.78
N LEU B 765 11.38 -28.41 9.49
CA LEU B 765 10.74 -28.90 10.70
C LEU B 765 9.26 -29.23 10.47
N PRO B 766 8.84 -30.48 10.78
CA PRO B 766 7.46 -30.95 10.61
C PRO B 766 6.48 -30.08 11.38
C1 NAG C . 3.68 -1.41 -58.45
C2 NAG C . 4.05 0.07 -58.12
C3 NAG C . 3.42 1.06 -59.13
C4 NAG C . 3.96 0.59 -60.46
C5 NAG C . 3.39 -0.78 -60.78
C6 NAG C . 3.81 -1.25 -62.18
C7 NAG C . 4.50 0.46 -55.78
C8 NAG C . 3.96 0.85 -54.41
N2 NAG C . 3.63 0.43 -56.78
O3 NAG C . 3.83 2.39 -58.84
O4 NAG C . 3.76 1.54 -61.54
O5 NAG C . 3.91 -1.74 -59.84
O6 NAG C . 3.00 -2.33 -62.63
O7 NAG C . 5.70 0.19 -55.91
C1 NDG C . 2.60 2.28 -61.68
C2 NDG C . 2.53 2.76 -63.13
C3 NDG C . 3.84 3.48 -63.49
C4 NDG C . 4.15 4.60 -62.46
C5 NDG C . 3.97 4.13 -61.00
C6 NDG C . 4.01 5.25 -59.97
C7 NDG C . 1.07 1.22 -64.30
C8 NDG C . 0.93 0.03 -65.25
O5 NDG C . 2.71 3.43 -60.83
O3 NDG C . 3.78 4.02 -64.80
O4 NDG C . 5.50 5.04 -62.66
O6 NDG C . 2.79 5.31 -59.23
O7 NDG C . 0.07 1.73 -63.82
N2 NDG C . 2.31 1.64 -64.03
C1 NAG D . 8.77 21.53 -25.15
C2 NAG D . 8.85 22.84 -25.98
C3 NAG D . 10.07 22.82 -26.89
C4 NAG D . 11.36 22.36 -26.18
C5 NAG D . 11.14 21.12 -25.29
C6 NAG D . 12.35 20.89 -24.38
C7 NAG D . 7.27 24.11 -27.32
C8 NAG D . 5.99 24.14 -28.13
N2 NAG D . 7.64 22.95 -26.78
O3 NAG D . 10.28 24.13 -27.42
O4 NAG D . 12.35 22.02 -27.18
O5 NAG D . 10.00 21.33 -24.42
O6 NAG D . 12.46 21.90 -23.39
O7 NAG D . 7.92 25.16 -27.19
C1 NAG D . 13.52 22.76 -27.22
C2 NAG D . 13.22 24.26 -27.16
C3 NAG D . 14.50 25.10 -27.06
C4 NAG D . 15.46 24.53 -25.98
C5 NAG D . 15.64 23.02 -26.17
C6 NAG D . 16.51 22.37 -25.11
C7 NAG D . 12.95 24.46 -29.57
C8 NAG D . 12.08 24.91 -30.74
N2 NAG D . 12.46 24.66 -28.34
O3 NAG D . 14.16 26.44 -26.75
O4 NAG D . 16.72 25.18 -26.05
O5 NAG D . 14.36 22.37 -26.12
O6 NAG D . 16.34 20.96 -25.11
O7 NAG D . 14.05 23.96 -29.78
C1 NAG E . -16.68 18.78 -47.15
C2 NAG E . -16.22 19.59 -48.36
C3 NAG E . -16.71 21.05 -48.24
C4 NAG E . -18.22 21.08 -47.95
C5 NAG E . -18.54 20.18 -46.74
C6 NAG E . -20.00 20.12 -46.40
C7 NAG E . -14.15 18.73 -49.23
C8 NAG E . -12.63 18.74 -49.22
N2 NAG E . -14.77 19.57 -48.41
O3 NAG E . -16.42 21.77 -49.42
O4 NAG E . -18.61 22.43 -47.66
O5 NAG E . -18.10 18.84 -47.01
O6 NAG E . -20.73 19.51 -47.45
O7 NAG E . -14.77 17.99 -50.00
C1 NAG E . -19.72 22.91 -48.33
C2 NAG E . -20.16 24.23 -47.66
C3 NAG E . -21.29 24.90 -48.46
C4 NAG E . -20.92 25.04 -49.94
C5 NAG E . -20.47 23.66 -50.49
C6 NAG E . -20.00 23.74 -51.93
C7 NAG E . -19.86 24.13 -45.26
C8 NAG E . -20.46 23.80 -43.91
N2 NAG E . -20.65 23.93 -46.32
O3 NAG E . -21.58 26.18 -47.92
O4 NAG E . -22.06 25.49 -50.67
O5 NAG E . -19.36 23.15 -49.70
O6 NAG E . -18.82 24.49 -52.05
O7 NAG E . -18.71 24.57 -45.34
C1 NAG F . -18.56 21.93 -14.27
C2 NAG F . -18.94 23.32 -14.82
C3 NAG F . -19.18 24.29 -13.68
C4 NAG F . -20.22 23.71 -12.72
C5 NAG F . -19.76 22.32 -12.25
C6 NAG F . -20.72 21.63 -11.31
C7 NAG F . -18.06 23.91 -16.99
C8 NAG F . -16.92 24.48 -17.81
N2 NAG F . -17.88 23.84 -15.67
O3 NAG F . -19.61 25.55 -14.20
O4 NAG F . -20.39 24.60 -11.60
O5 NAG F . -19.58 21.45 -13.39
O6 NAG F . -20.29 20.30 -11.03
O7 NAG F . -19.08 23.51 -17.54
C1 NDG F . -21.66 24.54 -11.03
C2 NDG F . -22.34 25.94 -10.94
C3 NDG F . -21.97 26.75 -9.67
C4 NDG F . -21.89 25.87 -8.44
C5 NDG F . -20.95 24.71 -8.75
C6 NDG F . -20.64 23.81 -7.58
C7 NDG F . -20.87 27.27 -12.32
C8 NDG F . -20.69 28.15 -13.56
O5 NDG F . -21.55 23.89 -9.75
O3 NDG F . -22.95 27.76 -9.47
O4 NDG F . -21.42 26.61 -7.32
O6 NDG F . -19.39 23.18 -7.78
O7 NDG F . -19.90 27.06 -11.58
N2 NDG F . -22.07 26.76 -12.11
C1 NAG G . -34.16 -1.64 -17.17
C2 NAG G . -35.65 -1.97 -17.20
C3 NAG G . -36.35 -1.26 -16.03
C4 NAG G . -35.66 -1.53 -14.66
C5 NAG G . -34.11 -1.36 -14.78
C6 NAG G . -33.33 -1.83 -13.55
C7 NAG G . -36.69 -2.40 -19.35
C8 NAG G . -37.26 -1.84 -20.65
N2 NAG G . -36.22 -1.52 -18.47
O3 NAG G . -37.72 -1.64 -15.97
O4 NAG G . -36.16 -0.56 -13.70
O5 NAG G . -33.58 -2.08 -15.92
O6 NAG G . -33.47 -3.23 -13.34
O7 NAG G . -36.68 -3.63 -19.16
C1 NAG G . -36.86 -0.99 -12.58
C2 NAG G . -38.18 -1.68 -12.98
C3 NAG G . -38.88 -2.22 -11.72
C4 NAG G . -37.94 -3.05 -10.85
C5 NAG G . -36.65 -2.26 -10.58
C6 NAG G . -35.60 -3.04 -9.78
C7 NAG G . -39.34 0.47 -13.16
C8 NAG G . -40.27 1.36 -13.96
N2 NAG G . -39.05 -0.74 -13.68
O3 NAG G . -40.00 -3.01 -12.10
O4 NAG G . -38.57 -3.36 -9.62
O5 NAG G . -36.04 -1.89 -11.83
O6 NAG G . -34.58 -2.18 -9.32
O7 NAG G . -38.88 0.87 -12.07
C1 NAG H . -5.40 0.97 58.02
C2 NAG H . -6.46 2.00 57.62
C3 NAG H . -6.39 3.22 58.56
C4 NAG H . -6.38 2.80 60.05
C5 NAG H . -5.35 1.71 60.28
C6 NAG H . -5.33 1.16 61.70
C7 NAG H . -6.96 1.89 55.26
C8 NAG H . -6.67 2.38 53.85
N2 NAG H . -6.24 2.42 56.25
O3 NAG H . -7.49 4.09 58.30
O4 NAG H . -6.04 3.94 60.86
O5 NAG H . -5.58 0.60 59.40
O6 NAG H . -6.31 0.13 61.88
O7 NAG H . -7.81 1.03 55.45
C1 NAG H . -7.04 4.82 61.26
C2 NAG H . -7.65 4.35 62.59
C3 NAG H . -8.62 5.41 63.15
C4 NAG H . -7.95 6.80 63.20
C5 NAG H . -7.36 7.13 61.82
C6 NAG H . -6.65 8.47 61.76
C7 NAG H . -8.06 2.01 63.08
C8 NAG H . -8.88 0.74 62.78
N2 NAG H . -8.37 3.09 62.39
O3 NAG H . -9.05 5.04 64.45
O4 NAG H . -8.88 7.79 63.58
O5 NAG H . -6.41 6.10 61.44
O6 NAG H . -5.56 8.52 62.66
O7 NAG H . -7.14 1.96 63.92
C1 NAG I . 3.30 28.82 44.86
C2 NAG I . 2.56 29.46 46.03
C3 NAG I . 2.30 30.95 45.72
C4 NAG I . 3.58 31.67 45.25
C5 NAG I . 4.23 30.86 44.12
C6 NAG I . 5.55 31.45 43.66
C7 NAG I . 1.03 28.02 47.20
C8 NAG I . -0.33 27.35 47.23
N2 NAG I . 1.29 28.79 46.16
O3 NAG I . 1.79 31.61 46.87
O4 NAG I . 3.23 32.98 44.75
O5 NAG I . 4.51 29.53 44.58
O6 NAG I . 6.47 31.46 44.73
O7 NAG I . 1.82 27.86 48.13
C1 NAG I . 3.88 34.06 45.33
C2 NAG I . 3.57 35.30 44.49
C3 NAG I . 4.07 36.58 45.18
C4 NAG I . 3.54 36.64 46.61
C5 NAG I . 3.92 35.36 47.35
C6 NAG I . 3.41 35.33 48.78
C7 NAG I . 3.46 34.89 42.13
C8 NAG I . 4.20 34.76 40.80
N2 NAG I . 4.20 35.16 43.19
O3 NAG I . 3.62 37.71 44.45
O4 NAG I . 4.07 37.77 47.27
O5 NAG I . 3.36 34.21 46.66
O6 NAG I . 4.17 34.44 49.58
O7 NAG I . 2.23 34.75 42.17
C1 NAG J . 4.42 29.43 11.82
C2 NAG J . 3.94 30.84 12.22
C3 NAG J . 3.49 31.57 10.96
C4 NAG J . 4.60 31.60 9.91
C5 NAG J . 5.17 30.20 9.67
C6 NAG J . 6.45 30.31 8.87
C7 NAG J . 2.98 31.02 14.42
C8 NAG J . 1.73 30.96 15.28
N2 NAG J . 2.81 30.77 13.13
O3 NAG J . 3.09 32.89 11.29
O4 NAG J . 4.03 32.06 8.69
O5 NAG J . 5.52 29.54 10.92
O6 NAG J . 6.72 29.11 8.16
O7 NAG J . 4.07 31.26 14.94
C1 NAG J . 4.52 33.24 8.16
C2 NAG J . 4.18 33.28 6.65
C3 NAG J . 4.55 34.67 6.07
C4 NAG J . 3.95 35.80 6.91
C5 NAG J . 4.33 35.61 8.39
C6 NAG J . 3.65 36.64 9.26
C7 NAG J . 4.35 31.06 5.72
C8 NAG J . 5.20 30.03 4.97
N2 NAG J . 4.92 32.24 5.96
O3 NAG J . 4.07 34.76 4.75
O4 NAG J . 4.43 37.05 6.44
O5 NAG J . 3.88 34.32 8.85
O6 NAG J . 2.25 36.42 9.28
O7 NAG J . 3.21 30.78 6.06
C1 NAG K . -5.02 37.26 24.25
C2 NAG K . -5.94 37.52 23.05
C3 NAG K . -5.33 36.98 21.77
C4 NAG K . -3.94 37.57 21.61
C5 NAG K . -3.10 37.24 22.84
C6 NAG K . -1.68 37.78 22.78
C7 NAG K . -8.26 37.74 23.51
C8 NAG K . -9.62 37.11 23.74
N2 NAG K . -7.24 36.94 23.27
O3 NAG K . -6.15 37.31 20.66
O4 NAG K . -3.32 37.03 20.43
O5 NAG K . -3.71 37.80 24.00
O6 NAG K . -1.66 39.10 22.27
O7 NAG K . -8.12 38.97 23.56
C1 NAG K . -3.11 37.95 19.41
C2 NAG K . -2.06 37.39 18.47
C3 NAG K . -1.84 38.40 17.32
C4 NAG K . -3.20 38.69 16.64
C5 NAG K . -4.24 39.14 17.67
C6 NAG K . -5.64 39.42 17.11
C7 NAG K . -0.64 35.87 19.70
C8 NAG K . 0.64 35.62 20.49
N2 NAG K . -0.84 37.10 19.21
O3 NAG K . -0.91 37.86 16.39
O4 NAG K . -3.04 39.68 15.65
O5 NAG K . -4.35 38.16 18.72
O6 NAG K . -6.47 38.26 17.13
O7 NAG K . -1.43 34.94 19.54
C1 NAG L . 17.65 0.29 -41.22
C2 NAG L . 18.49 -0.38 -42.34
C3 NAG L . 18.68 -1.89 -42.05
C4 NAG L . 19.20 -2.10 -40.63
C5 NAG L . 18.23 -1.44 -39.65
C6 NAG L . 18.65 -1.62 -38.18
C7 NAG L . 18.44 -0.31 -44.77
C8 NAG L . 17.61 -0.09 -46.04
N2 NAG L . 17.80 -0.21 -43.62
O3 NAG L . 19.62 -2.44 -42.96
O4 NAG L . 19.32 -3.49 -40.35
O5 NAG L . 18.19 -0.02 -39.92
O6 NAG L . 18.08 -0.59 -37.37
O7 NAG L . 19.65 -0.58 -44.88
C1 NAG M . -10.92 34.29 -26.77
C2 NAG M . -10.58 35.78 -26.63
C3 NAG M . -9.58 36.00 -25.49
C4 NAG M . -10.14 35.39 -24.20
C5 NAG M . -10.49 33.91 -24.44
C6 NAG M . -11.10 33.25 -23.22
C7 NAG M . -10.85 36.95 -28.71
C8 NAG M . -10.24 37.45 -30.01
N2 NAG M . -10.06 36.29 -27.88
O3 NAG M . -9.35 37.39 -25.31
O4 NAG M . -9.20 35.51 -23.14
O5 NAG M . -11.45 33.78 -25.53
O6 NAG M . -12.47 33.55 -23.10
O7 NAG M . -12.05 37.19 -28.47
C1 NAG N . -31.33 -25.45 -15.01
C2 NAG N . -31.98 -25.47 -13.60
C3 NAG N . -31.52 -24.28 -12.75
C4 NAG N . -29.97 -24.15 -12.77
C5 NAG N . -29.51 -24.11 -14.24
C6 NAG N . -28.01 -23.99 -14.40
C7 NAG N . -34.07 -24.51 -14.37
C8 NAG N . -35.59 -24.59 -14.45
N2 NAG N . -33.43 -25.48 -13.73
O3 NAG N . -31.97 -24.43 -11.41
O4 NAG N . -29.55 -22.98 -12.08
O5 NAG N . -29.91 -25.30 -14.91
O6 NAG N . -27.65 -24.04 -15.79
O7 NAG N . -33.50 -23.54 -14.88
NA NA O . -2.54 -16.73 -54.45
C2 524 P . -16.69 -1.20 -26.06
C4 524 P . -16.05 -1.06 -23.65
C5 524 P . -15.49 -2.33 -23.66
C1 524 P . -16.09 -2.54 -26.07
C3 524 P . -16.66 -0.50 -24.87
N6 524 P . -15.53 -3.07 -24.95
N7 524 P . -15.09 -4.21 -25.18
C8 524 P . -15.36 -4.44 -26.47
N9 524 P . -15.99 -3.42 -27.08
C14 524 P . -12.22 -3.73 -18.91
C15 524 P . -12.70 -3.41 -17.47
C16 524 P . -11.78 -3.90 -16.33
N17 524 P . -12.20 -4.65 -15.29
C18 524 P . -12.30 -5.31 -19.12
N19 524 P . -12.76 -1.98 -17.22
O20 524 P . -10.59 -3.56 -16.38
O21 524 P . -13.38 -5.83 -18.73
N22 524 P . -11.31 -6.11 -19.73
C23 524 P . -9.99 -5.73 -20.25
C27 524 P . -11.64 -7.56 -19.83
C31 524 P . -13.54 -5.17 -15.08
C32 524 P . -13.40 -5.94 -13.75
C33 524 P . -11.97 -5.82 -13.19
C34 524 P . -11.24 -4.96 -14.29
F41 524 P . -13.34 -7.28 -14.12
C43 524 P . -14.83 -3.03 -22.51
C44 524 P . -13.32 -2.72 -22.58
C45 524 P . -12.52 -3.41 -21.45
C46 524 P . -13.08 -3.05 -20.03
C47 524 P . -14.63 -3.35 -19.99
C48 524 P . -15.35 -2.59 -21.12
C1 NAG Q . -16.22 -6.01 41.93
C2 NAG Q . -16.78 -7.00 42.97
C3 NAG Q . -16.53 -8.46 42.54
C4 NAG Q . -16.91 -8.70 41.07
C5 NAG Q . -16.24 -7.65 40.20
C6 NAG Q . -16.54 -7.79 38.71
C7 NAG Q . -16.63 -7.20 45.39
C8 NAG Q . -15.86 -6.88 46.66
N2 NAG Q . -16.13 -6.76 44.24
O3 NAG Q . -17.26 -9.35 43.37
O4 NAG Q . -16.50 -10.00 40.68
O5 NAG Q . -16.67 -6.34 40.60
O6 NAG Q . -15.40 -7.43 37.93
O7 NAG Q . -17.68 -7.86 45.45
C1 NAG R . -19.87 14.67 23.57
C2 NAG R . -20.78 15.58 24.41
C3 NAG R . -22.17 14.95 24.68
C4 NAG R . -22.78 14.45 23.37
C5 NAG R . -21.78 13.49 22.69
C6 NAG R . -22.30 12.91 21.37
C7 NAG R . -19.66 17.11 25.89
C8 NAG R . -18.96 17.35 27.23
N2 NAG R . -20.11 15.88 25.66
O3 NAG R . -23.04 15.92 25.27
O4 NAG R . -24.02 13.79 23.60
O5 NAG R . -20.55 14.21 22.39
O6 NAG R . -22.45 13.91 20.37
O7 NAG R . -19.78 18.03 25.08
C1 NAG S . 30.03 19.22 16.47
C2 NAG S . 31.47 18.81 16.67
C3 NAG S . 32.20 19.12 15.34
C4 NAG S . 31.53 18.33 14.20
C5 NAG S . 29.99 18.57 14.17
C6 NAG S . 29.25 17.64 13.21
C7 NAG S . 32.31 18.92 18.95
C8 NAG S . 32.84 19.78 20.09
N2 NAG S . 32.01 19.55 17.80
O3 NAG S . 33.57 18.79 15.44
O4 NAG S . 32.10 18.67 12.94
O5 NAG S . 29.41 18.38 15.49
O6 NAG S . 29.00 16.38 13.80
O7 NAG S . 32.18 17.70 19.12
C2 524 T . 14.13 9.89 25.78
C4 524 T . 13.76 9.43 23.35
C5 524 T . 14.00 8.07 23.51
C1 524 T . 14.38 8.44 25.93
C3 524 T . 13.84 10.36 24.54
N6 524 T . 14.31 7.61 24.86
N7 524 T . 14.55 6.44 25.19
C8 524 T . 14.79 6.49 26.52
N9 524 T . 14.69 7.74 27.03
C14 524 T . 12.33 4.66 18.94
C15 524 T . 12.59 5.10 17.48
C16 524 T . 12.10 4.11 16.40
N17 524 T . 12.88 3.60 15.42
C18 524 T . 13.24 3.38 19.26
N19 524 T . 11.87 6.33 17.18
O20 524 T . 10.88 3.79 16.45
O21 524 T . 14.42 3.45 18.82
N22 524 T . 12.84 2.26 19.99
C23 524 T . 11.53 1.99 20.59
C27 524 T . 13.89 1.23 20.19
C31 524 T . 14.29 3.83 15.24
C32 524 T . 14.61 2.99 14.02
C33 524 T . 13.35 2.32 13.46
C34 524 T . 12.25 2.76 14.48
F41 524 T . 15.22 1.86 14.53
C43 524 T . 13.95 7.02 22.44
C44 524 T . 12.56 6.39 22.49
C45 524 T . 12.34 5.30 21.44
C46 524 T . 12.64 5.77 19.99
C47 524 T . 14.11 6.39 19.97
C48 524 T . 14.21 7.53 21.02
#